data_1HN6
#
_entry.id   1HN6
#
_entity_poly.entity_id   1
_entity_poly.type   'polypeptide(L)'
_entity_poly.pdbx_seq_one_letter_code
;EVENNFPCSLYKDEIMKEIERESKRIKLNDNDDEGNKKIIAPRIFISDDKDSLKCPCDPEMVSNSTCRFFVCKCVERRAE
VTSNNEVVVKEEYKDEYADIPEHKPTYDKM
;
_entity_poly.pdbx_strand_id   A
#
# COMPACT_ATOMS: atom_id res chain seq x y z
N GLU A 1 26.61 4.74 8.81
CA GLU A 1 25.39 5.49 9.19
C GLU A 1 24.16 4.58 9.13
N VAL A 2 23.17 4.87 9.97
CA VAL A 2 21.95 4.08 10.02
C VAL A 2 20.72 4.99 10.12
N GLU A 3 19.71 4.68 9.33
CA GLU A 3 18.47 5.46 9.32
C GLU A 3 17.66 5.13 10.58
N ASN A 4 16.98 6.13 11.11
CA ASN A 4 16.17 5.94 12.32
C ASN A 4 14.95 5.08 12.03
N ASN A 5 14.30 5.34 10.90
CA ASN A 5 13.12 4.57 10.52
C ASN A 5 13.53 3.32 9.75
N PHE A 6 13.49 2.18 10.43
CA PHE A 6 13.85 0.92 9.80
C PHE A 6 12.61 0.13 9.39
N PRO A 7 12.40 -0.03 8.07
CA PRO A 7 11.24 -0.76 7.54
C PRO A 7 11.22 -2.22 7.97
N CYS A 8 10.27 -2.55 8.83
CA CYS A 8 10.12 -3.90 9.37
C CYS A 8 9.81 -4.96 8.30
N SER A 9 8.73 -4.77 7.54
CA SER A 9 8.35 -5.74 6.51
C SER A 9 9.33 -5.76 5.34
N LEU A 10 9.86 -4.60 4.97
CA LEU A 10 10.81 -4.51 3.86
C LEU A 10 12.10 -5.25 4.17
N TYR A 11 12.41 -5.38 5.45
CA TYR A 11 13.62 -6.08 5.88
C TYR A 11 13.30 -7.55 6.17
N LYS A 12 12.02 -7.82 6.37
CA LYS A 12 11.56 -9.17 6.67
C LYS A 12 11.55 -10.05 5.40
N ASP A 13 11.02 -9.53 4.31
CA ASP A 13 10.95 -10.27 3.06
C ASP A 13 10.67 -9.34 1.89
N GLU A 14 10.50 -9.91 0.70
CA GLU A 14 10.21 -9.15 -0.51
C GLU A 14 8.89 -8.40 -0.35
N ILE A 15 8.68 -7.37 -1.16
CA ILE A 15 7.48 -6.58 -1.06
C ILE A 15 6.49 -6.88 -2.21
N MET A 16 5.23 -7.00 -1.81
CA MET A 16 4.11 -7.26 -2.71
C MET A 16 3.90 -6.13 -3.72
N LYS A 17 4.70 -5.07 -3.59
CA LYS A 17 4.58 -3.92 -4.46
C LYS A 17 5.03 -4.22 -5.90
N GLU A 18 5.61 -5.41 -6.11
CA GLU A 18 6.07 -5.84 -7.46
C GLU A 18 6.75 -4.70 -8.21
N ILE A 19 7.74 -4.09 -7.59
CA ILE A 19 8.42 -2.98 -8.22
C ILE A 19 9.90 -3.28 -8.49
N GLU A 20 10.38 -2.80 -9.64
CA GLU A 20 11.75 -3.03 -10.06
C GLU A 20 12.69 -1.91 -9.59
N ARG A 21 12.30 -0.65 -9.83
CA ARG A 21 13.14 0.48 -9.46
C ARG A 21 12.97 0.86 -7.99
N GLU A 22 12.32 2.00 -7.74
CA GLU A 22 12.12 2.47 -6.38
C GLU A 22 10.94 1.76 -5.71
N SER A 23 10.15 2.48 -4.94
CA SER A 23 9.01 1.89 -4.24
C SER A 23 7.66 2.27 -4.85
N LYS A 24 7.67 3.04 -5.92
CA LYS A 24 6.43 3.45 -6.56
C LYS A 24 5.95 2.37 -7.54
N ARG A 25 5.82 2.75 -8.80
CA ARG A 25 5.39 1.84 -9.87
C ARG A 25 5.39 2.63 -11.16
N ILE A 26 5.04 1.98 -12.27
CA ILE A 26 5.00 2.66 -13.54
C ILE A 26 3.84 3.66 -13.58
N LYS A 27 4.16 4.86 -14.03
CA LYS A 27 3.20 5.94 -14.12
C LYS A 27 2.03 5.56 -15.01
N LEU A 28 0.84 6.08 -14.69
CA LEU A 28 -0.35 5.79 -15.47
C LEU A 28 -0.34 6.60 -16.78
N ASN A 29 0.63 6.31 -17.62
CA ASN A 29 0.77 7.00 -18.90
C ASN A 29 -0.04 6.30 -19.97
N ASP A 30 -0.03 4.95 -19.92
CA ASP A 30 -0.74 4.11 -20.88
C ASP A 30 -0.05 4.11 -22.24
N ASN A 31 0.26 5.30 -22.74
CA ASN A 31 0.93 5.45 -24.01
C ASN A 31 2.35 5.97 -23.81
N ASP A 32 3.32 5.27 -24.37
CA ASP A 32 4.73 5.65 -24.25
C ASP A 32 5.59 4.86 -25.22
N ASP A 33 5.18 3.61 -25.47
CA ASP A 33 5.87 2.69 -26.39
C ASP A 33 7.40 2.74 -26.29
N GLU A 34 7.93 2.81 -25.08
CA GLU A 34 9.36 2.85 -24.87
C GLU A 34 9.92 1.42 -24.82
N GLY A 35 9.86 0.74 -25.96
CA GLY A 35 10.35 -0.61 -26.04
C GLY A 35 9.27 -1.64 -25.84
N ASN A 36 9.28 -2.29 -24.68
CA ASN A 36 8.29 -3.31 -24.36
C ASN A 36 7.66 -3.06 -23.00
N LYS A 37 8.38 -3.41 -21.95
CA LYS A 37 7.88 -3.22 -20.60
C LYS A 37 8.76 -2.26 -19.82
N LYS A 38 8.35 -1.00 -19.78
CA LYS A 38 9.07 0.02 -19.06
C LYS A 38 8.56 0.08 -17.64
N ILE A 39 9.44 -0.07 -16.68
CA ILE A 39 9.05 -0.04 -15.28
C ILE A 39 9.98 0.86 -14.47
N ILE A 40 9.53 2.08 -14.23
CA ILE A 40 10.31 3.05 -13.48
C ILE A 40 9.47 3.62 -12.35
N ALA A 41 9.95 3.44 -11.12
CA ALA A 41 9.24 3.94 -9.95
C ALA A 41 9.87 5.24 -9.46
N PRO A 42 9.11 6.35 -9.51
CA PRO A 42 9.62 7.65 -9.11
C PRO A 42 9.36 8.04 -7.65
N ARG A 43 8.74 7.18 -6.84
CA ARG A 43 8.48 7.57 -5.45
C ARG A 43 9.07 6.55 -4.47
N ILE A 44 9.55 7.07 -3.34
CA ILE A 44 10.14 6.25 -2.28
C ILE A 44 9.06 5.69 -1.36
N PHE A 45 9.43 4.70 -0.55
CA PHE A 45 8.50 4.07 0.37
C PHE A 45 8.13 5.00 1.51
N ILE A 46 6.99 4.73 2.11
CA ILE A 46 6.50 5.53 3.23
C ILE A 46 6.03 4.63 4.38
N SER A 47 5.76 3.37 4.06
CA SER A 47 5.31 2.42 5.05
C SER A 47 6.33 1.30 5.22
N ASP A 48 6.48 0.84 6.44
CA ASP A 48 7.41 -0.24 6.76
C ASP A 48 6.84 -1.55 6.21
N ASP A 49 5.55 -1.55 5.92
CA ASP A 49 4.86 -2.73 5.39
C ASP A 49 3.86 -2.31 4.33
N LYS A 50 3.91 -2.98 3.19
CA LYS A 50 2.98 -2.70 2.10
C LYS A 50 2.24 -3.97 1.68
N ASP A 51 2.54 -5.08 2.32
CA ASP A 51 1.94 -6.37 1.99
C ASP A 51 0.82 -6.76 2.96
N SER A 52 0.94 -6.33 4.21
CA SER A 52 -0.02 -6.64 5.25
C SER A 52 -1.40 -6.07 4.91
N LEU A 53 -1.40 -4.84 4.42
CA LEU A 53 -2.62 -4.15 4.04
C LEU A 53 -3.26 -4.80 2.82
N LYS A 54 -2.41 -5.36 1.95
CA LYS A 54 -2.84 -6.02 0.71
C LYS A 54 -3.64 -5.05 -0.17
N CYS A 55 -3.40 -3.76 0.02
CA CYS A 55 -4.09 -2.73 -0.76
C CYS A 55 -3.39 -1.40 -0.60
N PRO A 56 -2.77 -0.88 -1.66
CA PRO A 56 -2.05 0.37 -1.63
C PRO A 56 -2.94 1.58 -1.86
N CYS A 57 -4.21 1.51 -1.45
CA CYS A 57 -5.10 2.64 -1.63
C CYS A 57 -5.40 3.32 -0.29
N ASP A 58 -5.07 4.61 -0.23
CA ASP A 58 -5.25 5.43 0.97
C ASP A 58 -4.24 5.04 2.04
N PRO A 59 -3.42 5.99 2.49
CA PRO A 59 -2.38 5.76 3.47
C PRO A 59 -2.82 5.96 4.93
N GLU A 60 -3.32 4.89 5.55
CA GLU A 60 -3.71 4.93 6.96
C GLU A 60 -2.50 4.51 7.78
N MET A 61 -2.41 4.96 9.01
CA MET A 61 -1.25 4.62 9.82
C MET A 61 -1.56 3.61 10.91
N VAL A 62 -0.98 2.44 10.77
CA VAL A 62 -1.13 1.37 11.73
C VAL A 62 0.23 1.14 12.38
N SER A 63 0.34 1.47 13.66
CA SER A 63 1.60 1.34 14.38
C SER A 63 1.86 -0.08 14.86
N ASN A 64 0.79 -0.87 14.99
CA ASN A 64 0.90 -2.27 15.44
C ASN A 64 1.61 -2.34 16.79
N SER A 65 2.93 -2.52 16.73
CA SER A 65 3.74 -2.60 17.93
C SER A 65 4.80 -1.50 17.95
N THR A 66 5.46 -1.26 16.81
CA THR A 66 6.50 -0.23 16.74
C THR A 66 6.75 0.29 15.33
N CYS A 67 6.24 -0.38 14.32
CA CYS A 67 6.46 0.05 12.94
C CYS A 67 5.27 0.87 12.41
N ARG A 68 5.55 1.72 11.42
CA ARG A 68 4.53 2.55 10.82
C ARG A 68 4.09 1.94 9.49
N PHE A 69 2.91 1.35 9.49
CA PHE A 69 2.37 0.71 8.31
C PHE A 69 1.29 1.57 7.68
N PHE A 70 1.46 1.92 6.41
CA PHE A 70 0.43 2.69 5.72
C PHE A 70 -0.53 1.69 5.12
N VAL A 71 -1.65 1.51 5.81
CA VAL A 71 -2.66 0.52 5.43
C VAL A 71 -3.80 1.13 4.62
N CYS A 72 -4.40 0.27 3.80
CA CYS A 72 -5.53 0.62 2.93
C CYS A 72 -6.75 1.06 3.74
N LYS A 73 -7.43 2.11 3.27
CA LYS A 73 -8.61 2.61 3.96
C LYS A 73 -9.54 3.36 3.00
N CYS A 74 -9.35 3.17 1.69
CA CYS A 74 -10.19 3.83 0.71
C CYS A 74 -11.35 2.95 0.30
N VAL A 75 -11.38 1.72 0.83
CA VAL A 75 -12.44 0.78 0.55
C VAL A 75 -13.15 0.38 1.82
N GLU A 76 -14.47 0.54 1.84
CA GLU A 76 -15.28 0.20 3.01
C GLU A 76 -15.34 -1.32 3.17
N ARG A 77 -15.58 -2.00 2.06
CA ARG A 77 -15.66 -3.45 2.06
C ARG A 77 -15.21 -3.97 0.69
N ARG A 78 -16.09 -3.85 -0.30
CA ARG A 78 -15.78 -4.28 -1.64
C ARG A 78 -16.65 -3.54 -2.64
N ALA A 79 -16.03 -2.88 -3.59
CA ALA A 79 -16.75 -2.12 -4.60
C ALA A 79 -17.09 -3.00 -5.79
N GLU A 80 -18.26 -3.61 -5.74
CA GLU A 80 -18.73 -4.48 -6.81
C GLU A 80 -19.75 -3.76 -7.67
N VAL A 81 -19.66 -3.95 -8.98
CA VAL A 81 -20.58 -3.31 -9.91
C VAL A 81 -21.93 -4.01 -9.87
N THR A 82 -22.98 -3.25 -9.63
CA THR A 82 -24.32 -3.81 -9.56
C THR A 82 -24.78 -4.29 -10.94
N SER A 83 -25.26 -5.52 -10.99
CA SER A 83 -25.72 -6.10 -12.25
C SER A 83 -27.03 -6.84 -12.04
N ASN A 84 -27.77 -6.45 -11.02
CA ASN A 84 -29.06 -7.05 -10.71
C ASN A 84 -29.78 -6.24 -9.65
N ASN A 85 -30.82 -5.55 -10.06
CA ASN A 85 -31.61 -4.73 -9.15
C ASN A 85 -32.97 -5.37 -8.92
N GLU A 86 -33.75 -5.45 -9.98
CA GLU A 86 -35.08 -6.04 -9.92
C GLU A 86 -35.39 -6.77 -11.23
N VAL A 87 -34.45 -7.60 -11.67
CA VAL A 87 -34.63 -8.34 -12.90
C VAL A 87 -35.63 -9.47 -12.74
N VAL A 88 -36.57 -9.56 -13.68
CA VAL A 88 -37.58 -10.61 -13.65
C VAL A 88 -36.98 -11.94 -14.09
N VAL A 89 -37.25 -12.99 -13.32
CA VAL A 89 -36.73 -14.32 -13.62
C VAL A 89 -37.20 -14.80 -14.99
N LYS A 90 -36.26 -15.19 -15.82
CA LYS A 90 -36.56 -15.66 -17.16
C LYS A 90 -35.46 -16.61 -17.63
N GLU A 91 -35.70 -17.24 -18.76
CA GLU A 91 -34.73 -18.18 -19.33
C GLU A 91 -34.31 -17.69 -20.71
N GLU A 92 -33.00 -17.74 -20.97
CA GLU A 92 -32.47 -17.31 -22.25
C GLU A 92 -32.69 -18.40 -23.29
N TYR A 93 -33.39 -18.07 -24.36
CA TYR A 93 -33.67 -19.02 -25.42
C TYR A 93 -32.39 -19.51 -26.09
N LYS A 94 -32.40 -20.76 -26.51
CA LYS A 94 -31.25 -21.35 -27.17
C LYS A 94 -31.07 -20.78 -28.57
N ASP A 95 -29.83 -20.44 -28.90
CA ASP A 95 -29.51 -19.87 -30.20
C ASP A 95 -29.77 -20.86 -31.32
N GLU A 96 -29.17 -22.03 -31.22
CA GLU A 96 -29.32 -23.07 -32.22
C GLU A 96 -29.13 -24.44 -31.58
N TYR A 97 -29.19 -25.49 -32.39
CA TYR A 97 -29.02 -26.84 -31.89
C TYR A 97 -28.23 -27.67 -32.90
N ALA A 98 -27.51 -28.67 -32.40
CA ALA A 98 -26.70 -29.54 -33.25
C ALA A 98 -27.56 -30.68 -33.81
N ASP A 99 -28.71 -30.31 -34.37
CA ASP A 99 -29.63 -31.28 -34.95
C ASP A 99 -30.54 -30.60 -35.95
N ILE A 100 -31.24 -31.40 -36.74
CA ILE A 100 -32.16 -30.88 -37.74
C ILE A 100 -33.61 -31.12 -37.29
N PRO A 101 -34.32 -30.04 -36.92
CA PRO A 101 -35.70 -30.12 -36.45
C PRO A 101 -36.70 -30.46 -37.55
N GLU A 102 -36.57 -29.82 -38.71
CA GLU A 102 -37.49 -30.08 -39.82
C GLU A 102 -36.85 -29.65 -41.14
N HIS A 103 -37.68 -29.58 -42.19
CA HIS A 103 -37.22 -29.18 -43.51
C HIS A 103 -36.78 -27.73 -43.53
N LYS A 104 -37.66 -26.86 -43.00
CA LYS A 104 -37.41 -25.41 -42.93
C LYS A 104 -37.45 -24.79 -44.33
N PRO A 105 -37.63 -23.45 -44.41
CA PRO A 105 -37.69 -22.75 -45.67
C PRO A 105 -36.31 -22.24 -46.11
N THR A 106 -36.26 -20.98 -46.52
CA THR A 106 -35.01 -20.38 -46.97
C THR A 106 -34.30 -19.71 -45.79
N TYR A 107 -33.34 -18.82 -46.08
CA TYR A 107 -32.59 -18.11 -45.06
C TYR A 107 -33.50 -17.29 -44.16
N ASP A 108 -33.83 -17.85 -42.99
CA ASP A 108 -34.70 -17.17 -42.03
C ASP A 108 -33.88 -16.46 -40.96
N LYS A 109 -34.37 -16.50 -39.71
CA LYS A 109 -33.70 -15.89 -38.56
C LYS A 109 -33.82 -14.36 -38.59
N MET A 110 -33.22 -13.74 -39.58
CA MET A 110 -33.26 -12.28 -39.71
C MET A 110 -33.96 -11.90 -41.01
N GLU A 1 21.54 4.96 3.07
CA GLU A 1 20.60 6.10 2.93
C GLU A 1 19.19 5.61 2.65
N VAL A 2 18.33 5.65 3.67
CA VAL A 2 16.94 5.23 3.52
C VAL A 2 16.02 6.14 4.33
N GLU A 3 15.45 5.58 5.39
CA GLU A 3 14.56 6.33 6.26
C GLU A 3 15.14 6.35 7.67
N ASN A 4 14.75 7.33 8.47
CA ASN A 4 15.22 7.45 9.84
C ASN A 4 14.41 6.54 10.77
N ASN A 5 14.14 5.34 10.29
CA ASN A 5 13.38 4.34 11.01
C ASN A 5 13.68 2.97 10.40
N PHE A 6 13.71 1.94 11.23
CA PHE A 6 13.98 0.60 10.74
C PHE A 6 12.73 0.01 10.12
N PRO A 7 12.87 -0.65 8.94
CA PRO A 7 11.75 -1.26 8.25
C PRO A 7 11.32 -2.58 8.88
N CYS A 8 10.03 -2.80 8.97
CA CYS A 8 9.49 -4.01 9.56
C CYS A 8 9.28 -5.11 8.51
N SER A 9 8.31 -4.92 7.61
CA SER A 9 8.05 -5.91 6.57
C SER A 9 9.06 -5.78 5.43
N LEU A 10 9.59 -4.58 5.25
CA LEU A 10 10.57 -4.33 4.20
C LEU A 10 11.92 -4.96 4.56
N TYR A 11 12.17 -5.13 5.85
CA TYR A 11 13.41 -5.76 6.31
C TYR A 11 13.19 -7.24 6.50
N LYS A 12 11.92 -7.62 6.64
CA LYS A 12 11.55 -9.01 6.83
C LYS A 12 11.91 -9.83 5.59
N ASP A 13 11.59 -9.30 4.42
CA ASP A 13 11.89 -9.96 3.16
C ASP A 13 11.67 -9.00 1.99
N GLU A 14 11.84 -9.51 0.78
CA GLU A 14 11.67 -8.72 -0.43
C GLU A 14 10.23 -8.21 -0.51
N ILE A 15 10.07 -6.96 -0.92
CA ILE A 15 8.76 -6.37 -1.01
C ILE A 15 8.25 -6.33 -2.44
N MET A 16 7.00 -6.76 -2.60
CA MET A 16 6.33 -6.81 -3.90
C MET A 16 6.00 -5.40 -4.40
N LYS A 17 6.25 -4.41 -3.56
CA LYS A 17 5.99 -3.02 -3.89
C LYS A 17 7.02 -2.52 -4.91
N GLU A 18 8.15 -3.21 -4.96
CA GLU A 18 9.21 -2.85 -5.87
C GLU A 18 8.98 -3.49 -7.23
N ILE A 19 9.20 -4.79 -7.28
CA ILE A 19 9.05 -5.57 -8.50
C ILE A 19 9.61 -6.98 -8.22
N GLU A 20 10.15 -7.63 -9.23
CA GLU A 20 10.72 -8.95 -9.08
C GLU A 20 11.93 -8.91 -8.15
N ARG A 21 12.83 -7.94 -8.37
CA ARG A 21 14.01 -7.84 -7.51
C ARG A 21 14.14 -6.46 -6.88
N GLU A 22 14.69 -6.41 -5.67
CA GLU A 22 14.89 -5.14 -4.98
C GLU A 22 15.95 -4.35 -5.73
N SER A 23 15.50 -3.34 -6.46
CA SER A 23 16.42 -2.54 -7.26
C SER A 23 16.64 -1.15 -6.66
N LYS A 24 16.03 -0.87 -5.52
CA LYS A 24 16.18 0.43 -4.88
C LYS A 24 17.63 0.63 -4.40
N ARG A 25 18.35 -0.47 -4.22
CA ARG A 25 19.74 -0.41 -3.75
C ARG A 25 20.75 -0.42 -4.91
N ILE A 26 20.27 -0.61 -6.14
CA ILE A 26 21.18 -0.62 -7.29
C ILE A 26 20.80 0.46 -8.31
N LYS A 27 21.79 1.21 -8.75
CA LYS A 27 21.55 2.29 -9.70
C LYS A 27 21.88 1.84 -11.13
N LEU A 28 22.58 0.72 -11.26
CA LEU A 28 22.94 0.19 -12.56
C LEU A 28 21.93 -0.85 -13.02
N ASN A 29 20.81 -0.38 -13.54
CA ASN A 29 19.75 -1.27 -14.01
C ASN A 29 19.54 -1.16 -15.51
N ASP A 30 19.59 0.08 -16.00
CA ASP A 30 19.41 0.38 -17.41
C ASP A 30 18.01 -0.02 -17.89
N ASN A 31 17.92 -0.59 -19.09
CA ASN A 31 16.63 -1.00 -19.65
C ASN A 31 16.73 -2.35 -20.34
N ASP A 32 15.81 -2.63 -21.26
CA ASP A 32 15.79 -3.89 -21.98
C ASP A 32 16.91 -3.95 -23.01
N ASP A 33 17.65 -5.04 -22.99
CA ASP A 33 18.77 -5.23 -23.91
C ASP A 33 18.72 -6.62 -24.54
N GLU A 34 18.05 -7.54 -23.87
CA GLU A 34 17.91 -8.91 -24.34
C GLU A 34 16.79 -9.05 -25.37
N GLY A 35 16.22 -7.93 -25.78
CA GLY A 35 15.15 -7.97 -26.76
C GLY A 35 13.79 -8.09 -26.09
N ASN A 36 13.68 -9.05 -25.18
CA ASN A 36 12.44 -9.28 -24.45
C ASN A 36 12.17 -8.12 -23.50
N LYS A 37 10.90 -7.80 -23.29
CA LYS A 37 10.49 -6.71 -22.42
C LYS A 37 10.65 -7.09 -20.95
N LYS A 38 11.89 -7.32 -20.56
CA LYS A 38 12.21 -7.69 -19.18
C LYS A 38 12.92 -6.53 -18.52
N ILE A 39 12.22 -5.82 -17.65
CA ILE A 39 12.79 -4.67 -16.97
C ILE A 39 12.55 -4.75 -15.46
N ILE A 40 13.58 -4.45 -14.70
CA ILE A 40 13.49 -4.47 -13.25
C ILE A 40 12.99 -3.09 -12.76
N ALA A 41 12.44 -3.02 -11.55
CA ALA A 41 11.91 -1.73 -11.09
C ALA A 41 12.54 -1.23 -9.79
N PRO A 42 13.33 -0.15 -9.88
CA PRO A 42 13.98 0.47 -8.74
C PRO A 42 13.09 1.56 -8.13
N ARG A 43 12.35 1.20 -7.09
CA ARG A 43 11.46 2.15 -6.44
C ARG A 43 11.67 2.14 -4.94
N ILE A 44 11.50 3.29 -4.31
CA ILE A 44 11.67 3.42 -2.86
C ILE A 44 10.36 3.02 -2.14
N PHE A 45 10.44 2.77 -0.84
CA PHE A 45 9.27 2.38 -0.07
C PHE A 45 8.93 3.43 0.98
N ILE A 46 7.69 3.44 1.41
CA ILE A 46 7.21 4.39 2.42
C ILE A 46 6.47 3.66 3.54
N SER A 47 5.67 2.66 3.18
CA SER A 47 4.92 1.89 4.14
C SER A 47 5.75 0.72 4.64
N ASP A 48 5.80 0.57 5.95
CA ASP A 48 6.54 -0.51 6.59
C ASP A 48 6.02 -1.87 6.16
N ASP A 49 4.73 -1.92 5.83
CA ASP A 49 4.10 -3.15 5.39
C ASP A 49 3.21 -2.88 4.19
N LYS A 50 3.22 -3.81 3.25
CA LYS A 50 2.41 -3.68 2.05
C LYS A 50 1.46 -4.86 1.85
N ASP A 51 1.83 -6.01 2.39
CA ASP A 51 1.02 -7.23 2.24
C ASP A 51 -0.11 -7.32 3.27
N SER A 52 0.03 -6.60 4.37
CA SER A 52 -0.98 -6.60 5.41
C SER A 52 -2.25 -5.94 4.91
N LEU A 53 -2.08 -4.78 4.29
CA LEU A 53 -3.21 -4.03 3.75
C LEU A 53 -3.57 -4.50 2.35
N LYS A 54 -2.55 -4.90 1.58
CA LYS A 54 -2.72 -5.38 0.21
C LYS A 54 -3.37 -4.32 -0.69
N CYS A 55 -3.26 -3.07 -0.27
CA CYS A 55 -3.83 -1.96 -1.02
C CYS A 55 -3.23 -0.66 -0.52
N PRO A 56 -2.44 0.02 -1.37
CA PRO A 56 -1.78 1.27 -1.00
C PRO A 56 -2.65 2.51 -1.16
N CYS A 57 -3.95 2.37 -0.95
CA CYS A 57 -4.84 3.52 -1.08
C CYS A 57 -5.13 4.13 0.28
N ASP A 58 -5.31 5.45 0.31
CA ASP A 58 -5.64 6.20 1.52
C ASP A 58 -4.49 6.21 2.53
N PRO A 59 -4.44 7.24 3.40
CA PRO A 59 -3.39 7.41 4.38
C PRO A 59 -3.76 6.94 5.79
N GLU A 60 -3.91 5.64 5.98
CA GLU A 60 -4.20 5.10 7.30
C GLU A 60 -2.87 4.75 7.95
N MET A 61 -2.78 4.74 9.26
CA MET A 61 -1.50 4.43 9.89
C MET A 61 -1.59 3.37 10.96
N VAL A 62 -0.82 2.30 10.79
CA VAL A 62 -0.78 1.22 11.76
C VAL A 62 0.67 1.10 12.25
N SER A 63 0.86 1.10 13.55
CA SER A 63 2.20 1.04 14.13
C SER A 63 2.52 -0.35 14.67
N ASN A 64 1.49 -1.06 15.15
CA ASN A 64 1.65 -2.40 15.72
C ASN A 64 2.51 -2.33 16.97
N SER A 65 3.82 -2.50 16.79
CA SER A 65 4.77 -2.46 17.89
C SER A 65 5.72 -1.26 17.73
N THR A 66 6.50 -1.26 16.65
CA THR A 66 7.47 -0.20 16.40
C THR A 66 7.51 0.22 14.93
N CYS A 67 6.72 -0.46 14.10
CA CYS A 67 6.68 -0.17 12.68
C CYS A 67 5.65 0.92 12.37
N ARG A 68 5.74 1.48 11.17
CA ARG A 68 4.84 2.54 10.75
C ARG A 68 4.53 2.43 9.26
N PHE A 69 3.27 2.19 8.92
CA PHE A 69 2.89 2.07 7.52
C PHE A 69 1.51 2.62 7.24
N PHE A 70 1.26 2.96 5.96
CA PHE A 70 -0.05 3.46 5.58
C PHE A 70 -0.93 2.31 5.12
N VAL A 71 -2.16 2.31 5.62
CA VAL A 71 -3.11 1.24 5.33
C VAL A 71 -4.20 1.71 4.37
N CYS A 72 -4.87 0.73 3.77
CA CYS A 72 -5.94 0.95 2.82
C CYS A 72 -7.25 1.28 3.51
N LYS A 73 -8.03 2.19 2.94
CA LYS A 73 -9.31 2.57 3.51
C LYS A 73 -10.37 2.84 2.45
N CYS A 74 -10.11 2.40 1.22
CA CYS A 74 -11.08 2.60 0.15
C CYS A 74 -11.71 1.27 -0.29
N VAL A 75 -12.03 0.44 0.69
CA VAL A 75 -12.65 -0.85 0.42
C VAL A 75 -14.13 -0.80 0.75
N GLU A 76 -14.97 -1.16 -0.22
CA GLU A 76 -16.41 -1.16 -0.02
C GLU A 76 -17.03 -2.32 -0.79
N ARG A 77 -18.19 -2.10 -1.42
CA ARG A 77 -18.86 -3.14 -2.19
C ARG A 77 -18.16 -3.32 -3.53
N ARG A 78 -17.71 -2.22 -4.11
CA ARG A 78 -17.01 -2.24 -5.38
C ARG A 78 -15.51 -2.33 -5.15
N ALA A 79 -14.92 -3.44 -5.58
CA ALA A 79 -13.48 -3.65 -5.41
C ALA A 79 -12.69 -2.75 -6.35
N GLU A 80 -13.38 -2.12 -7.29
CA GLU A 80 -12.76 -1.22 -8.24
C GLU A 80 -13.11 0.22 -7.87
N VAL A 81 -12.10 1.08 -7.85
CA VAL A 81 -12.29 2.47 -7.52
C VAL A 81 -12.88 3.22 -8.71
N THR A 82 -14.03 3.85 -8.48
CA THR A 82 -14.71 4.60 -9.52
C THR A 82 -13.89 5.82 -9.96
N SER A 83 -14.17 6.30 -11.16
CA SER A 83 -13.45 7.45 -11.70
C SER A 83 -14.21 8.75 -11.43
N ASN A 84 -15.02 8.73 -10.38
CA ASN A 84 -15.81 9.89 -9.99
C ASN A 84 -15.84 10.04 -8.48
N ASN A 85 -14.67 10.29 -7.91
CA ASN A 85 -14.55 10.46 -6.46
C ASN A 85 -14.69 11.92 -6.07
N GLU A 86 -14.48 12.80 -7.04
CA GLU A 86 -14.58 14.23 -6.79
C GLU A 86 -16.02 14.70 -7.03
N VAL A 87 -16.53 15.51 -6.11
CA VAL A 87 -17.88 16.03 -6.21
C VAL A 87 -17.96 17.11 -7.27
N VAL A 88 -18.86 16.91 -8.24
CA VAL A 88 -19.03 17.85 -9.34
C VAL A 88 -19.53 19.20 -8.81
N VAL A 89 -18.67 20.21 -8.89
CA VAL A 89 -19.00 21.56 -8.43
C VAL A 89 -20.24 22.10 -9.15
N LYS A 90 -21.06 22.83 -8.42
CA LYS A 90 -22.27 23.39 -9.00
C LYS A 90 -21.95 24.54 -9.93
N GLU A 91 -21.76 24.21 -11.20
CA GLU A 91 -21.44 25.19 -12.23
C GLU A 91 -22.68 26.00 -12.59
N GLU A 92 -23.84 25.41 -12.35
CA GLU A 92 -25.11 26.05 -12.65
C GLU A 92 -25.41 27.16 -11.64
N TYR A 93 -26.18 28.14 -12.09
CA TYR A 93 -26.56 29.26 -11.24
C TYR A 93 -27.91 28.97 -10.61
N LYS A 94 -28.13 29.43 -9.39
CA LYS A 94 -29.39 29.21 -8.73
C LYS A 94 -30.27 30.45 -8.76
N ASP A 95 -31.06 30.56 -9.81
CA ASP A 95 -31.97 31.70 -9.99
C ASP A 95 -33.34 31.19 -10.41
N GLU A 96 -33.33 30.11 -11.18
CA GLU A 96 -34.55 29.48 -11.65
C GLU A 96 -34.32 27.97 -11.74
N TYR A 97 -35.16 27.27 -12.47
CA TYR A 97 -35.02 25.84 -12.62
C TYR A 97 -35.23 25.45 -14.07
N ALA A 98 -34.74 24.27 -14.44
CA ALA A 98 -34.86 23.78 -15.81
C ALA A 98 -36.17 23.01 -16.00
N ASP A 99 -36.71 22.52 -14.90
CA ASP A 99 -37.95 21.78 -14.93
C ASP A 99 -39.01 22.50 -14.09
N ILE A 100 -40.27 22.21 -14.39
CA ILE A 100 -41.37 22.84 -13.68
C ILE A 100 -42.02 21.84 -12.71
N PRO A 101 -42.16 22.23 -11.43
CA PRO A 101 -42.75 21.36 -10.41
C PRO A 101 -44.18 20.98 -10.75
N GLU A 102 -44.45 19.68 -10.74
CA GLU A 102 -45.78 19.16 -11.06
C GLU A 102 -46.81 19.58 -10.02
N HIS A 103 -46.38 19.74 -8.77
CA HIS A 103 -47.27 20.15 -7.70
C HIS A 103 -46.50 20.92 -6.65
N LYS A 104 -45.58 20.23 -5.97
CA LYS A 104 -44.77 20.83 -4.91
C LYS A 104 -45.60 21.09 -3.65
N PRO A 105 -45.08 20.69 -2.46
CA PRO A 105 -45.78 20.88 -1.19
C PRO A 105 -46.33 22.31 -1.03
N THR A 106 -47.63 22.40 -0.82
CA THR A 106 -48.30 23.68 -0.67
C THR A 106 -49.68 23.47 -0.07
N TYR A 107 -50.61 24.39 -0.33
CA TYR A 107 -51.97 24.29 0.19
C TYR A 107 -52.80 23.29 -0.61
N ASP A 108 -52.20 22.78 -1.67
CA ASP A 108 -52.86 21.80 -2.55
C ASP A 108 -52.83 20.40 -1.94
N LYS A 109 -53.36 20.28 -0.73
CA LYS A 109 -53.37 19.00 -0.02
C LYS A 109 -54.78 18.43 0.04
N MET A 110 -55.20 17.83 -1.07
CA MET A 110 -56.52 17.23 -1.17
C MET A 110 -56.53 16.24 -2.31
N GLU A 1 21.90 7.64 7.65
CA GLU A 1 21.32 9.00 7.49
C GLU A 1 19.80 8.91 7.31
N VAL A 2 19.18 7.96 8.02
CA VAL A 2 17.73 7.79 7.93
C VAL A 2 17.14 7.58 9.32
N GLU A 3 16.48 8.59 9.84
CA GLU A 3 15.87 8.50 11.16
C GLU A 3 14.37 8.70 11.04
N ASN A 4 13.61 7.67 11.41
CA ASN A 4 12.16 7.70 11.35
C ASN A 4 11.60 6.50 12.09
N ASN A 5 11.78 5.34 11.50
CA ASN A 5 11.32 4.09 12.08
C ASN A 5 12.22 2.96 11.63
N PHE A 6 11.87 1.74 11.98
CA PHE A 6 12.67 0.58 11.58
C PHE A 6 11.86 -0.31 10.66
N PRO A 7 12.16 -0.27 9.36
CA PRO A 7 11.46 -1.07 8.34
C PRO A 7 11.38 -2.55 8.70
N CYS A 8 10.17 -3.07 8.70
CA CYS A 8 9.96 -4.47 9.04
C CYS A 8 9.96 -5.38 7.82
N SER A 9 8.88 -5.32 7.04
CA SER A 9 8.76 -6.16 5.85
C SER A 9 9.71 -5.75 4.74
N LEU A 10 9.96 -4.45 4.58
CA LEU A 10 10.83 -3.97 3.52
C LEU A 10 12.31 -4.12 3.87
N TYR A 11 12.62 -4.33 5.14
CA TYR A 11 14.01 -4.51 5.54
C TYR A 11 14.41 -5.95 5.30
N LYS A 12 13.46 -6.85 5.49
CA LYS A 12 13.69 -8.28 5.29
C LYS A 12 13.86 -8.58 3.80
N ASP A 13 13.01 -7.99 2.98
CA ASP A 13 13.04 -8.18 1.53
C ASP A 13 11.95 -7.34 0.88
N GLU A 14 11.60 -7.65 -0.36
CA GLU A 14 10.54 -6.93 -1.05
C GLU A 14 9.20 -7.28 -0.40
N ILE A 15 8.14 -6.60 -0.79
CA ILE A 15 6.83 -6.84 -0.22
C ILE A 15 6.17 -8.08 -0.80
N MET A 16 5.71 -8.95 0.09
CA MET A 16 5.04 -10.20 -0.27
C MET A 16 3.78 -9.95 -1.10
N LYS A 17 3.07 -8.87 -0.79
CA LYS A 17 1.85 -8.51 -1.51
C LYS A 17 2.12 -8.35 -3.01
N GLU A 18 3.27 -7.80 -3.33
CA GLU A 18 3.65 -7.59 -4.73
C GLU A 18 5.06 -8.13 -4.96
N ILE A 19 5.31 -9.35 -4.51
CA ILE A 19 6.61 -9.97 -4.64
C ILE A 19 6.82 -10.58 -6.04
N GLU A 20 6.79 -9.72 -7.04
CA GLU A 20 6.98 -10.17 -8.41
C GLU A 20 8.48 -10.11 -8.76
N ARG A 21 8.91 -9.00 -9.35
CA ARG A 21 10.32 -8.84 -9.70
C ARG A 21 10.86 -7.59 -9.00
N GLU A 22 12.15 -7.30 -9.19
CA GLU A 22 12.79 -6.12 -8.58
C GLU A 22 11.91 -4.88 -8.84
N SER A 23 11.17 -4.47 -7.82
CA SER A 23 10.21 -3.37 -7.97
C SER A 23 10.67 -2.07 -7.31
N LYS A 24 11.28 -2.17 -6.13
CA LYS A 24 11.67 -0.98 -5.39
C LYS A 24 12.64 -0.09 -6.16
N ARG A 25 13.66 -0.68 -6.76
CA ARG A 25 14.63 0.12 -7.51
C ARG A 25 15.18 -0.66 -8.70
N ILE A 26 14.73 -0.29 -9.89
CA ILE A 26 15.20 -0.95 -11.11
C ILE A 26 16.67 -0.64 -11.33
N LYS A 27 17.51 -1.64 -11.12
CA LYS A 27 18.94 -1.47 -11.27
C LYS A 27 19.51 -2.43 -12.31
N LEU A 28 19.01 -3.66 -12.32
CA LEU A 28 19.50 -4.64 -13.27
C LEU A 28 18.37 -5.51 -13.81
N ASN A 29 18.56 -6.82 -13.76
CA ASN A 29 17.58 -7.76 -14.23
C ASN A 29 17.64 -9.02 -13.38
N ASP A 30 16.51 -9.40 -12.81
CA ASP A 30 16.46 -10.58 -11.95
C ASP A 30 16.76 -11.83 -12.75
N ASN A 31 15.89 -12.14 -13.70
CA ASN A 31 16.04 -13.31 -14.56
C ASN A 31 14.85 -13.41 -15.49
N ASP A 32 13.66 -13.14 -14.92
CA ASP A 32 12.37 -13.16 -15.64
C ASP A 32 12.34 -14.20 -16.76
N ASP A 33 12.37 -15.47 -16.36
CA ASP A 33 12.35 -16.57 -17.33
C ASP A 33 10.96 -16.71 -17.93
N GLU A 34 10.90 -17.37 -19.09
CA GLU A 34 9.65 -17.58 -19.80
C GLU A 34 8.67 -18.43 -18.96
N GLY A 35 7.39 -18.23 -19.22
CA GLY A 35 6.36 -18.97 -18.53
C GLY A 35 4.98 -18.46 -18.89
N ASN A 36 4.92 -17.22 -19.36
CA ASN A 36 3.65 -16.59 -19.76
C ASN A 36 3.92 -15.20 -20.31
N LYS A 37 4.59 -14.38 -19.52
CA LYS A 37 4.93 -13.01 -19.90
C LYS A 37 5.83 -12.40 -18.83
N LYS A 38 6.80 -11.61 -19.26
CA LYS A 38 7.71 -10.98 -18.32
C LYS A 38 7.07 -9.71 -17.78
N ILE A 39 6.49 -9.82 -16.60
CA ILE A 39 5.84 -8.69 -15.96
C ILE A 39 6.74 -8.09 -14.88
N ILE A 40 6.73 -6.77 -14.80
CA ILE A 40 7.55 -6.05 -13.83
C ILE A 40 6.84 -4.78 -13.38
N ALA A 41 6.77 -4.56 -12.07
CA ALA A 41 6.10 -3.37 -11.56
C ALA A 41 7.05 -2.51 -10.73
N PRO A 42 7.63 -1.46 -11.34
CA PRO A 42 8.55 -0.55 -10.64
C PRO A 42 7.80 0.35 -9.66
N ARG A 43 7.78 -0.04 -8.40
CA ARG A 43 7.10 0.73 -7.38
C ARG A 43 7.96 0.87 -6.14
N ILE A 44 8.29 2.11 -5.80
CA ILE A 44 9.09 2.37 -4.61
C ILE A 44 8.18 2.27 -3.38
N PHE A 45 8.69 1.68 -2.30
CA PHE A 45 7.90 1.54 -1.09
C PHE A 45 8.47 2.37 0.04
N ILE A 46 7.60 2.84 0.90
CA ILE A 46 7.99 3.63 2.06
C ILE A 46 7.43 3.00 3.33
N SER A 47 6.33 2.27 3.16
CA SER A 47 5.68 1.60 4.27
C SER A 47 6.49 0.40 4.74
N ASP A 48 6.64 0.26 6.06
CA ASP A 48 7.38 -0.83 6.66
C ASP A 48 6.82 -2.17 6.20
N ASP A 49 5.50 -2.25 6.13
CA ASP A 49 4.81 -3.45 5.69
C ASP A 49 3.62 -3.11 4.81
N LYS A 50 3.40 -3.89 3.78
CA LYS A 50 2.27 -3.68 2.88
C LYS A 50 1.38 -4.93 2.82
N ASP A 51 1.77 -5.95 3.56
CA ASP A 51 1.03 -7.22 3.56
C ASP A 51 -0.18 -7.18 4.51
N SER A 52 -0.05 -6.44 5.59
CA SER A 52 -1.12 -6.33 6.57
C SER A 52 -2.32 -5.62 5.94
N LEU A 53 -2.04 -4.53 5.25
CA LEU A 53 -3.06 -3.76 4.58
C LEU A 53 -3.46 -4.45 3.27
N LYS A 54 -2.47 -5.13 2.67
CA LYS A 54 -2.60 -5.86 1.39
C LYS A 54 -3.30 -5.01 0.32
N CYS A 55 -3.21 -3.70 0.48
CA CYS A 55 -3.82 -2.76 -0.44
C CYS A 55 -3.18 -1.39 -0.27
N PRO A 56 -2.52 -0.86 -1.30
CA PRO A 56 -1.84 0.42 -1.22
C PRO A 56 -2.73 1.64 -1.45
N CYS A 57 -3.97 1.58 -0.99
CA CYS A 57 -4.86 2.72 -1.17
C CYS A 57 -4.89 3.57 0.10
N ASP A 58 -4.63 4.88 -0.07
CA ASP A 58 -4.62 5.85 1.03
C ASP A 58 -3.47 5.58 2.03
N PRO A 59 -2.77 6.64 2.45
CA PRO A 59 -1.66 6.52 3.37
C PRO A 59 -2.06 6.63 4.84
N GLU A 60 -2.84 5.68 5.34
CA GLU A 60 -3.23 5.69 6.74
C GLU A 60 -2.15 5.05 7.58
N MET A 61 -1.33 5.85 8.22
CA MET A 61 -0.22 5.34 9.01
C MET A 61 -0.71 4.57 10.23
N VAL A 62 -0.27 3.31 10.33
CA VAL A 62 -0.65 2.46 11.44
C VAL A 62 0.60 1.88 12.09
N SER A 63 0.65 1.95 13.40
CA SER A 63 1.81 1.47 14.15
C SER A 63 1.60 0.04 14.64
N ASN A 64 0.35 -0.33 14.92
CA ASN A 64 0.00 -1.67 15.39
C ASN A 64 0.75 -1.98 16.68
N SER A 65 1.88 -2.67 16.55
CA SER A 65 2.69 -3.04 17.69
C SER A 65 3.99 -2.22 17.74
N THR A 66 4.79 -2.28 16.67
CA THR A 66 6.07 -1.55 16.63
C THR A 66 6.43 -1.05 15.23
N CYS A 67 5.68 -1.47 14.23
CA CYS A 67 5.95 -1.04 12.85
C CYS A 67 5.22 0.26 12.54
N ARG A 68 5.57 0.86 11.43
CA ARG A 68 4.96 2.12 11.02
C ARG A 68 4.76 2.14 9.50
N PHE A 69 3.52 2.00 9.05
CA PHE A 69 3.27 1.97 7.63
C PHE A 69 1.92 2.54 7.25
N PHE A 70 1.71 2.72 5.95
CA PHE A 70 0.46 3.24 5.42
C PHE A 70 -0.49 2.09 5.12
N VAL A 71 -1.63 2.10 5.77
CA VAL A 71 -2.64 1.06 5.63
C VAL A 71 -3.80 1.51 4.72
N CYS A 72 -4.39 0.52 4.06
CA CYS A 72 -5.52 0.70 3.15
C CYS A 72 -6.79 1.03 3.91
N LYS A 73 -7.56 2.01 3.43
CA LYS A 73 -8.80 2.39 4.09
C LYS A 73 -9.83 2.97 3.11
N CYS A 74 -10.02 2.30 1.98
CA CYS A 74 -10.98 2.76 0.99
C CYS A 74 -12.07 1.70 0.81
N VAL A 75 -13.31 2.13 0.98
CA VAL A 75 -14.46 1.26 0.86
C VAL A 75 -14.90 1.16 -0.60
N GLU A 76 -15.28 -0.03 -1.02
CA GLU A 76 -15.71 -0.27 -2.40
C GLU A 76 -16.92 0.58 -2.76
N ARG A 77 -17.83 0.75 -1.81
CA ARG A 77 -19.03 1.54 -2.04
C ARG A 77 -18.67 2.98 -2.36
N ARG A 78 -17.88 3.59 -1.49
CA ARG A 78 -17.43 4.96 -1.66
C ARG A 78 -16.33 5.25 -0.66
N ALA A 79 -15.39 6.09 -1.04
CA ALA A 79 -14.28 6.46 -0.18
C ALA A 79 -14.73 7.47 0.87
N GLU A 80 -14.77 7.02 2.11
CA GLU A 80 -15.18 7.88 3.22
C GLU A 80 -13.96 8.45 3.90
N VAL A 81 -14.05 9.70 4.33
CA VAL A 81 -12.94 10.36 4.99
C VAL A 81 -13.06 10.19 6.51
N THR A 82 -11.97 9.74 7.12
CA THR A 82 -11.94 9.55 8.56
C THR A 82 -11.96 10.90 9.28
N SER A 83 -12.62 10.96 10.41
CA SER A 83 -12.73 12.19 11.17
C SER A 83 -11.96 12.11 12.48
N ASN A 84 -10.68 11.73 12.39
CA ASN A 84 -9.84 11.62 13.56
C ASN A 84 -9.13 12.94 13.82
N ASN A 85 -9.07 13.33 15.08
CA ASN A 85 -8.41 14.58 15.47
C ASN A 85 -6.89 14.42 15.41
N GLU A 86 -6.39 13.43 16.12
CA GLU A 86 -4.96 13.17 16.16
C GLU A 86 -4.71 11.76 16.67
N VAL A 87 -3.46 11.32 16.60
CA VAL A 87 -3.07 10.01 17.06
C VAL A 87 -2.48 10.10 18.47
N VAL A 88 -3.02 9.32 19.40
CA VAL A 88 -2.53 9.33 20.76
C VAL A 88 -1.23 8.54 20.87
N VAL A 89 -0.19 9.19 21.36
CA VAL A 89 1.11 8.55 21.52
C VAL A 89 1.06 7.54 22.64
N LYS A 90 1.97 6.57 22.61
CA LYS A 90 2.03 5.54 23.64
C LYS A 90 2.63 6.10 24.93
N GLU A 91 1.88 6.98 25.58
CA GLU A 91 2.31 7.60 26.83
C GLU A 91 1.85 6.74 27.99
N GLU A 92 2.40 5.53 28.07
CA GLU A 92 2.05 4.59 29.11
C GLU A 92 2.73 5.00 30.42
N TYR A 93 1.92 5.20 31.45
CA TYR A 93 2.45 5.58 32.76
C TYR A 93 2.79 4.34 33.58
N LYS A 94 3.83 4.45 34.39
CA LYS A 94 4.25 3.34 35.22
C LYS A 94 3.68 3.48 36.63
N ASP A 95 2.81 2.56 37.00
CA ASP A 95 2.20 2.57 38.32
C ASP A 95 2.09 1.16 38.87
N GLU A 96 1.64 0.25 38.02
CA GLU A 96 1.49 -1.15 38.39
C GLU A 96 2.85 -1.76 38.77
N TYR A 97 2.91 -2.39 39.93
CA TYR A 97 4.14 -3.01 40.39
C TYR A 97 4.22 -4.45 39.90
N ALA A 98 5.41 -5.04 40.00
CA ALA A 98 5.65 -6.40 39.58
C ALA A 98 5.76 -7.32 40.78
N ASP A 99 4.66 -7.41 41.54
CA ASP A 99 4.61 -8.25 42.74
C ASP A 99 4.53 -9.73 42.36
N ILE A 100 5.49 -10.18 41.57
CA ILE A 100 5.54 -11.57 41.15
C ILE A 100 6.14 -12.44 42.26
N PRO A 101 5.50 -13.58 42.57
CA PRO A 101 5.95 -14.50 43.62
C PRO A 101 7.18 -15.31 43.20
N GLU A 102 8.18 -14.62 42.66
CA GLU A 102 9.42 -15.28 42.24
C GLU A 102 10.28 -15.59 43.44
N HIS A 103 10.00 -14.92 44.55
CA HIS A 103 10.73 -15.13 45.79
C HIS A 103 9.80 -15.72 46.83
N LYS A 104 9.98 -16.98 47.14
CA LYS A 104 9.16 -17.66 48.13
C LYS A 104 9.95 -17.91 49.40
N PRO A 105 9.41 -17.45 50.55
CA PRO A 105 10.07 -17.62 51.85
C PRO A 105 10.16 -19.09 52.24
N THR A 106 11.39 -19.54 52.54
CA THR A 106 11.62 -20.93 52.92
C THR A 106 10.86 -21.30 54.20
N TYR A 107 10.59 -20.29 55.03
CA TYR A 107 9.86 -20.49 56.29
C TYR A 107 10.61 -21.48 57.18
N ASP A 108 11.92 -21.30 57.26
CA ASP A 108 12.78 -22.17 58.06
C ASP A 108 12.63 -21.86 59.55
N LYS A 109 11.51 -22.26 60.12
CA LYS A 109 11.24 -22.02 61.53
C LYS A 109 11.75 -23.17 62.39
N MET A 110 12.09 -24.28 61.72
CA MET A 110 12.61 -25.48 62.39
C MET A 110 11.60 -26.01 63.39
N GLU A 1 14.31 13.16 2.17
CA GLU A 1 12.88 12.85 2.04
C GLU A 1 12.57 11.44 2.55
N VAL A 2 13.27 11.04 3.61
CA VAL A 2 13.09 9.72 4.21
C VAL A 2 13.00 9.86 5.72
N GLU A 3 12.26 8.95 6.35
CA GLU A 3 12.10 8.97 7.80
C GLU A 3 13.25 8.20 8.46
N ASN A 4 13.63 8.61 9.67
CA ASN A 4 14.71 7.96 10.39
C ASN A 4 14.21 6.73 11.13
N ASN A 5 13.87 5.70 10.36
CA ASN A 5 13.37 4.45 10.92
C ASN A 5 13.88 3.27 10.10
N PHE A 6 13.54 2.06 10.53
CA PHE A 6 13.96 0.86 9.83
C PHE A 6 12.74 0.02 9.45
N PRO A 7 12.61 -0.29 8.15
CA PRO A 7 11.49 -1.09 7.64
C PRO A 7 11.44 -2.50 8.23
N CYS A 8 10.27 -2.94 8.64
CA CYS A 8 10.11 -4.26 9.24
C CYS A 8 9.80 -5.33 8.19
N SER A 9 8.72 -5.14 7.43
CA SER A 9 8.35 -6.13 6.41
C SER A 9 9.37 -6.19 5.29
N LEU A 10 9.89 -5.03 4.91
CA LEU A 10 10.87 -4.95 3.82
C LEU A 10 12.18 -5.63 4.23
N TYR A 11 12.41 -5.73 5.53
CA TYR A 11 13.61 -6.37 6.05
C TYR A 11 13.31 -7.83 6.37
N LYS A 12 12.02 -8.15 6.39
CA LYS A 12 11.56 -9.50 6.70
C LYS A 12 11.50 -10.37 5.44
N ASP A 13 10.99 -9.80 4.35
CA ASP A 13 10.86 -10.55 3.09
C ASP A 13 10.77 -9.59 1.91
N GLU A 14 10.08 -10.03 0.87
CA GLU A 14 9.89 -9.23 -0.33
C GLU A 14 8.83 -8.17 -0.08
N ILE A 15 8.56 -7.35 -1.09
CA ILE A 15 7.56 -6.29 -0.97
C ILE A 15 6.48 -6.41 -2.04
N MET A 16 5.24 -6.45 -1.61
CA MET A 16 4.09 -6.57 -2.52
C MET A 16 3.86 -5.29 -3.32
N LYS A 17 4.59 -4.24 -2.97
CA LYS A 17 4.47 -2.96 -3.66
C LYS A 17 5.32 -2.98 -4.94
N GLU A 18 6.09 -4.06 -5.10
CA GLU A 18 6.98 -4.26 -6.26
C GLU A 18 7.73 -3.00 -6.66
N ILE A 19 8.55 -2.50 -5.73
CA ILE A 19 9.34 -1.31 -5.96
C ILE A 19 10.65 -1.69 -6.68
N GLU A 20 11.32 -0.70 -7.25
CA GLU A 20 12.57 -0.94 -7.96
C GLU A 20 13.74 -0.85 -6.98
N ARG A 21 14.58 0.16 -7.13
CA ARG A 21 15.73 0.32 -6.25
C ARG A 21 15.65 1.66 -5.52
N GLU A 22 16.42 1.78 -4.45
CA GLU A 22 16.46 3.01 -3.65
C GLU A 22 17.28 4.07 -4.39
N SER A 23 16.78 4.51 -5.52
CA SER A 23 17.45 5.50 -6.35
C SER A 23 16.77 6.86 -6.26
N LYS A 24 15.87 7.02 -5.28
CA LYS A 24 15.16 8.29 -5.11
C LYS A 24 16.04 9.35 -4.43
N ARG A 25 17.32 9.36 -4.78
CA ARG A 25 18.26 10.31 -4.20
C ARG A 25 19.11 10.94 -5.30
N ILE A 26 18.46 11.75 -6.13
CA ILE A 26 19.13 12.43 -7.22
C ILE A 26 19.87 13.65 -6.70
N LYS A 27 21.17 13.69 -6.97
CA LYS A 27 22.01 14.80 -6.54
C LYS A 27 23.32 14.76 -7.32
N LEU A 28 23.93 13.58 -7.38
CA LEU A 28 25.18 13.40 -8.10
C LEU A 28 25.10 12.13 -8.95
N ASN A 29 25.80 12.13 -10.07
CA ASN A 29 25.80 10.98 -10.98
C ASN A 29 26.90 11.13 -12.03
N ASP A 30 26.73 10.44 -13.15
CA ASP A 30 27.69 10.47 -14.26
C ASP A 30 29.01 9.81 -13.87
N ASN A 31 29.13 8.53 -14.17
CA ASN A 31 30.33 7.77 -13.87
C ASN A 31 31.14 7.54 -15.14
N ASP A 32 30.91 6.39 -15.76
CA ASP A 32 31.59 6.01 -16.99
C ASP A 32 30.58 5.39 -17.93
N ASP A 33 29.33 5.78 -17.73
CA ASP A 33 28.20 5.28 -18.49
C ASP A 33 28.09 5.97 -19.85
N GLU A 34 28.07 5.17 -20.90
CA GLU A 34 27.94 5.68 -22.25
C GLU A 34 26.76 4.99 -22.93
N GLY A 35 25.70 5.74 -23.17
CA GLY A 35 24.52 5.19 -23.78
C GLY A 35 23.41 5.00 -22.77
N ASN A 36 22.18 5.09 -23.23
CA ASN A 36 21.03 4.94 -22.33
C ASN A 36 20.74 3.46 -22.06
N LYS A 37 21.73 2.78 -21.52
CA LYS A 37 21.60 1.36 -21.20
C LYS A 37 21.46 1.16 -19.69
N LYS A 38 21.65 2.24 -18.94
CA LYS A 38 21.52 2.19 -17.50
C LYS A 38 20.30 2.98 -17.04
N ILE A 39 19.22 2.27 -16.77
CA ILE A 39 17.99 2.89 -16.34
C ILE A 39 17.56 2.36 -14.98
N ILE A 40 17.08 3.26 -14.13
CA ILE A 40 16.64 2.91 -12.79
C ILE A 40 15.46 3.80 -12.38
N ALA A 41 14.68 3.36 -11.42
CA ALA A 41 13.53 4.15 -10.99
C ALA A 41 13.83 4.94 -9.72
N PRO A 42 13.84 6.28 -9.82
CA PRO A 42 14.09 7.16 -8.68
C PRO A 42 12.87 7.28 -7.79
N ARG A 43 12.53 6.18 -7.14
CA ARG A 43 11.37 6.12 -6.26
C ARG A 43 11.76 5.49 -4.92
N ILE A 44 11.05 5.86 -3.87
CA ILE A 44 11.33 5.33 -2.54
C ILE A 44 10.02 4.95 -1.85
N PHE A 45 10.14 4.16 -0.79
CA PHE A 45 8.98 3.74 -0.02
C PHE A 45 8.87 4.53 1.28
N ILE A 46 7.67 4.63 1.80
CA ILE A 46 7.45 5.37 3.05
C ILE A 46 7.02 4.40 4.16
N SER A 47 6.11 3.48 3.84
CA SER A 47 5.65 2.50 4.80
C SER A 47 6.63 1.35 4.92
N ASP A 48 6.80 0.84 6.14
CA ASP A 48 7.71 -0.26 6.41
C ASP A 48 7.04 -1.61 6.17
N ASP A 49 5.71 -1.60 6.11
CA ASP A 49 4.95 -2.82 5.87
C ASP A 49 3.82 -2.55 4.86
N LYS A 50 3.93 -3.16 3.70
CA LYS A 50 2.92 -3.00 2.67
C LYS A 50 2.36 -4.35 2.27
N ASP A 51 2.85 -5.41 2.91
CA ASP A 51 2.45 -6.77 2.59
C ASP A 51 1.38 -7.32 3.54
N SER A 52 1.25 -6.74 4.73
CA SER A 52 0.28 -7.21 5.68
C SER A 52 -1.14 -6.90 5.20
N LEU A 53 -1.37 -5.65 4.82
CA LEU A 53 -2.66 -5.20 4.34
C LEU A 53 -2.81 -5.40 2.82
N LYS A 54 -1.66 -5.46 2.13
CA LYS A 54 -1.62 -5.68 0.67
C LYS A 54 -2.36 -4.62 -0.14
N CYS A 55 -2.51 -3.41 0.38
CA CYS A 55 -3.20 -2.36 -0.37
C CYS A 55 -2.64 -1.00 0.00
N PRO A 56 -1.95 -0.34 -0.93
CA PRO A 56 -1.34 0.95 -0.68
C PRO A 56 -2.28 2.11 -0.95
N CYS A 57 -3.56 1.92 -0.71
CA CYS A 57 -4.51 3.00 -0.94
C CYS A 57 -4.89 3.66 0.38
N ASP A 58 -5.14 4.97 0.33
CA ASP A 58 -5.53 5.76 1.51
C ASP A 58 -4.41 5.89 2.54
N PRO A 59 -4.43 6.98 3.32
CA PRO A 59 -3.41 7.26 4.32
C PRO A 59 -3.81 6.90 5.75
N GLU A 60 -4.27 5.68 5.97
CA GLU A 60 -4.61 5.24 7.33
C GLU A 60 -3.30 4.84 8.00
N MET A 61 -3.20 4.89 9.32
CA MET A 61 -1.92 4.54 9.93
C MET A 61 -2.04 3.42 10.95
N VAL A 62 -1.29 2.34 10.73
CA VAL A 62 -1.24 1.22 11.66
C VAL A 62 0.20 1.08 12.12
N SER A 63 0.40 1.04 13.42
CA SER A 63 1.75 0.94 13.97
C SER A 63 2.15 -0.50 14.30
N ASN A 64 1.14 -1.35 14.55
CA ASN A 64 1.37 -2.76 14.89
C ASN A 64 2.10 -2.84 16.23
N SER A 65 3.43 -2.80 16.15
CA SER A 65 4.28 -2.85 17.31
C SER A 65 5.14 -1.60 17.39
N THR A 66 5.96 -1.39 16.36
CA THR A 66 6.87 -0.24 16.30
C THR A 66 6.97 0.35 14.89
N CYS A 67 6.27 -0.26 13.95
CA CYS A 67 6.29 0.17 12.55
C CYS A 67 5.25 1.26 12.26
N ARG A 68 5.34 1.83 11.08
CA ARG A 68 4.43 2.90 10.65
C ARG A 68 4.12 2.79 9.16
N PHE A 69 2.89 2.44 8.82
CA PHE A 69 2.52 2.30 7.41
C PHE A 69 1.10 2.82 7.13
N PHE A 70 0.84 3.15 5.85
CA PHE A 70 -0.50 3.62 5.49
C PHE A 70 -1.39 2.45 5.13
N VAL A 71 -2.60 2.46 5.67
CA VAL A 71 -3.55 1.38 5.49
C VAL A 71 -4.66 1.71 4.49
N CYS A 72 -5.10 0.64 3.82
CA CYS A 72 -6.17 0.68 2.83
C CYS A 72 -7.49 1.13 3.44
N LYS A 73 -8.10 2.16 2.89
CA LYS A 73 -9.37 2.65 3.39
C LYS A 73 -10.32 2.98 2.24
N CYS A 74 -9.94 2.57 1.03
CA CYS A 74 -10.76 2.82 -0.15
C CYS A 74 -11.72 1.66 -0.39
N VAL A 75 -12.49 1.32 0.64
CA VAL A 75 -13.45 0.24 0.55
C VAL A 75 -14.85 0.79 0.31
N GLU A 76 -15.37 0.54 -0.87
CA GLU A 76 -16.69 1.00 -1.24
C GLU A 76 -17.36 0.01 -2.19
N ARG A 77 -16.56 -0.52 -3.11
CA ARG A 77 -17.06 -1.50 -4.08
C ARG A 77 -17.08 -2.91 -3.48
N ARG A 78 -17.54 -3.00 -2.24
CA ARG A 78 -17.64 -4.26 -1.52
C ARG A 78 -18.21 -4.04 -0.12
N ALA A 79 -19.52 -3.89 -0.04
CA ALA A 79 -20.20 -3.66 1.23
C ALA A 79 -20.55 -4.98 1.90
N GLU A 80 -19.53 -5.80 2.12
CA GLU A 80 -19.73 -7.10 2.76
C GLU A 80 -19.59 -6.97 4.27
N VAL A 81 -20.65 -7.34 4.98
CA VAL A 81 -20.67 -7.28 6.43
C VAL A 81 -19.76 -8.35 7.03
N THR A 82 -18.91 -7.94 7.96
CA THR A 82 -17.98 -8.86 8.60
C THR A 82 -18.72 -9.98 9.35
N SER A 83 -18.48 -11.21 8.93
CA SER A 83 -19.11 -12.36 9.56
C SER A 83 -18.46 -12.65 10.91
N ASN A 84 -19.28 -12.84 11.93
CA ASN A 84 -18.78 -13.14 13.27
C ASN A 84 -18.39 -14.61 13.36
N ASN A 85 -17.23 -14.93 12.82
CA ASN A 85 -16.73 -16.31 12.80
C ASN A 85 -15.93 -16.59 14.05
N GLU A 86 -14.80 -15.90 14.18
CA GLU A 86 -13.92 -16.07 15.32
C GLU A 86 -13.17 -14.77 15.62
N VAL A 87 -13.22 -14.33 16.86
CA VAL A 87 -12.54 -13.11 17.25
C VAL A 87 -11.03 -13.35 17.30
N VAL A 88 -10.29 -12.52 16.57
CA VAL A 88 -8.84 -12.65 16.51
C VAL A 88 -8.21 -12.25 17.83
N VAL A 89 -7.46 -13.19 18.42
CA VAL A 89 -6.80 -12.95 19.69
C VAL A 89 -5.65 -11.96 19.51
N LYS A 90 -5.42 -11.13 20.53
CA LYS A 90 -4.36 -10.14 20.48
C LYS A 90 -2.98 -10.80 20.60
N GLU A 91 -2.72 -11.37 21.76
CA GLU A 91 -1.44 -12.02 22.01
C GLU A 91 -1.62 -13.15 23.01
N GLU A 92 -1.80 -14.37 22.50
CA GLU A 92 -2.00 -15.54 23.35
C GLU A 92 -0.72 -16.36 23.44
N TYR A 93 -0.66 -17.24 24.42
CA TYR A 93 0.49 -18.10 24.62
C TYR A 93 0.33 -19.39 23.80
N LYS A 94 1.44 -19.94 23.34
CA LYS A 94 1.41 -21.15 22.54
C LYS A 94 1.24 -22.39 23.41
N ASP A 95 0.00 -22.78 23.64
CA ASP A 95 -0.30 -23.96 24.44
C ASP A 95 -1.51 -24.69 23.87
N GLU A 96 -2.70 -24.13 24.07
CA GLU A 96 -3.93 -24.73 23.56
C GLU A 96 -4.39 -23.98 22.31
N TYR A 97 -3.45 -23.33 21.65
CA TYR A 97 -3.75 -22.58 20.44
C TYR A 97 -3.00 -23.15 19.25
N ALA A 98 -2.83 -24.46 19.25
CA ALA A 98 -2.13 -25.15 18.17
C ALA A 98 -2.69 -26.55 17.99
N ASP A 99 -2.05 -27.52 18.61
CA ASP A 99 -2.47 -28.90 18.52
C ASP A 99 -2.73 -29.46 19.91
N ILE A 100 -2.76 -30.78 20.02
CA ILE A 100 -3.00 -31.42 21.30
C ILE A 100 -1.91 -32.46 21.60
N PRO A 101 -1.11 -32.20 22.65
CA PRO A 101 -0.04 -33.11 23.07
C PRO A 101 -0.59 -34.45 23.54
N GLU A 102 -0.34 -35.49 22.74
CA GLU A 102 -0.83 -36.83 23.05
C GLU A 102 -0.21 -37.39 24.33
N HIS A 103 1.13 -37.42 24.39
CA HIS A 103 1.81 -37.94 25.57
C HIS A 103 3.20 -37.32 25.73
N LYS A 104 3.91 -37.15 24.62
CA LYS A 104 5.26 -36.58 24.65
C LYS A 104 5.71 -36.23 23.23
N PRO A 105 5.11 -35.20 22.63
CA PRO A 105 5.43 -34.77 21.27
C PRO A 105 6.75 -33.99 21.20
N THR A 106 7.66 -34.49 20.36
CA THR A 106 8.99 -33.90 20.13
C THR A 106 9.79 -33.64 21.41
N TYR A 107 11.02 -33.16 21.23
CA TYR A 107 11.92 -32.88 22.35
C TYR A 107 12.01 -31.38 22.61
N ASP A 108 10.89 -30.68 22.42
CA ASP A 108 10.84 -29.23 22.64
C ASP A 108 10.99 -28.89 24.12
N LYS A 109 10.84 -29.91 24.96
CA LYS A 109 10.94 -29.73 26.40
C LYS A 109 12.26 -30.30 26.92
N MET A 110 13.08 -30.82 26.00
CA MET A 110 14.37 -31.41 26.35
C MET A 110 14.22 -32.47 27.43
N GLU A 1 18.97 13.34 8.19
CA GLU A 1 20.27 12.65 8.09
C GLU A 1 20.15 11.21 8.58
N VAL A 2 19.91 11.05 9.87
CA VAL A 2 19.76 9.73 10.46
C VAL A 2 18.46 9.09 9.98
N GLU A 3 18.49 7.78 9.76
CA GLU A 3 17.32 7.04 9.30
C GLU A 3 16.20 7.13 10.32
N ASN A 4 14.97 7.26 9.84
CA ASN A 4 13.81 7.38 10.72
C ASN A 4 13.62 6.14 11.57
N ASN A 5 13.61 4.98 10.92
CA ASN A 5 13.42 3.70 11.62
C ASN A 5 13.94 2.57 10.75
N PHE A 6 13.91 1.36 11.29
CA PHE A 6 14.36 0.18 10.58
C PHE A 6 13.16 -0.55 9.98
N PRO A 7 13.18 -0.75 8.65
CA PRO A 7 12.09 -1.41 7.91
C PRO A 7 11.77 -2.81 8.44
N CYS A 8 10.52 -3.00 8.85
CA CYS A 8 10.08 -4.28 9.38
C CYS A 8 9.82 -5.29 8.26
N SER A 9 8.73 -5.11 7.51
CA SER A 9 8.39 -6.03 6.44
C SER A 9 9.26 -5.83 5.22
N LEU A 10 9.84 -4.63 5.08
CA LEU A 10 10.71 -4.34 3.96
C LEU A 10 12.01 -5.11 4.08
N TYR A 11 12.39 -5.42 5.31
CA TYR A 11 13.60 -6.19 5.56
C TYR A 11 13.24 -7.67 5.65
N LYS A 12 11.98 -7.91 6.00
CA LYS A 12 11.46 -9.26 6.14
C LYS A 12 11.46 -10.00 4.79
N ASP A 13 10.93 -9.36 3.77
CA ASP A 13 10.86 -9.97 2.43
C ASP A 13 10.73 -8.91 1.36
N GLU A 14 10.28 -9.32 0.18
CA GLU A 14 10.11 -8.43 -0.96
C GLU A 14 8.96 -7.46 -0.73
N ILE A 15 9.05 -6.29 -1.35
CA ILE A 15 8.03 -5.27 -1.23
C ILE A 15 6.88 -5.55 -2.20
N MET A 16 5.70 -5.75 -1.62
CA MET A 16 4.49 -6.06 -2.38
C MET A 16 4.00 -4.89 -3.25
N LYS A 17 4.64 -3.74 -3.11
CA LYS A 17 4.26 -2.57 -3.87
C LYS A 17 4.81 -2.63 -5.30
N GLU A 18 5.87 -3.42 -5.51
CA GLU A 18 6.49 -3.55 -6.83
C GLU A 18 6.93 -2.18 -7.34
N ILE A 19 7.83 -1.56 -6.62
CA ILE A 19 8.31 -0.23 -6.98
C ILE A 19 9.84 -0.18 -7.02
N GLU A 20 10.41 1.03 -6.94
CA GLU A 20 11.85 1.26 -6.96
C GLU A 20 12.61 0.34 -5.99
N ARG A 21 13.88 0.13 -6.27
CA ARG A 21 14.72 -0.71 -5.42
C ARG A 21 15.35 0.13 -4.32
N GLU A 22 15.78 -0.52 -3.24
CA GLU A 22 16.40 0.19 -2.12
C GLU A 22 17.82 0.63 -2.49
N SER A 23 17.90 1.59 -3.39
CA SER A 23 19.18 2.11 -3.84
C SER A 23 19.45 3.47 -3.21
N LYS A 24 18.65 3.82 -2.20
CA LYS A 24 18.78 5.09 -1.51
C LYS A 24 20.14 5.20 -0.81
N ARG A 25 21.08 5.85 -1.47
CA ARG A 25 22.42 6.03 -0.92
C ARG A 25 23.18 7.13 -1.66
N ILE A 26 24.14 6.73 -2.48
CA ILE A 26 24.93 7.68 -3.24
C ILE A 26 24.79 7.40 -4.74
N LYS A 27 24.75 8.46 -5.53
CA LYS A 27 24.62 8.34 -6.97
C LYS A 27 25.84 8.93 -7.66
N LEU A 28 26.36 8.22 -8.64
CA LEU A 28 27.53 8.68 -9.38
C LEU A 28 27.10 9.74 -10.39
N ASN A 29 28.01 10.62 -10.75
CA ASN A 29 27.71 11.69 -11.70
C ASN A 29 28.21 11.33 -13.09
N ASP A 30 28.48 10.05 -13.31
CA ASP A 30 28.96 9.57 -14.60
C ASP A 30 27.78 9.31 -15.53
N ASN A 31 26.61 9.14 -14.93
CA ASN A 31 25.39 8.91 -15.68
C ASN A 31 24.53 10.16 -15.69
N ASP A 32 24.50 10.84 -16.82
CA ASP A 32 23.75 12.08 -16.97
C ASP A 32 22.26 11.78 -17.20
N ASP A 33 21.95 11.36 -18.42
CA ASP A 33 20.57 11.03 -18.80
C ASP A 33 20.43 9.54 -19.05
N GLU A 34 21.34 8.75 -18.46
CA GLU A 34 21.34 7.31 -18.62
C GLU A 34 20.03 6.70 -18.11
N GLY A 35 19.28 6.13 -19.04
CA GLY A 35 18.01 5.52 -18.72
C GLY A 35 17.29 5.04 -19.96
N ASN A 36 17.12 3.72 -20.06
CA ASN A 36 16.46 3.13 -21.22
C ASN A 36 15.93 1.75 -20.87
N LYS A 37 16.75 0.73 -21.06
CA LYS A 37 16.36 -0.63 -20.75
C LYS A 37 16.61 -0.92 -19.28
N LYS A 38 17.49 -0.15 -18.67
CA LYS A 38 17.81 -0.29 -17.27
C LYS A 38 17.45 0.99 -16.52
N ILE A 39 16.64 0.85 -15.49
CA ILE A 39 16.20 2.00 -14.70
C ILE A 39 16.32 1.71 -13.21
N ILE A 40 16.99 2.59 -12.49
CA ILE A 40 17.18 2.44 -11.05
C ILE A 40 17.24 3.81 -10.39
N ALA A 41 16.64 3.94 -9.22
CA ALA A 41 16.63 5.21 -8.51
C ALA A 41 16.98 5.04 -7.02
N PRO A 42 17.62 6.05 -6.42
CA PRO A 42 18.01 6.02 -5.02
C PRO A 42 16.85 6.48 -4.11
N ARG A 43 15.80 5.67 -4.06
CA ARG A 43 14.63 6.00 -3.25
C ARG A 43 14.37 4.92 -2.20
N ILE A 44 13.76 5.34 -1.10
CA ILE A 44 13.43 4.42 -0.02
C ILE A 44 11.91 4.33 0.14
N PHE A 45 11.46 3.24 0.76
CA PHE A 45 10.03 3.01 0.97
C PHE A 45 9.55 3.71 2.24
N ILE A 46 8.26 3.97 2.31
CA ILE A 46 7.68 4.64 3.47
C ILE A 46 6.90 3.64 4.35
N SER A 47 6.04 2.85 3.73
CA SER A 47 5.25 1.86 4.44
C SER A 47 6.12 0.69 4.89
N ASP A 48 6.16 0.49 6.20
CA ASP A 48 6.94 -0.59 6.79
C ASP A 48 6.46 -1.96 6.29
N ASP A 49 5.15 -2.06 6.05
CA ASP A 49 4.54 -3.29 5.58
C ASP A 49 3.46 -2.98 4.55
N LYS A 50 3.45 -3.74 3.47
CA LYS A 50 2.45 -3.54 2.44
C LYS A 50 1.66 -4.82 2.13
N ASP A 51 1.99 -5.90 2.84
CA ASP A 51 1.33 -7.19 2.61
C ASP A 51 0.21 -7.45 3.60
N SER A 52 0.24 -6.81 4.76
CA SER A 52 -0.77 -6.98 5.76
C SER A 52 -2.06 -6.28 5.35
N LEU A 53 -1.92 -5.28 4.50
CA LEU A 53 -3.05 -4.51 4.02
C LEU A 53 -3.31 -4.83 2.55
N LYS A 54 -2.25 -5.24 1.85
CA LYS A 54 -2.30 -5.61 0.44
C LYS A 54 -2.88 -4.51 -0.45
N CYS A 55 -2.94 -3.28 0.06
CA CYS A 55 -3.48 -2.17 -0.70
C CYS A 55 -2.92 -0.86 -0.17
N PRO A 56 -2.20 -0.11 -1.00
CA PRO A 56 -1.59 1.14 -0.59
C PRO A 56 -2.49 2.35 -0.82
N CYS A 57 -3.79 2.18 -0.62
CA CYS A 57 -4.71 3.29 -0.80
C CYS A 57 -5.06 3.88 0.55
N ASP A 58 -5.39 5.18 0.57
CA ASP A 58 -5.76 5.89 1.80
C ASP A 58 -4.55 6.10 2.72
N PRO A 59 -4.43 7.30 3.30
CA PRO A 59 -3.33 7.64 4.19
C PRO A 59 -3.62 7.32 5.66
N GLU A 60 -3.93 6.06 5.95
CA GLU A 60 -4.19 5.65 7.32
C GLU A 60 -2.86 5.25 7.95
N MET A 61 -2.72 5.30 9.27
CA MET A 61 -1.42 4.97 9.87
C MET A 61 -1.43 3.67 10.67
N VAL A 62 -0.54 2.74 10.28
CA VAL A 62 -0.41 1.48 11.00
C VAL A 62 0.87 1.52 11.81
N SER A 63 0.75 1.61 13.12
CA SER A 63 1.93 1.65 13.96
C SER A 63 2.18 0.29 14.62
N ASN A 64 1.09 -0.37 15.02
CA ASN A 64 1.16 -1.69 15.66
C ASN A 64 2.02 -1.62 16.93
N SER A 65 3.30 -1.88 16.77
CA SER A 65 4.24 -1.84 17.87
C SER A 65 5.30 -0.76 17.64
N THR A 66 6.11 -0.93 16.59
CA THR A 66 7.18 0.02 16.31
C THR A 66 7.28 0.40 14.83
N CYS A 67 6.54 -0.28 13.98
CA CYS A 67 6.56 0.00 12.54
C CYS A 67 5.53 1.06 12.18
N ARG A 68 5.68 1.65 11.01
CA ARG A 68 4.77 2.71 10.57
C ARG A 68 4.50 2.64 9.07
N PHE A 69 3.24 2.46 8.70
CA PHE A 69 2.85 2.40 7.29
C PHE A 69 1.43 2.92 7.06
N PHE A 70 1.03 3.12 5.81
CA PHE A 70 -0.31 3.62 5.53
C PHE A 70 -1.31 2.49 5.28
N VAL A 71 -2.43 2.54 6.00
CA VAL A 71 -3.48 1.52 5.89
C VAL A 71 -4.46 1.84 4.77
N CYS A 72 -4.97 0.78 4.16
CA CYS A 72 -5.94 0.87 3.08
C CYS A 72 -7.34 1.05 3.63
N LYS A 73 -8.18 1.82 2.92
CA LYS A 73 -9.54 2.06 3.36
C LYS A 73 -10.51 2.05 2.18
N CYS A 74 -10.12 1.43 1.07
CA CYS A 74 -10.97 1.37 -0.10
C CYS A 74 -11.45 -0.05 -0.37
N VAL A 75 -12.71 -0.31 -0.06
CA VAL A 75 -13.30 -1.63 -0.26
C VAL A 75 -14.27 -1.60 -1.43
N GLU A 76 -14.40 -2.73 -2.13
CA GLU A 76 -15.30 -2.83 -3.28
C GLU A 76 -16.74 -3.07 -2.83
N ARG A 77 -17.01 -4.26 -2.31
CA ARG A 77 -18.35 -4.59 -1.87
C ARG A 77 -18.33 -5.23 -0.48
N ARG A 78 -18.18 -6.55 -0.43
CA ARG A 78 -18.15 -7.26 0.84
C ARG A 78 -16.83 -8.00 1.02
N ALA A 79 -16.56 -8.94 0.11
CA ALA A 79 -15.34 -9.72 0.16
C ALA A 79 -15.11 -10.44 -1.17
N GLU A 80 -15.22 -9.69 -2.25
CA GLU A 80 -15.05 -10.25 -3.58
C GLU A 80 -13.56 -10.45 -3.88
N VAL A 81 -13.22 -11.63 -4.38
CA VAL A 81 -11.83 -11.92 -4.70
C VAL A 81 -11.47 -11.36 -6.07
N THR A 82 -10.41 -10.56 -6.11
CA THR A 82 -9.95 -9.95 -7.34
C THR A 82 -9.58 -10.99 -8.39
N SER A 83 -8.78 -11.97 -7.99
CA SER A 83 -8.36 -13.02 -8.89
C SER A 83 -8.36 -14.36 -8.16
N ASN A 84 -8.84 -15.38 -8.84
CA ASN A 84 -8.90 -16.72 -8.26
C ASN A 84 -7.50 -17.31 -8.15
N ASN A 85 -7.27 -18.07 -7.09
CA ASN A 85 -5.97 -18.68 -6.86
C ASN A 85 -5.81 -19.92 -7.74
N GLU A 86 -6.64 -20.92 -7.49
CA GLU A 86 -6.60 -22.16 -8.25
C GLU A 86 -7.96 -22.83 -8.23
N VAL A 87 -8.34 -23.41 -9.36
CA VAL A 87 -9.62 -24.08 -9.48
C VAL A 87 -9.49 -25.55 -9.07
N VAL A 88 -10.44 -26.02 -8.28
CA VAL A 88 -10.44 -27.39 -7.81
C VAL A 88 -10.75 -28.34 -8.96
N VAL A 89 -9.85 -29.28 -9.19
CA VAL A 89 -10.01 -30.25 -10.26
C VAL A 89 -11.17 -31.18 -9.97
N LYS A 90 -12.02 -31.41 -10.96
CA LYS A 90 -13.18 -32.27 -10.81
C LYS A 90 -12.72 -33.70 -10.53
N GLU A 91 -13.49 -34.42 -9.73
CA GLU A 91 -13.16 -35.79 -9.38
C GLU A 91 -13.48 -36.74 -10.53
N GLU A 92 -12.70 -36.64 -11.58
CA GLU A 92 -12.89 -37.47 -12.75
C GLU A 92 -12.38 -38.89 -12.49
N TYR A 93 -13.03 -39.85 -13.13
CA TYR A 93 -12.67 -41.25 -12.98
C TYR A 93 -11.36 -41.54 -13.70
N LYS A 94 -10.35 -41.93 -12.93
CA LYS A 94 -9.05 -42.25 -13.50
C LYS A 94 -9.13 -43.55 -14.28
N ASP A 95 -9.22 -43.43 -15.60
CA ASP A 95 -9.34 -44.57 -16.49
C ASP A 95 -8.11 -45.46 -16.45
N GLU A 96 -6.95 -44.84 -16.54
CA GLU A 96 -5.69 -45.57 -16.54
C GLU A 96 -4.66 -44.91 -15.64
N TYR A 97 -3.69 -45.69 -15.19
CA TYR A 97 -2.62 -45.19 -14.33
C TYR A 97 -1.35 -46.00 -14.54
N ALA A 98 -0.22 -45.48 -14.08
CA ALA A 98 1.06 -46.14 -14.23
C ALA A 98 1.30 -47.17 -13.13
N ASP A 99 0.27 -47.93 -12.80
CA ASP A 99 0.36 -48.97 -11.77
C ASP A 99 -0.47 -50.19 -12.18
N ILE A 100 -0.72 -50.30 -13.47
CA ILE A 100 -1.49 -51.42 -14.00
C ILE A 100 -0.62 -52.67 -14.11
N PRO A 101 -1.10 -53.81 -13.54
CA PRO A 101 -0.37 -55.08 -13.54
C PRO A 101 0.08 -55.49 -14.94
N GLU A 102 -0.86 -55.94 -15.76
CA GLU A 102 -0.53 -56.34 -17.12
C GLU A 102 -1.62 -55.87 -18.09
N HIS A 103 -2.73 -56.59 -18.15
CA HIS A 103 -3.82 -56.21 -19.06
C HIS A 103 -5.19 -56.60 -18.51
N LYS A 104 -5.22 -57.52 -17.55
CA LYS A 104 -6.48 -57.97 -16.96
C LYS A 104 -6.31 -58.18 -15.46
N PRO A 105 -7.41 -58.17 -14.70
CA PRO A 105 -7.36 -58.38 -13.25
C PRO A 105 -7.06 -59.83 -12.92
N THR A 106 -6.77 -60.11 -11.65
CA THR A 106 -6.46 -61.46 -11.20
C THR A 106 -7.72 -62.33 -11.13
N TYR A 107 -8.45 -62.41 -12.23
CA TYR A 107 -9.67 -63.19 -12.29
C TYR A 107 -9.98 -63.59 -13.73
N ASP A 108 -9.26 -64.58 -14.22
CA ASP A 108 -9.44 -65.05 -15.59
C ASP A 108 -9.45 -66.57 -15.63
N LYS A 109 -9.88 -67.18 -14.54
CA LYS A 109 -9.94 -68.63 -14.45
C LYS A 109 -10.92 -69.05 -13.36
N MET A 110 -11.50 -70.24 -13.51
CA MET A 110 -12.45 -70.76 -12.55
C MET A 110 -11.92 -72.04 -11.92
N GLU A 1 8.39 14.49 16.49
CA GLU A 1 7.69 13.19 16.46
C GLU A 1 8.72 12.07 16.60
N VAL A 2 8.48 10.92 15.99
CA VAL A 2 9.40 9.80 16.06
C VAL A 2 10.35 9.83 14.86
N GLU A 3 11.58 9.38 15.07
CA GLU A 3 12.59 9.35 14.02
C GLU A 3 12.16 8.42 12.89
N ASN A 4 12.53 8.77 11.66
CA ASN A 4 12.19 7.96 10.49
C ASN A 4 12.94 6.64 10.54
N ASN A 5 12.24 5.58 10.92
CA ASN A 5 12.84 4.26 11.01
C ASN A 5 12.97 3.63 9.62
N PHE A 6 13.44 2.40 9.58
CA PHE A 6 13.59 1.68 8.31
C PHE A 6 12.60 0.54 8.23
N PRO A 7 11.85 0.46 7.11
CA PRO A 7 10.82 -0.57 6.87
C PRO A 7 11.18 -1.96 7.39
N CYS A 8 10.52 -2.35 8.47
CA CYS A 8 10.78 -3.63 9.11
C CYS A 8 10.39 -4.83 8.24
N SER A 9 9.14 -4.88 7.79
CA SER A 9 8.67 -6.01 6.98
C SER A 9 9.37 -6.07 5.64
N LEU A 10 9.65 -4.90 5.05
CA LEU A 10 10.32 -4.85 3.76
C LEU A 10 11.78 -5.29 3.88
N TYR A 11 12.29 -5.27 5.10
CA TYR A 11 13.66 -5.68 5.36
C TYR A 11 13.68 -7.15 5.76
N LYS A 12 12.53 -7.65 6.20
CA LYS A 12 12.40 -9.02 6.64
C LYS A 12 12.29 -9.99 5.46
N ASP A 13 11.47 -9.65 4.47
CA ASP A 13 11.29 -10.52 3.31
C ASP A 13 11.19 -9.73 2.01
N GLU A 14 10.63 -10.37 1.00
CA GLU A 14 10.46 -9.78 -0.31
C GLU A 14 9.36 -8.71 -0.30
N ILE A 15 9.55 -7.68 -1.11
CA ILE A 15 8.58 -6.61 -1.20
C ILE A 15 7.42 -7.00 -2.11
N MET A 16 6.21 -6.90 -1.56
CA MET A 16 4.99 -7.26 -2.28
C MET A 16 4.71 -6.34 -3.47
N LYS A 17 5.46 -5.24 -3.57
CA LYS A 17 5.26 -4.30 -4.66
C LYS A 17 5.89 -4.85 -5.93
N GLU A 18 6.90 -5.70 -5.77
CA GLU A 18 7.63 -6.33 -6.88
C GLU A 18 8.51 -5.31 -7.63
N ILE A 19 8.03 -4.08 -7.78
CA ILE A 19 8.77 -3.06 -8.48
C ILE A 19 8.87 -1.75 -7.66
N GLU A 20 9.36 -1.89 -6.43
CA GLU A 20 9.53 -0.72 -5.58
C GLU A 20 10.91 -0.11 -5.86
N ARG A 21 10.94 0.89 -6.72
CA ARG A 21 12.17 1.55 -7.10
C ARG A 21 12.16 3.02 -6.71
N GLU A 22 13.34 3.60 -6.53
CA GLU A 22 13.45 5.01 -6.18
C GLU A 22 13.31 5.88 -7.43
N SER A 23 12.16 5.76 -8.08
CA SER A 23 11.88 6.52 -9.28
C SER A 23 11.09 7.77 -8.93
N LYS A 24 11.06 8.07 -7.64
CA LYS A 24 10.34 9.23 -7.14
C LYS A 24 11.10 10.52 -7.42
N ARG A 25 10.43 11.44 -8.12
CA ARG A 25 10.99 12.76 -8.47
C ARG A 25 11.99 12.70 -9.64
N ILE A 26 12.46 11.52 -10.00
CA ILE A 26 13.41 11.41 -11.10
C ILE A 26 12.74 10.97 -12.40
N LYS A 27 12.69 11.89 -13.35
CA LYS A 27 12.09 11.66 -14.66
C LYS A 27 12.69 12.64 -15.66
N LEU A 28 13.99 12.52 -15.89
CA LEU A 28 14.71 13.39 -16.81
C LEU A 28 14.96 12.70 -18.14
N ASN A 29 15.23 11.41 -18.09
CA ASN A 29 15.49 10.63 -19.30
C ASN A 29 14.16 10.18 -19.89
N ASP A 30 13.20 9.90 -19.01
CA ASP A 30 11.86 9.46 -19.38
C ASP A 30 11.82 8.08 -20.02
N ASN A 31 10.69 7.42 -19.87
CA ASN A 31 10.45 6.08 -20.40
C ASN A 31 9.05 5.63 -20.00
N ASP A 32 8.04 6.35 -20.49
CA ASP A 32 6.65 6.05 -20.17
C ASP A 32 6.16 4.83 -20.93
N ASP A 33 5.03 4.30 -20.51
CA ASP A 33 4.44 3.13 -21.15
C ASP A 33 3.03 3.42 -21.66
N GLU A 34 2.45 2.44 -22.35
CA GLU A 34 1.11 2.58 -22.89
C GLU A 34 0.27 1.35 -22.56
N GLY A 35 0.10 1.08 -21.28
CA GLY A 35 -0.67 -0.07 -20.85
C GLY A 35 0.16 -1.33 -20.88
N ASN A 36 1.36 -1.25 -20.33
CA ASN A 36 2.28 -2.36 -20.29
C ASN A 36 2.06 -3.20 -19.02
N LYS A 37 2.46 -4.46 -19.09
CA LYS A 37 2.32 -5.38 -17.96
C LYS A 37 3.44 -5.14 -16.95
N LYS A 38 4.50 -4.49 -17.40
CA LYS A 38 5.64 -4.19 -16.55
C LYS A 38 5.75 -2.69 -16.35
N ILE A 39 5.24 -2.21 -15.23
CA ILE A 39 5.28 -0.78 -14.92
C ILE A 39 6.17 -0.55 -13.72
N ILE A 40 6.72 0.66 -13.61
CA ILE A 40 7.59 1.00 -12.50
C ILE A 40 6.85 1.88 -11.49
N ALA A 41 7.27 1.83 -10.24
CA ALA A 41 6.65 2.62 -9.20
C ALA A 41 7.54 3.80 -8.83
N PRO A 42 7.08 5.02 -9.11
CA PRO A 42 7.85 6.23 -8.81
C PRO A 42 7.67 6.68 -7.36
N ARG A 43 6.58 7.37 -7.08
CA ARG A 43 6.29 7.86 -5.74
C ARG A 43 5.56 6.78 -4.93
N ILE A 44 6.25 6.22 -3.95
CA ILE A 44 5.66 5.20 -3.11
C ILE A 44 5.70 5.62 -1.65
N PHE A 45 4.81 5.06 -0.84
CA PHE A 45 4.72 5.39 0.58
C PHE A 45 5.78 4.62 1.36
N ILE A 46 6.12 5.13 2.52
CA ILE A 46 7.13 4.50 3.37
C ILE A 46 6.48 3.55 4.38
N SER A 47 5.64 2.66 3.88
CA SER A 47 4.98 1.69 4.72
C SER A 47 5.97 0.63 5.19
N ASP A 48 6.08 0.46 6.51
CA ASP A 48 6.98 -0.52 7.10
C ASP A 48 6.62 -1.91 6.62
N ASP A 49 5.34 -2.11 6.38
CA ASP A 49 4.80 -3.36 5.91
C ASP A 49 3.96 -3.11 4.67
N LYS A 50 4.00 -4.03 3.71
CA LYS A 50 3.24 -3.86 2.48
C LYS A 50 2.26 -5.01 2.21
N ASP A 51 2.49 -6.14 2.87
CA ASP A 51 1.66 -7.32 2.67
C ASP A 51 0.50 -7.43 3.65
N SER A 52 0.55 -6.67 4.74
CA SER A 52 -0.52 -6.70 5.73
C SER A 52 -1.75 -5.97 5.18
N LEU A 53 -1.50 -4.81 4.62
CA LEU A 53 -2.56 -3.97 4.03
C LEU A 53 -3.09 -4.60 2.76
N LYS A 54 -2.19 -5.23 1.98
CA LYS A 54 -2.54 -5.88 0.71
C LYS A 54 -3.02 -4.87 -0.33
N CYS A 55 -2.91 -3.59 0.01
CA CYS A 55 -3.34 -2.53 -0.88
C CYS A 55 -2.76 -1.20 -0.42
N PRO A 56 -1.96 -0.55 -1.27
CA PRO A 56 -1.32 0.71 -0.93
C PRO A 56 -2.20 1.93 -1.23
N CYS A 57 -3.51 1.82 -0.99
CA CYS A 57 -4.38 2.96 -1.24
C CYS A 57 -4.79 3.59 0.08
N ASP A 58 -4.71 4.92 0.13
CA ASP A 58 -5.02 5.71 1.33
C ASP A 58 -3.92 5.56 2.37
N PRO A 59 -3.53 6.66 3.02
CA PRO A 59 -2.45 6.65 3.99
C PRO A 59 -2.93 6.42 5.44
N GLU A 60 -3.29 5.18 5.78
CA GLU A 60 -3.69 4.88 7.15
C GLU A 60 -2.44 4.48 7.92
N MET A 61 -2.42 4.67 9.22
CA MET A 61 -1.22 4.34 9.98
C MET A 61 -1.45 3.34 11.11
N VAL A 62 -0.80 2.20 11.00
CA VAL A 62 -0.85 1.18 12.02
C VAL A 62 0.50 1.17 12.72
N SER A 63 0.51 1.45 14.02
CA SER A 63 1.74 1.51 14.80
C SER A 63 2.15 0.14 15.32
N ASN A 64 1.22 -0.82 15.24
CA ASN A 64 1.45 -2.20 15.68
C ASN A 64 2.31 -2.25 16.95
N SER A 65 3.55 -2.72 16.82
CA SER A 65 4.46 -2.81 17.93
C SER A 65 5.37 -1.58 17.98
N THR A 66 5.94 -1.22 16.82
CA THR A 66 6.84 -0.07 16.74
C THR A 66 7.00 0.45 15.30
N CYS A 67 6.41 -0.26 14.34
CA CYS A 67 6.53 0.12 12.94
C CYS A 67 5.36 0.97 12.48
N ARG A 68 5.52 1.59 11.33
CA ARG A 68 4.49 2.44 10.74
C ARG A 68 3.96 1.79 9.47
N PHE A 69 2.79 1.18 9.56
CA PHE A 69 2.19 0.51 8.41
C PHE A 69 1.16 1.40 7.73
N PHE A 70 1.30 1.64 6.43
CA PHE A 70 0.32 2.45 5.70
C PHE A 70 -0.76 1.51 5.20
N VAL A 71 -1.89 1.51 5.90
CA VAL A 71 -2.99 0.61 5.58
C VAL A 71 -3.94 1.14 4.52
N CYS A 72 -4.53 0.20 3.79
CA CYS A 72 -5.50 0.49 2.75
C CYS A 72 -6.83 0.91 3.37
N LYS A 73 -7.40 2.02 2.89
CA LYS A 73 -8.66 2.51 3.42
C LYS A 73 -9.37 3.43 2.44
N CYS A 74 -9.51 3.00 1.18
CA CYS A 74 -10.19 3.81 0.19
C CYS A 74 -11.34 3.04 -0.43
N VAL A 75 -12.51 3.67 -0.45
CA VAL A 75 -13.72 3.08 -0.99
C VAL A 75 -13.79 3.31 -2.50
N GLU A 76 -14.10 2.25 -3.24
CA GLU A 76 -14.18 2.32 -4.69
C GLU A 76 -15.34 3.21 -5.15
N ARG A 77 -16.33 3.39 -4.29
CA ARG A 77 -17.49 4.22 -4.61
C ARG A 77 -17.07 5.69 -4.75
N ARG A 78 -16.73 6.31 -3.63
CA ARG A 78 -16.31 7.70 -3.62
C ARG A 78 -15.42 7.97 -2.43
N ALA A 79 -14.14 7.61 -2.57
CA ALA A 79 -13.17 7.82 -1.51
C ALA A 79 -12.58 9.21 -1.62
N GLU A 80 -12.63 9.76 -2.82
CA GLU A 80 -12.11 11.10 -3.10
C GLU A 80 -12.99 12.15 -2.45
N VAL A 81 -12.40 12.98 -1.60
CA VAL A 81 -13.12 14.04 -0.92
C VAL A 81 -13.50 15.12 -1.93
N THR A 82 -14.75 15.54 -1.89
CA THR A 82 -15.27 16.55 -2.81
C THR A 82 -14.79 17.96 -2.41
N SER A 83 -13.91 18.04 -1.42
CA SER A 83 -13.39 19.32 -0.96
C SER A 83 -11.87 19.29 -0.89
N ASN A 84 -11.23 19.58 -2.03
CA ASN A 84 -9.77 19.60 -2.11
C ASN A 84 -9.32 20.91 -2.74
N ASN A 85 -8.53 21.68 -1.99
CA ASN A 85 -8.05 22.97 -2.48
C ASN A 85 -6.54 22.97 -2.70
N GLU A 86 -5.83 22.15 -1.93
CA GLU A 86 -4.38 22.09 -2.07
C GLU A 86 -3.99 21.11 -3.18
N VAL A 87 -4.16 21.55 -4.41
CA VAL A 87 -3.82 20.74 -5.57
C VAL A 87 -2.32 20.72 -5.80
N VAL A 88 -1.74 19.53 -5.87
CA VAL A 88 -0.31 19.38 -6.09
C VAL A 88 0.05 19.78 -7.51
N VAL A 89 1.11 20.58 -7.63
CA VAL A 89 1.56 21.06 -8.93
C VAL A 89 2.04 19.90 -9.79
N LYS A 90 1.67 19.92 -11.07
CA LYS A 90 2.05 18.87 -11.99
C LYS A 90 3.51 18.99 -12.41
N GLU A 91 3.92 20.21 -12.72
CA GLU A 91 5.30 20.47 -13.14
C GLU A 91 5.90 21.62 -12.33
N GLU A 92 6.25 21.33 -11.09
CA GLU A 92 6.84 22.32 -10.19
C GLU A 92 8.36 22.21 -10.24
N TYR A 93 9.03 23.29 -9.89
CA TYR A 93 10.48 23.32 -9.89
C TYR A 93 11.03 22.86 -8.54
N LYS A 94 12.18 22.22 -8.58
CA LYS A 94 12.82 21.70 -7.38
C LYS A 94 13.79 22.73 -6.80
N ASP A 95 13.55 23.12 -5.57
CA ASP A 95 14.40 24.08 -4.87
C ASP A 95 15.76 23.46 -4.57
N GLU A 96 15.73 22.19 -4.19
CA GLU A 96 16.94 21.45 -3.89
C GLU A 96 17.77 21.28 -5.17
N TYR A 97 19.00 21.77 -5.13
CA TYR A 97 19.88 21.71 -6.28
C TYR A 97 20.68 20.41 -6.31
N ALA A 98 20.12 19.43 -6.98
CA ALA A 98 20.77 18.12 -7.13
C ALA A 98 21.09 17.90 -8.60
N ASP A 99 20.90 18.96 -9.36
CA ASP A 99 21.12 18.95 -10.79
C ASP A 99 22.33 19.81 -11.11
N ILE A 100 23.28 19.25 -11.84
CA ILE A 100 24.50 19.96 -12.19
C ILE A 100 24.26 20.92 -13.36
N PRO A 101 24.58 22.21 -13.16
CA PRO A 101 24.41 23.23 -14.20
C PRO A 101 25.24 22.91 -15.43
N GLU A 102 24.58 22.83 -16.58
CA GLU A 102 25.24 22.52 -17.84
C GLU A 102 26.05 23.71 -18.38
N HIS A 103 26.97 24.21 -17.55
CA HIS A 103 27.83 25.33 -17.94
C HIS A 103 28.97 25.49 -16.94
N LYS A 104 30.10 24.86 -17.25
CA LYS A 104 31.28 24.93 -16.40
C LYS A 104 32.53 24.88 -17.26
N PRO A 105 33.01 26.04 -17.72
CA PRO A 105 34.19 26.14 -18.57
C PRO A 105 35.49 25.92 -17.80
N THR A 106 36.52 25.50 -18.52
CA THR A 106 37.83 25.27 -17.92
C THR A 106 38.58 26.58 -17.73
N TYR A 107 37.93 27.54 -17.10
CA TYR A 107 38.50 28.85 -16.84
C TYR A 107 38.52 29.14 -15.35
N ASP A 108 37.34 29.28 -14.78
CA ASP A 108 37.18 29.55 -13.35
C ASP A 108 37.46 28.30 -12.54
N LYS A 109 38.53 28.33 -11.77
CA LYS A 109 38.92 27.21 -10.94
C LYS A 109 38.31 27.34 -9.54
N MET A 110 37.00 27.55 -9.52
CA MET A 110 36.27 27.70 -8.28
C MET A 110 34.91 27.04 -8.42
N GLU A 1 21.89 7.38 7.27
CA GLU A 1 21.70 6.08 7.94
C GLU A 1 21.09 6.26 9.32
N VAL A 2 20.22 7.26 9.46
CA VAL A 2 19.56 7.53 10.74
C VAL A 2 18.07 7.72 10.54
N GLU A 3 17.30 6.73 10.95
CA GLU A 3 15.85 6.76 10.84
C GLU A 3 15.24 6.64 12.23
N ASN A 4 13.97 7.01 12.37
CA ASN A 4 13.29 6.93 13.66
C ASN A 4 12.83 5.50 13.94
N ASN A 5 12.87 4.67 12.91
CA ASN A 5 12.47 3.27 13.04
C ASN A 5 13.16 2.44 11.96
N PHE A 6 13.03 1.13 12.05
CA PHE A 6 13.63 0.22 11.08
C PHE A 6 12.54 -0.60 10.41
N PRO A 7 12.51 -0.59 9.07
CA PRO A 7 11.52 -1.33 8.29
C PRO A 7 11.48 -2.82 8.65
N CYS A 8 10.35 -3.26 9.20
CA CYS A 8 10.21 -4.64 9.61
C CYS A 8 9.93 -5.58 8.43
N SER A 9 8.95 -5.27 7.60
CA SER A 9 8.64 -6.14 6.47
C SER A 9 9.67 -5.98 5.36
N LEU A 10 10.17 -4.77 5.18
CA LEU A 10 11.17 -4.49 4.14
C LEU A 10 12.52 -5.12 4.45
N TYR A 11 12.74 -5.46 5.71
CA TYR A 11 14.00 -6.10 6.10
C TYR A 11 13.83 -7.61 6.08
N LYS A 12 12.58 -8.05 6.21
CA LYS A 12 12.26 -9.47 6.20
C LYS A 12 12.26 -10.02 4.79
N ASP A 13 11.62 -9.29 3.87
CA ASP A 13 11.53 -9.74 2.49
C ASP A 13 11.48 -8.56 1.54
N GLU A 14 11.26 -8.84 0.27
CA GLU A 14 11.17 -7.80 -0.74
C GLU A 14 9.84 -7.06 -0.60
N ILE A 15 9.65 -6.03 -1.41
CA ILE A 15 8.42 -5.26 -1.36
C ILE A 15 7.32 -6.01 -2.08
N MET A 16 6.27 -6.33 -1.32
CA MET A 16 5.12 -7.08 -1.82
C MET A 16 4.35 -6.35 -2.92
N LYS A 17 4.76 -5.12 -3.22
CA LYS A 17 4.13 -4.34 -4.25
C LYS A 17 4.59 -4.82 -5.62
N GLU A 18 5.85 -5.28 -5.68
CA GLU A 18 6.47 -5.80 -6.91
C GLU A 18 6.73 -4.69 -7.93
N ILE A 19 5.77 -3.78 -8.04
CA ILE A 19 5.86 -2.66 -8.97
C ILE A 19 4.86 -1.58 -8.56
N GLU A 20 5.23 -0.32 -8.74
CA GLU A 20 4.35 0.78 -8.35
C GLU A 20 3.44 1.21 -9.52
N ARG A 21 3.22 2.51 -9.62
CA ARG A 21 2.34 3.06 -10.64
C ARG A 21 3.08 4.08 -11.52
N GLU A 22 2.65 5.33 -11.46
CA GLU A 22 3.28 6.40 -12.22
C GLU A 22 4.55 6.85 -11.53
N SER A 23 5.56 7.19 -12.32
CA SER A 23 6.87 7.62 -11.85
C SER A 23 6.79 8.65 -10.70
N LYS A 24 5.76 9.47 -10.69
CA LYS A 24 5.63 10.47 -9.64
C LYS A 24 4.58 10.05 -8.61
N ARG A 25 3.38 9.70 -9.08
CA ARG A 25 2.30 9.28 -8.19
C ARG A 25 1.12 8.73 -8.97
N ILE A 26 0.10 9.57 -9.14
CA ILE A 26 -1.09 9.17 -9.86
C ILE A 26 -1.32 10.10 -11.06
N LYS A 27 -1.66 9.50 -12.19
CA LYS A 27 -1.91 10.24 -13.42
C LYS A 27 -2.50 9.31 -14.46
N LEU A 28 -1.72 8.33 -14.86
CA LEU A 28 -2.17 7.36 -15.85
C LEU A 28 -2.47 6.02 -15.17
N ASN A 29 -3.46 5.31 -15.68
CA ASN A 29 -3.83 4.01 -15.14
C ASN A 29 -3.37 2.92 -16.09
N ASP A 30 -3.99 2.88 -17.26
CA ASP A 30 -3.64 1.91 -18.29
C ASP A 30 -2.88 2.63 -19.40
N ASN A 31 -1.87 1.97 -19.94
CA ASN A 31 -1.06 2.57 -20.99
C ASN A 31 -0.34 1.52 -21.82
N ASP A 32 -0.91 0.32 -21.87
CA ASP A 32 -0.32 -0.77 -22.64
C ASP A 32 -0.66 -0.60 -24.12
N ASP A 33 0.09 0.25 -24.79
CA ASP A 33 -0.13 0.51 -26.21
C ASP A 33 0.76 -0.36 -27.08
N GLU A 34 2.06 -0.22 -26.92
CA GLU A 34 3.02 -0.99 -27.70
C GLU A 34 3.91 -1.84 -26.79
N GLY A 35 4.10 -3.10 -27.18
CA GLY A 35 4.93 -4.01 -26.43
C GLY A 35 4.37 -4.32 -25.05
N ASN A 36 5.25 -4.44 -24.08
CA ASN A 36 4.87 -4.73 -22.70
C ASN A 36 6.05 -4.47 -21.78
N LYS A 37 5.99 -3.34 -21.10
CA LYS A 37 7.06 -2.95 -20.18
C LYS A 37 6.47 -2.18 -19.01
N LYS A 38 6.78 -2.63 -17.80
CA LYS A 38 6.27 -1.99 -16.60
C LYS A 38 7.44 -1.46 -15.77
N ILE A 39 7.47 -0.16 -15.57
CA ILE A 39 8.53 0.47 -14.81
C ILE A 39 8.05 0.79 -13.38
N ILE A 40 8.98 0.77 -12.44
CA ILE A 40 8.66 1.06 -11.05
C ILE A 40 8.80 2.55 -10.77
N ALA A 41 7.86 3.10 -10.02
CA ALA A 41 7.87 4.52 -9.70
C ALA A 41 8.94 4.86 -8.69
N PRO A 42 9.81 5.83 -9.03
CA PRO A 42 10.90 6.28 -8.14
C PRO A 42 10.36 6.84 -6.83
N ARG A 43 9.19 7.49 -6.90
CA ARG A 43 8.58 8.05 -5.70
C ARG A 43 7.75 6.97 -5.00
N ILE A 44 8.38 6.25 -4.09
CA ILE A 44 7.71 5.19 -3.36
C ILE A 44 7.32 5.66 -1.95
N PHE A 45 6.41 4.93 -1.33
CA PHE A 45 5.94 5.25 0.02
C PHE A 45 6.84 4.59 1.05
N ILE A 46 6.91 5.18 2.23
CA ILE A 46 7.72 4.64 3.32
C ILE A 46 6.87 3.75 4.22
N SER A 47 6.25 2.74 3.62
CA SER A 47 5.42 1.81 4.37
C SER A 47 6.25 0.66 4.92
N ASP A 48 6.17 0.47 6.24
CA ASP A 48 6.90 -0.58 6.94
C ASP A 48 6.51 -1.95 6.42
N ASP A 49 5.23 -2.10 6.10
CA ASP A 49 4.68 -3.34 5.58
C ASP A 49 3.66 -3.04 4.49
N LYS A 50 3.66 -3.87 3.46
CA LYS A 50 2.74 -3.72 2.35
C LYS A 50 1.90 -4.98 2.16
N ASP A 51 2.13 -5.96 3.02
CA ASP A 51 1.44 -7.24 2.92
C ASP A 51 0.24 -7.35 3.89
N SER A 52 0.12 -6.41 4.81
CA SER A 52 -0.95 -6.42 5.77
C SER A 52 -2.20 -5.79 5.19
N LEU A 53 -2.04 -4.60 4.64
CA LEU A 53 -3.13 -3.86 4.03
C LEU A 53 -3.77 -4.63 2.89
N LYS A 54 -2.92 -5.23 2.04
CA LYS A 54 -3.37 -6.00 0.87
C LYS A 54 -4.12 -5.10 -0.11
N CYS A 55 -3.93 -3.79 0.03
CA CYS A 55 -4.58 -2.82 -0.82
C CYS A 55 -3.82 -1.50 -0.77
N PRO A 56 -3.20 -1.11 -1.88
CA PRO A 56 -2.40 0.10 -1.92
C PRO A 56 -3.21 1.35 -2.29
N CYS A 57 -4.40 1.47 -1.71
CA CYS A 57 -5.24 2.63 -1.98
C CYS A 57 -4.89 3.76 -0.99
N ASP A 58 -5.90 4.52 -0.54
CA ASP A 58 -5.69 5.60 0.43
C ASP A 58 -4.86 5.10 1.61
N PRO A 59 -3.72 5.77 1.87
CA PRO A 59 -2.79 5.36 2.92
C PRO A 59 -3.08 5.89 4.32
N GLU A 60 -3.42 4.98 5.23
CA GLU A 60 -3.66 5.31 6.62
C GLU A 60 -2.48 4.79 7.42
N MET A 61 -1.77 5.67 8.09
CA MET A 61 -0.60 5.28 8.87
C MET A 61 -1.00 4.45 10.09
N VAL A 62 -0.45 3.23 10.16
CA VAL A 62 -0.74 2.34 11.27
C VAL A 62 0.57 1.95 11.95
N SER A 63 0.58 2.04 13.26
CA SER A 63 1.74 1.70 14.06
C SER A 63 1.49 0.40 14.81
N ASN A 64 2.40 -0.53 14.64
CA ASN A 64 2.30 -1.82 15.30
C ASN A 64 3.02 -1.72 16.64
N SER A 65 3.85 -2.69 16.95
CA SER A 65 4.60 -2.64 18.19
C SER A 65 5.63 -1.52 18.11
N THR A 66 6.18 -1.32 16.92
CA THR A 66 7.17 -0.26 16.69
C THR A 66 7.22 0.19 15.23
N CYS A 67 6.52 -0.51 14.35
CA CYS A 67 6.52 -0.19 12.93
C CYS A 67 5.43 0.82 12.59
N ARG A 68 5.59 1.47 11.45
CA ARG A 68 4.63 2.45 10.96
C ARG A 68 4.46 2.30 9.45
N PHE A 69 3.28 1.90 9.00
CA PHE A 69 3.06 1.70 7.58
C PHE A 69 1.73 2.27 7.11
N PHE A 70 1.65 2.50 5.80
CA PHE A 70 0.44 3.05 5.19
C PHE A 70 -0.48 1.92 4.78
N VAL A 71 -1.58 1.80 5.51
CA VAL A 71 -2.58 0.75 5.28
C VAL A 71 -3.79 1.26 4.50
N CYS A 72 -4.44 0.34 3.80
CA CYS A 72 -5.63 0.62 3.00
C CYS A 72 -6.79 1.06 3.89
N LYS A 73 -7.40 2.20 3.56
CA LYS A 73 -8.52 2.71 4.35
C LYS A 73 -9.58 3.35 3.46
N CYS A 74 -9.76 2.81 2.27
CA CYS A 74 -10.77 3.35 1.35
C CYS A 74 -12.06 2.54 1.45
N VAL A 75 -12.80 2.44 0.36
CA VAL A 75 -14.06 1.70 0.34
C VAL A 75 -14.06 0.62 -0.72
N GLU A 76 -14.32 -0.60 -0.28
CA GLU A 76 -14.39 -1.76 -1.16
C GLU A 76 -15.62 -2.56 -0.78
N ARG A 77 -15.43 -3.78 -0.30
CA ARG A 77 -16.55 -4.61 0.14
C ARG A 77 -17.12 -4.05 1.44
N ARG A 78 -18.43 -3.86 1.48
CA ARG A 78 -19.08 -3.32 2.65
C ARG A 78 -19.09 -4.34 3.80
N ALA A 79 -18.05 -4.31 4.62
CA ALA A 79 -17.94 -5.23 5.74
C ALA A 79 -18.33 -4.56 7.05
N GLU A 80 -18.70 -3.29 6.96
CA GLU A 80 -19.10 -2.52 8.13
C GLU A 80 -20.53 -2.86 8.53
N VAL A 81 -20.71 -3.21 9.79
CA VAL A 81 -22.03 -3.56 10.32
C VAL A 81 -22.88 -2.31 10.50
N THR A 82 -24.07 -2.32 9.92
CA THR A 82 -24.97 -1.18 10.01
C THR A 82 -25.80 -1.22 11.30
N SER A 83 -25.27 -1.85 12.33
CA SER A 83 -25.96 -1.95 13.61
C SER A 83 -24.97 -2.00 14.78
N ASN A 84 -24.13 -0.99 14.89
CA ASN A 84 -23.15 -0.92 15.96
C ASN A 84 -23.59 0.10 17.01
N ASN A 85 -24.66 -0.23 17.72
CA ASN A 85 -25.19 0.66 18.75
C ASN A 85 -24.70 0.24 20.13
N GLU A 86 -24.62 -1.06 20.34
CA GLU A 86 -24.18 -1.60 21.62
C GLU A 86 -22.65 -1.61 21.68
N VAL A 87 -22.08 -0.44 21.97
CA VAL A 87 -20.64 -0.30 22.06
C VAL A 87 -20.15 -0.66 23.46
N VAL A 88 -18.91 -1.13 23.55
CA VAL A 88 -18.31 -1.51 24.82
C VAL A 88 -17.92 -0.28 25.62
N VAL A 89 -17.99 -0.40 26.94
CA VAL A 89 -17.64 0.70 27.84
C VAL A 89 -16.13 0.91 27.89
N LYS A 90 -15.70 2.09 28.30
CA LYS A 90 -14.29 2.41 28.40
C LYS A 90 -13.68 1.78 29.64
N GLU A 91 -12.44 1.31 29.52
CA GLU A 91 -11.74 0.68 30.63
C GLU A 91 -11.26 1.74 31.61
N GLU A 92 -11.40 3.00 31.22
CA GLU A 92 -10.99 4.11 32.05
C GLU A 92 -12.08 4.44 33.08
N TYR A 93 -11.68 5.00 34.21
CA TYR A 93 -12.61 5.36 35.26
C TYR A 93 -13.41 6.60 34.86
N LYS A 94 -14.65 6.66 35.31
CA LYS A 94 -15.53 7.79 35.00
C LYS A 94 -14.99 9.10 35.59
N ASP A 95 -14.19 9.81 34.81
CA ASP A 95 -13.58 11.06 35.24
C ASP A 95 -13.94 12.19 34.29
N GLU A 96 -14.06 11.84 33.01
CA GLU A 96 -14.39 12.81 31.96
C GLU A 96 -15.75 13.48 32.23
N TYR A 97 -15.70 14.75 32.61
CA TYR A 97 -16.92 15.51 32.89
C TYR A 97 -16.73 16.99 32.58
N ALA A 98 -16.18 17.27 31.40
CA ALA A 98 -15.95 18.64 30.98
C ALA A 98 -16.78 18.98 29.75
N ASP A 99 -16.34 18.45 28.61
CA ASP A 99 -17.02 18.67 27.35
C ASP A 99 -18.11 17.63 27.15
N ILE A 100 -19.19 17.79 27.89
CA ILE A 100 -20.32 16.88 27.81
C ILE A 100 -21.16 17.17 26.57
N PRO A 101 -21.37 16.16 25.71
CA PRO A 101 -22.13 16.31 24.47
C PRO A 101 -23.53 16.90 24.70
N GLU A 102 -23.95 17.74 23.77
CA GLU A 102 -25.24 18.41 23.81
C GLU A 102 -26.40 17.42 23.61
N HIS A 103 -26.62 16.60 24.63
CA HIS A 103 -27.67 15.60 24.58
C HIS A 103 -28.87 16.09 25.37
N LYS A 104 -30.06 15.84 24.86
CA LYS A 104 -31.28 16.25 25.51
C LYS A 104 -31.53 15.43 26.79
N PRO A 105 -31.78 16.12 27.91
CA PRO A 105 -32.03 15.46 29.19
C PRO A 105 -33.36 14.72 29.22
N THR A 106 -33.32 13.45 29.57
CA THR A 106 -34.53 12.65 29.61
C THR A 106 -34.46 11.62 30.74
N TYR A 107 -33.27 11.03 30.94
CA TYR A 107 -33.03 10.02 31.97
C TYR A 107 -33.70 8.68 31.62
N ASP A 108 -34.81 8.73 30.88
CA ASP A 108 -35.54 7.53 30.49
C ASP A 108 -34.67 6.61 29.65
N LYS A 109 -34.96 5.32 29.68
CA LYS A 109 -34.19 4.34 28.91
C LYS A 109 -34.88 4.02 27.59
N MET A 110 -34.12 4.16 26.52
CA MET A 110 -34.60 3.86 25.18
C MET A 110 -33.54 3.10 24.42
N GLU A 1 26.16 0.24 9.35
CA GLU A 1 26.29 1.04 8.12
C GLU A 1 25.38 2.27 8.18
N VAL A 2 24.48 2.42 7.21
CA VAL A 2 23.57 3.56 7.20
C VAL A 2 22.43 3.35 8.21
N GLU A 3 22.60 3.91 9.39
CA GLU A 3 21.61 3.79 10.44
C GLU A 3 20.66 5.00 10.44
N ASN A 4 19.45 4.77 9.96
CA ASN A 4 18.44 5.82 9.91
C ASN A 4 17.05 5.25 10.11
N ASN A 5 16.49 4.67 9.05
CA ASN A 5 15.17 4.07 9.13
C ASN A 5 15.23 2.62 8.66
N PHE A 6 15.19 1.71 9.61
CA PHE A 6 15.23 0.29 9.30
C PHE A 6 13.81 -0.24 9.09
N PRO A 7 13.47 -0.61 7.84
CA PRO A 7 12.14 -1.11 7.50
C PRO A 7 11.90 -2.50 8.09
N CYS A 8 11.08 -2.56 9.12
CA CYS A 8 10.77 -3.81 9.82
C CYS A 8 10.07 -4.84 8.93
N SER A 9 8.90 -4.52 8.42
CA SER A 9 8.15 -5.45 7.60
C SER A 9 8.61 -5.49 6.15
N LEU A 10 9.36 -4.48 5.73
CA LEU A 10 9.86 -4.44 4.37
C LEU A 10 11.03 -5.41 4.24
N TYR A 11 11.75 -5.60 5.35
CA TYR A 11 12.87 -6.52 5.40
C TYR A 11 12.34 -7.89 5.86
N LYS A 12 11.18 -7.86 6.50
CA LYS A 12 10.50 -9.04 7.02
C LYS A 12 10.27 -10.09 5.93
N ASP A 13 9.91 -9.65 4.72
CA ASP A 13 9.66 -10.58 3.63
C ASP A 13 9.71 -9.89 2.27
N GLU A 14 8.57 -9.86 1.59
CA GLU A 14 8.46 -9.26 0.28
C GLU A 14 8.57 -7.74 0.37
N ILE A 15 9.41 -7.17 -0.49
CA ILE A 15 9.60 -5.73 -0.51
C ILE A 15 9.11 -5.13 -1.83
N MET A 16 8.25 -4.13 -1.73
CA MET A 16 7.68 -3.47 -2.90
C MET A 16 8.74 -2.73 -3.73
N LYS A 17 9.98 -2.74 -3.24
CA LYS A 17 11.08 -2.08 -3.92
C LYS A 17 11.27 -2.65 -5.33
N GLU A 18 10.90 -3.92 -5.53
CA GLU A 18 11.03 -4.53 -6.85
C GLU A 18 9.87 -4.14 -7.76
N ILE A 19 9.46 -2.88 -7.64
CA ILE A 19 8.40 -2.32 -8.45
C ILE A 19 8.93 -1.97 -9.83
N GLU A 20 8.03 -1.65 -10.76
CA GLU A 20 8.41 -1.32 -12.13
C GLU A 20 9.32 -0.09 -12.18
N ARG A 21 8.73 1.10 -12.28
CA ARG A 21 9.51 2.32 -12.34
C ARG A 21 9.15 3.29 -11.24
N GLU A 22 10.14 4.02 -10.74
CA GLU A 22 9.91 5.02 -9.71
C GLU A 22 9.34 6.27 -10.37
N SER A 23 8.02 6.38 -10.35
CA SER A 23 7.33 7.49 -10.96
C SER A 23 6.83 8.46 -9.91
N LYS A 24 7.33 8.33 -8.69
CA LYS A 24 6.91 9.19 -7.59
C LYS A 24 7.25 10.66 -7.90
N ARG A 25 8.33 10.87 -8.64
CA ARG A 25 8.77 12.21 -9.00
C ARG A 25 8.13 12.69 -10.30
N ILE A 26 7.31 11.85 -10.92
CA ILE A 26 6.65 12.22 -12.16
C ILE A 26 5.14 12.14 -12.00
N LYS A 27 4.42 12.87 -12.84
CA LYS A 27 2.97 12.88 -12.79
C LYS A 27 2.41 11.62 -13.44
N LEU A 28 1.16 11.29 -13.10
CA LEU A 28 0.51 10.10 -13.65
C LEU A 28 0.12 10.31 -15.12
N ASN A 29 1.13 10.28 -15.98
CA ASN A 29 0.92 10.45 -17.41
C ASN A 29 1.41 9.21 -18.15
N ASP A 30 1.05 8.06 -17.62
CA ASP A 30 1.45 6.78 -18.21
C ASP A 30 0.50 6.41 -19.35
N ASN A 31 -0.46 5.56 -19.06
CA ASN A 31 -1.44 5.12 -20.05
C ASN A 31 -2.79 4.92 -19.36
N ASP A 32 -3.85 4.83 -20.15
CA ASP A 32 -5.20 4.64 -19.60
C ASP A 32 -5.63 3.20 -19.72
N ASP A 33 -5.95 2.77 -20.93
CA ASP A 33 -6.36 1.40 -21.18
C ASP A 33 -6.08 1.00 -22.63
N GLU A 34 -4.80 1.00 -22.97
CA GLU A 34 -4.36 0.64 -24.31
C GLU A 34 -4.50 -0.87 -24.54
N GLY A 35 -3.41 -1.55 -24.84
CA GLY A 35 -3.48 -2.98 -25.09
C GLY A 35 -2.79 -3.80 -24.01
N ASN A 36 -2.85 -3.35 -22.77
CA ASN A 36 -2.25 -4.08 -21.66
C ASN A 36 -2.68 -3.49 -20.32
N LYS A 37 -2.65 -4.32 -19.30
CA LYS A 37 -3.02 -3.90 -17.95
C LYS A 37 -1.74 -3.64 -17.14
N LYS A 38 -1.04 -2.58 -17.50
CA LYS A 38 0.20 -2.22 -16.83
C LYS A 38 0.05 -0.90 -16.09
N ILE A 39 0.23 -0.94 -14.78
CA ILE A 39 0.14 0.25 -13.95
C ILE A 39 1.53 0.65 -13.47
N ILE A 40 1.71 1.92 -13.15
CA ILE A 40 2.99 2.43 -12.68
C ILE A 40 2.84 2.97 -11.26
N ALA A 41 3.94 3.06 -10.53
CA ALA A 41 3.90 3.54 -9.15
C ALA A 41 4.32 5.02 -9.06
N PRO A 42 3.35 5.93 -8.90
CA PRO A 42 3.61 7.36 -8.79
C PRO A 42 3.79 7.81 -7.35
N ARG A 43 3.79 6.84 -6.44
CA ARG A 43 3.94 7.11 -5.01
C ARG A 43 4.99 6.17 -4.42
N ILE A 44 5.91 6.73 -3.67
CA ILE A 44 6.96 5.94 -3.03
C ILE A 44 6.42 5.26 -1.77
N PHE A 45 7.13 4.26 -1.26
CA PHE A 45 6.70 3.56 -0.07
C PHE A 45 6.94 4.42 1.16
N ILE A 46 5.94 4.47 2.03
CA ILE A 46 6.02 5.27 3.24
C ILE A 46 5.76 4.41 4.47
N SER A 47 5.33 3.18 4.25
CA SER A 47 5.03 2.27 5.34
C SER A 47 6.15 1.28 5.54
N ASP A 48 6.30 0.81 6.77
CA ASP A 48 7.29 -0.17 7.13
C ASP A 48 6.83 -1.54 6.66
N ASP A 49 5.57 -1.60 6.21
CA ASP A 49 4.98 -2.83 5.69
C ASP A 49 4.14 -2.52 4.46
N LYS A 50 4.40 -3.22 3.38
CA LYS A 50 3.66 -3.01 2.14
C LYS A 50 2.99 -4.29 1.64
N ASP A 51 3.14 -5.37 2.40
CA ASP A 51 2.59 -6.66 2.01
C ASP A 51 1.28 -7.01 2.73
N SER A 52 1.01 -6.37 3.87
CA SER A 52 -0.20 -6.68 4.62
C SER A 52 -1.41 -5.95 4.04
N LEU A 53 -1.28 -4.63 3.87
CA LEU A 53 -2.36 -3.82 3.32
C LEU A 53 -2.74 -4.33 1.93
N LYS A 54 -1.73 -4.75 1.17
CA LYS A 54 -1.91 -5.29 -0.18
C LYS A 54 -2.64 -4.31 -1.10
N CYS A 55 -2.67 -3.04 -0.70
CA CYS A 55 -3.33 -2.01 -1.48
C CYS A 55 -2.79 -0.65 -1.09
N PRO A 56 -2.17 0.07 -2.02
CA PRO A 56 -1.60 1.36 -1.72
C PRO A 56 -2.56 2.52 -1.97
N CYS A 57 -3.79 2.38 -1.50
CA CYS A 57 -4.77 3.45 -1.68
C CYS A 57 -4.66 4.45 -0.52
N ASP A 58 -5.78 5.05 -0.10
CA ASP A 58 -5.78 6.01 1.01
C ASP A 58 -5.02 5.41 2.20
N PRO A 59 -3.96 6.10 2.63
CA PRO A 59 -3.07 5.63 3.69
C PRO A 59 -3.57 5.91 5.11
N GLU A 60 -3.68 4.85 5.89
CA GLU A 60 -4.09 4.91 7.28
C GLU A 60 -2.96 4.36 8.14
N MET A 61 -2.80 4.83 9.36
CA MET A 61 -1.72 4.34 10.20
C MET A 61 -2.18 3.22 11.13
N VAL A 62 -1.46 2.11 11.05
CA VAL A 62 -1.73 0.93 11.86
C VAL A 62 -0.42 0.47 12.51
N SER A 63 0.13 1.33 13.36
CA SER A 63 1.38 1.04 14.04
C SER A 63 1.25 -0.18 14.96
N ASN A 64 1.87 -1.27 14.54
CA ASN A 64 1.83 -2.53 15.28
C ASN A 64 2.50 -2.38 16.63
N SER A 65 3.80 -2.61 16.67
CA SER A 65 4.56 -2.50 17.89
C SER A 65 5.23 -1.13 18.00
N THR A 66 5.93 -0.73 16.95
CA THR A 66 6.63 0.56 16.94
C THR A 66 6.91 1.05 15.52
N CYS A 67 6.52 0.26 14.53
CA CYS A 67 6.75 0.64 13.14
C CYS A 67 5.61 1.48 12.59
N ARG A 68 5.90 2.17 11.51
CA ARG A 68 4.94 3.03 10.83
C ARG A 68 4.30 2.22 9.72
N PHE A 69 3.07 1.81 9.96
CA PHE A 69 2.35 0.98 9.00
C PHE A 69 1.20 1.72 8.35
N PHE A 70 1.21 1.81 7.02
CA PHE A 70 0.15 2.46 6.28
C PHE A 70 -0.76 1.41 5.67
N VAL A 71 -1.98 1.35 6.15
CA VAL A 71 -2.95 0.36 5.68
C VAL A 71 -4.04 0.98 4.81
N CYS A 72 -4.38 0.24 3.76
CA CYS A 72 -5.42 0.62 2.81
C CYS A 72 -6.80 0.38 3.39
N LYS A 73 -7.69 1.36 3.26
CA LYS A 73 -9.04 1.22 3.77
C LYS A 73 -9.98 2.20 3.08
N CYS A 74 -9.93 2.22 1.76
CA CYS A 74 -10.78 3.12 0.99
C CYS A 74 -12.12 2.47 0.66
N VAL A 75 -12.12 1.54 -0.29
CA VAL A 75 -13.35 0.86 -0.69
C VAL A 75 -13.22 -0.65 -0.54
N GLU A 76 -14.08 -1.25 0.26
CA GLU A 76 -14.07 -2.70 0.46
C GLU A 76 -15.14 -3.34 -0.40
N ARG A 77 -14.86 -3.47 -1.68
CA ARG A 77 -15.79 -4.06 -2.64
C ARG A 77 -15.39 -5.51 -2.95
N ARG A 78 -15.82 -5.99 -4.12
CA ARG A 78 -15.50 -7.34 -4.54
C ARG A 78 -14.00 -7.47 -4.78
N ALA A 79 -13.42 -8.55 -4.26
CA ALA A 79 -11.99 -8.81 -4.39
C ALA A 79 -11.60 -8.99 -5.85
N GLU A 80 -10.96 -7.96 -6.41
CA GLU A 80 -10.53 -8.00 -7.79
C GLU A 80 -9.00 -8.02 -7.85
N VAL A 81 -8.45 -9.00 -8.54
CA VAL A 81 -7.01 -9.11 -8.66
C VAL A 81 -6.51 -8.12 -9.70
N THR A 82 -5.73 -7.16 -9.24
CA THR A 82 -5.20 -6.11 -10.12
C THR A 82 -4.09 -6.64 -11.03
N SER A 83 -3.41 -7.70 -10.62
CA SER A 83 -2.33 -8.26 -11.42
C SER A 83 -2.16 -9.75 -11.11
N ASN A 84 -1.60 -10.47 -12.06
CA ASN A 84 -1.37 -11.90 -11.89
C ASN A 84 0.09 -12.15 -11.55
N ASN A 85 0.35 -13.19 -10.76
CA ASN A 85 1.71 -13.54 -10.36
C ASN A 85 2.53 -13.96 -11.56
N GLU A 86 1.88 -14.61 -12.51
CA GLU A 86 2.54 -15.04 -13.73
C GLU A 86 2.59 -13.91 -14.74
N VAL A 87 3.55 -13.01 -14.55
CA VAL A 87 3.71 -11.86 -15.42
C VAL A 87 4.48 -12.22 -16.68
N VAL A 88 4.05 -11.69 -17.81
CA VAL A 88 4.70 -11.93 -19.08
C VAL A 88 5.71 -10.83 -19.37
N VAL A 89 6.95 -11.23 -19.62
CA VAL A 89 8.03 -10.27 -19.90
C VAL A 89 7.86 -9.68 -21.29
N LYS A 90 7.89 -8.36 -21.38
CA LYS A 90 7.74 -7.67 -22.66
C LYS A 90 8.47 -6.34 -22.64
N GLU A 91 9.79 -6.39 -22.39
CA GLU A 91 10.59 -5.19 -22.37
C GLU A 91 11.00 -4.81 -23.78
N GLU A 92 10.10 -4.16 -24.49
CA GLU A 92 10.35 -3.75 -25.87
C GLU A 92 10.75 -2.29 -25.89
N TYR A 93 11.76 -1.97 -26.68
CA TYR A 93 12.23 -0.60 -26.79
C TYR A 93 11.53 0.12 -27.93
N LYS A 94 10.88 1.23 -27.59
CA LYS A 94 10.16 2.02 -28.58
C LYS A 94 11.10 2.52 -29.67
N ASP A 95 10.66 2.39 -30.91
CA ASP A 95 11.45 2.81 -32.06
C ASP A 95 11.64 4.33 -32.09
N GLU A 96 10.55 5.08 -31.96
CA GLU A 96 10.62 6.52 -31.98
C GLU A 96 9.37 7.14 -31.36
N TYR A 97 9.39 8.45 -31.15
CA TYR A 97 8.26 9.15 -30.57
C TYR A 97 7.76 10.23 -31.53
N ALA A 98 6.49 10.60 -31.38
CA ALA A 98 5.89 11.62 -32.22
C ALA A 98 6.14 13.02 -31.66
N ASP A 99 7.39 13.29 -31.33
CA ASP A 99 7.80 14.58 -30.78
C ASP A 99 9.33 14.66 -30.74
N ILE A 100 9.86 15.85 -30.64
CA ILE A 100 11.29 16.05 -30.58
C ILE A 100 11.73 16.48 -29.17
N PRO A 101 12.34 15.56 -28.42
CA PRO A 101 12.77 15.83 -27.05
C PRO A 101 14.08 16.64 -27.01
N GLU A 102 14.14 17.57 -26.07
CA GLU A 102 15.32 18.40 -25.91
C GLU A 102 16.24 17.77 -24.86
N HIS A 103 17.53 17.98 -25.02
CA HIS A 103 18.51 17.44 -24.09
C HIS A 103 18.42 18.14 -22.74
N LYS A 104 18.48 17.37 -21.66
CA LYS A 104 18.41 17.93 -20.31
C LYS A 104 19.46 19.03 -20.12
N PRO A 105 20.75 18.77 -20.40
CA PRO A 105 21.80 19.79 -20.26
C PRO A 105 21.72 20.82 -21.39
N THR A 106 20.78 21.74 -21.27
CA THR A 106 20.56 22.77 -22.27
C THR A 106 21.37 24.04 -21.91
N TYR A 107 21.07 25.14 -22.60
CA TYR A 107 21.74 26.43 -22.41
C TYR A 107 23.04 26.50 -23.21
N ASP A 108 23.31 27.66 -23.80
CA ASP A 108 24.50 27.90 -24.61
C ASP A 108 24.43 27.10 -25.91
N LYS A 109 25.60 26.80 -26.48
CA LYS A 109 25.68 26.05 -27.72
C LYS A 109 26.91 25.14 -27.69
N MET A 110 28.08 25.74 -27.93
CA MET A 110 29.35 25.01 -27.92
C MET A 110 29.29 23.78 -28.83
N GLU A 1 23.78 11.20 4.93
CA GLU A 1 22.76 11.32 5.99
C GLU A 1 21.60 10.36 5.70
N VAL A 2 21.41 9.39 6.60
CA VAL A 2 20.33 8.41 6.44
C VAL A 2 19.73 8.07 7.80
N GLU A 3 19.51 9.09 8.62
CA GLU A 3 18.94 8.91 9.94
C GLU A 3 17.43 8.70 9.86
N ASN A 4 17.01 7.47 10.07
CA ASN A 4 15.60 7.12 10.02
C ASN A 4 15.34 5.85 10.82
N ASN A 5 15.16 4.75 10.12
CA ASN A 5 14.92 3.45 10.75
C ASN A 5 15.05 2.35 9.72
N PHE A 6 14.91 1.11 10.15
CA PHE A 6 14.99 -0.03 9.25
C PHE A 6 13.59 -0.55 8.94
N PRO A 7 13.35 -0.93 7.68
CA PRO A 7 12.03 -1.45 7.26
C PRO A 7 11.73 -2.79 7.94
N CYS A 8 10.59 -2.86 8.61
CA CYS A 8 10.19 -4.07 9.31
C CYS A 8 9.71 -5.17 8.37
N SER A 9 8.72 -4.88 7.52
CA SER A 9 8.23 -5.91 6.61
C SER A 9 9.06 -6.01 5.34
N LEU A 10 9.69 -4.93 4.95
CA LEU A 10 10.52 -4.94 3.74
C LEU A 10 11.76 -5.80 3.94
N TYR A 11 12.18 -5.93 5.20
CA TYR A 11 13.34 -6.74 5.52
C TYR A 11 12.87 -8.14 5.90
N LYS A 12 11.61 -8.24 6.32
CA LYS A 12 11.02 -9.51 6.72
C LYS A 12 10.73 -10.36 5.48
N ASP A 13 10.26 -9.72 4.43
CA ASP A 13 9.94 -10.40 3.19
C ASP A 13 10.73 -9.77 2.03
N GLU A 14 10.16 -9.81 0.84
CA GLU A 14 10.79 -9.23 -0.33
C GLU A 14 10.28 -7.81 -0.54
N ILE A 15 11.13 -6.93 -1.04
CA ILE A 15 10.74 -5.55 -1.27
C ILE A 15 9.92 -5.45 -2.56
N MET A 16 8.64 -5.16 -2.36
CA MET A 16 7.68 -5.05 -3.46
C MET A 16 7.92 -3.82 -4.32
N LYS A 17 8.85 -2.96 -3.91
CA LYS A 17 9.15 -1.76 -4.66
C LYS A 17 10.22 -2.03 -5.70
N GLU A 18 11.03 -3.08 -5.45
CA GLU A 18 12.12 -3.49 -6.34
C GLU A 18 13.27 -2.48 -6.32
N ILE A 19 12.95 -1.21 -6.44
CA ILE A 19 13.95 -0.15 -6.43
C ILE A 19 13.31 1.20 -6.13
N GLU A 20 14.01 2.00 -5.34
CA GLU A 20 13.52 3.32 -4.94
C GLU A 20 13.68 4.34 -6.07
N ARG A 21 14.57 4.02 -7.01
CA ARG A 21 14.83 4.90 -8.16
C ARG A 21 13.55 5.13 -8.97
N GLU A 22 12.59 4.22 -8.82
CA GLU A 22 11.33 4.32 -9.54
C GLU A 22 10.41 5.36 -8.89
N SER A 23 10.35 5.35 -7.56
CA SER A 23 9.51 6.28 -6.83
C SER A 23 10.03 7.71 -6.91
N LYS A 24 11.30 7.87 -7.30
CA LYS A 24 11.90 9.18 -7.45
C LYS A 24 11.19 9.93 -8.58
N ARG A 25 10.79 9.15 -9.59
CA ARG A 25 10.07 9.66 -10.77
C ARG A 25 10.90 10.63 -11.59
N ILE A 26 10.95 11.89 -11.17
CA ILE A 26 11.67 12.92 -11.88
C ILE A 26 13.19 12.70 -11.79
N LYS A 27 13.76 12.23 -12.89
CA LYS A 27 15.20 11.98 -12.98
C LYS A 27 15.66 12.18 -14.41
N LEU A 28 15.40 13.37 -14.94
CA LEU A 28 15.77 13.71 -16.31
C LEU A 28 17.29 13.72 -16.48
N ASN A 29 17.98 14.08 -15.42
CA ASN A 29 19.44 14.11 -15.42
C ASN A 29 19.98 12.74 -15.07
N ASP A 30 19.66 11.76 -15.90
CA ASP A 30 20.09 10.39 -15.68
C ASP A 30 21.48 10.14 -16.24
N ASN A 31 22.24 9.32 -15.53
CA ASN A 31 23.59 8.96 -15.94
C ASN A 31 23.74 7.44 -15.88
N ASP A 32 22.61 6.76 -15.69
CA ASP A 32 22.60 5.30 -15.62
C ASP A 32 22.10 4.74 -16.95
N ASP A 33 22.77 5.11 -18.04
CA ASP A 33 22.40 4.67 -19.38
C ASP A 33 22.50 3.15 -19.53
N GLU A 34 23.72 2.64 -19.61
CA GLU A 34 23.93 1.21 -19.76
C GLU A 34 24.53 0.65 -18.48
N GLY A 35 24.21 -0.60 -18.17
CA GLY A 35 24.73 -1.22 -16.97
C GLY A 35 23.69 -1.30 -15.88
N ASN A 36 23.65 -2.42 -15.16
CA ASN A 36 22.69 -2.60 -14.07
C ASN A 36 23.17 -1.88 -12.82
N LYS A 37 23.30 -0.56 -12.93
CA LYS A 37 23.75 0.28 -11.83
C LYS A 37 22.71 0.34 -10.72
N LYS A 38 22.96 -0.41 -9.65
CA LYS A 38 22.05 -0.43 -8.51
C LYS A 38 22.27 0.82 -7.67
N ILE A 39 21.43 1.82 -7.88
CA ILE A 39 21.54 3.07 -7.16
C ILE A 39 20.19 3.44 -6.52
N ILE A 40 20.25 3.91 -5.28
CA ILE A 40 19.06 4.29 -4.55
C ILE A 40 18.71 5.74 -4.86
N ALA A 41 17.41 6.04 -4.86
CA ALA A 41 16.95 7.37 -5.16
C ALA A 41 16.77 8.19 -3.88
N PRO A 42 16.82 9.52 -3.99
CA PRO A 42 16.66 10.43 -2.84
C PRO A 42 15.27 10.37 -2.22
N ARG A 43 14.33 9.71 -2.89
CA ARG A 43 12.99 9.56 -2.39
C ARG A 43 12.96 8.57 -1.23
N ILE A 44 12.18 8.87 -0.22
CA ILE A 44 12.08 8.00 0.95
C ILE A 44 10.71 7.32 0.98
N PHE A 45 10.71 6.03 1.33
CA PHE A 45 9.50 5.24 1.41
C PHE A 45 8.56 5.77 2.49
N ILE A 46 7.28 5.46 2.37
CA ILE A 46 6.30 5.90 3.36
C ILE A 46 6.13 4.83 4.43
N SER A 47 5.69 3.66 4.00
CA SER A 47 5.51 2.53 4.90
C SER A 47 6.45 1.40 4.53
N ASP A 48 6.81 0.59 5.51
CA ASP A 48 7.72 -0.52 5.30
C ASP A 48 6.96 -1.85 5.22
N ASP A 49 5.66 -1.78 4.94
CA ASP A 49 4.82 -2.97 4.83
C ASP A 49 3.84 -2.85 3.67
N LYS A 50 3.61 -3.97 3.01
CA LYS A 50 2.69 -4.02 1.88
C LYS A 50 1.60 -5.05 2.14
N ASP A 51 2.02 -6.26 2.53
CA ASP A 51 1.10 -7.37 2.72
C ASP A 51 0.21 -7.26 3.96
N SER A 52 0.61 -6.46 4.93
CA SER A 52 -0.18 -6.32 6.14
C SER A 52 -1.54 -5.70 5.81
N LEU A 53 -1.57 -4.90 4.76
CA LEU A 53 -2.78 -4.26 4.30
C LEU A 53 -3.22 -4.87 2.97
N LYS A 54 -2.23 -5.29 2.18
CA LYS A 54 -2.45 -5.91 0.87
C LYS A 54 -3.05 -4.92 -0.12
N CYS A 55 -3.06 -3.64 0.28
CA CYS A 55 -3.59 -2.58 -0.54
C CYS A 55 -3.05 -1.24 -0.05
N PRO A 56 -2.23 -0.56 -0.86
CA PRO A 56 -1.62 0.71 -0.47
C PRO A 56 -2.51 1.92 -0.74
N CYS A 57 -3.82 1.75 -0.58
CA CYS A 57 -4.74 2.86 -0.81
C CYS A 57 -5.10 3.51 0.51
N ASP A 58 -5.27 4.84 0.48
CA ASP A 58 -5.62 5.63 1.66
C ASP A 58 -4.46 5.67 2.67
N PRO A 59 -4.27 6.83 3.32
CA PRO A 59 -3.18 7.02 4.26
C PRO A 59 -3.58 6.77 5.72
N GLU A 60 -4.07 5.59 6.04
CA GLU A 60 -4.41 5.26 7.42
C GLU A 60 -3.13 4.80 8.10
N MET A 61 -3.02 4.90 9.41
CA MET A 61 -1.78 4.52 10.09
C MET A 61 -1.85 3.16 10.80
N VAL A 62 -0.91 2.28 10.45
CA VAL A 62 -0.84 0.96 11.08
C VAL A 62 0.32 0.91 12.08
N SER A 63 0.31 1.78 13.07
CA SER A 63 1.35 1.79 14.09
C SER A 63 1.06 0.69 15.10
N ASN A 64 1.07 -0.54 14.60
CA ASN A 64 0.77 -1.73 15.39
C ASN A 64 1.75 -1.90 16.55
N SER A 65 3.03 -1.89 16.26
CA SER A 65 4.05 -2.04 17.29
C SER A 65 4.98 -0.83 17.31
N THR A 66 6.08 -0.94 16.58
CA THR A 66 7.05 0.13 16.49
C THR A 66 7.11 0.71 15.09
N CYS A 67 6.47 0.02 14.15
CA CYS A 67 6.44 0.44 12.77
C CYS A 67 5.10 1.11 12.46
N ARG A 68 5.10 1.90 11.40
CA ARG A 68 3.91 2.64 10.98
C ARG A 68 3.74 2.57 9.47
N PHE A 69 2.64 1.98 9.02
CA PHE A 69 2.37 1.86 7.60
C PHE A 69 1.03 2.50 7.25
N PHE A 70 0.73 2.60 5.95
CA PHE A 70 -0.55 3.16 5.51
C PHE A 70 -1.59 2.06 5.37
N VAL A 71 -2.69 2.16 6.11
CA VAL A 71 -3.73 1.15 6.05
C VAL A 71 -4.71 1.44 4.92
N CYS A 72 -5.09 0.38 4.22
CA CYS A 72 -6.05 0.45 3.13
C CYS A 72 -7.44 0.73 3.70
N LYS A 73 -7.95 1.92 3.47
CA LYS A 73 -9.27 2.29 4.00
C LYS A 73 -10.26 2.62 2.90
N CYS A 74 -9.96 2.24 1.68
CA CYS A 74 -10.85 2.49 0.57
C CYS A 74 -11.47 1.19 0.12
N VAL A 75 -12.64 1.30 -0.46
CA VAL A 75 -13.39 0.15 -0.96
C VAL A 75 -13.18 -0.02 -2.46
N GLU A 76 -13.44 -1.23 -2.94
CA GLU A 76 -13.28 -1.54 -4.36
C GLU A 76 -14.43 -0.95 -5.19
N ARG A 77 -15.58 -1.59 -5.14
CA ARG A 77 -16.74 -1.13 -5.88
C ARG A 77 -18.01 -1.64 -5.22
N ARG A 78 -17.99 -2.89 -4.77
CA ARG A 78 -19.14 -3.50 -4.12
C ARG A 78 -19.24 -3.05 -2.65
N ALA A 79 -19.54 -1.77 -2.46
CA ALA A 79 -19.68 -1.20 -1.13
C ALA A 79 -21.09 -1.42 -0.62
N GLU A 80 -21.39 -2.66 -0.25
CA GLU A 80 -22.70 -3.04 0.25
C GLU A 80 -22.73 -3.03 1.77
N VAL A 81 -23.77 -2.41 2.33
CA VAL A 81 -23.92 -2.35 3.77
C VAL A 81 -24.54 -3.64 4.28
N THR A 82 -23.84 -4.31 5.19
CA THR A 82 -24.30 -5.56 5.75
C THR A 82 -25.37 -5.35 6.83
N SER A 83 -26.46 -4.69 6.47
CA SER A 83 -27.55 -4.43 7.41
C SER A 83 -28.47 -5.64 7.53
N ASN A 84 -28.01 -6.75 6.98
CA ASN A 84 -28.75 -8.01 7.03
C ASN A 84 -28.07 -8.93 8.03
N ASN A 85 -27.90 -8.43 9.25
CA ASN A 85 -27.23 -9.17 10.32
C ASN A 85 -28.17 -10.18 10.98
N GLU A 86 -29.46 -9.96 10.85
CA GLU A 86 -30.44 -10.85 11.46
C GLU A 86 -31.37 -11.41 10.39
N VAL A 87 -31.75 -12.67 10.56
CA VAL A 87 -32.64 -13.34 9.64
C VAL A 87 -34.06 -12.80 9.79
N VAL A 88 -34.73 -12.57 8.67
CA VAL A 88 -36.09 -12.06 8.69
C VAL A 88 -37.06 -13.12 9.17
N VAL A 89 -37.65 -12.89 10.34
CA VAL A 89 -38.60 -13.83 10.91
C VAL A 89 -39.91 -13.80 10.13
N LYS A 90 -40.44 -14.98 9.84
CA LYS A 90 -41.69 -15.09 9.10
C LYS A 90 -42.45 -16.35 9.50
N GLU A 91 -43.01 -16.35 10.71
CA GLU A 91 -43.76 -17.48 11.20
C GLU A 91 -45.25 -17.19 11.21
N GLU A 92 -45.93 -17.66 10.18
CA GLU A 92 -47.37 -17.45 10.06
C GLU A 92 -48.09 -18.76 10.34
N TYR A 93 -48.80 -18.80 11.45
CA TYR A 93 -49.53 -20.01 11.85
C TYR A 93 -50.85 -20.11 11.10
N LYS A 94 -51.16 -21.31 10.62
CA LYS A 94 -52.38 -21.56 9.87
C LYS A 94 -53.57 -21.71 10.82
N ASP A 95 -54.36 -20.65 10.92
CA ASP A 95 -55.55 -20.66 11.78
C ASP A 95 -56.74 -20.05 11.05
N GLU A 96 -56.72 -18.74 10.88
CA GLU A 96 -57.79 -18.04 10.17
C GLU A 96 -57.22 -16.82 9.46
N TYR A 97 -58.08 -16.03 8.85
CA TYR A 97 -57.65 -14.83 8.14
C TYR A 97 -58.21 -13.58 8.80
N ALA A 98 -57.58 -12.45 8.54
CA ALA A 98 -58.01 -11.19 9.12
C ALA A 98 -59.17 -10.60 8.31
N ASP A 99 -59.24 -10.98 7.05
CA ASP A 99 -60.28 -10.52 6.16
C ASP A 99 -61.26 -11.65 5.85
N ILE A 100 -62.47 -11.27 5.47
CA ILE A 100 -63.50 -12.24 5.14
C ILE A 100 -63.76 -12.26 3.63
N PRO A 101 -63.30 -13.34 2.96
CA PRO A 101 -63.45 -13.49 1.51
C PRO A 101 -64.92 -13.52 1.07
N GLU A 102 -65.70 -14.40 1.68
CA GLU A 102 -67.11 -14.53 1.36
C GLU A 102 -67.87 -15.11 2.55
N HIS A 103 -69.15 -15.37 2.38
CA HIS A 103 -69.96 -15.93 3.44
C HIS A 103 -69.44 -17.32 3.83
N LYS A 104 -69.24 -17.51 5.13
CA LYS A 104 -68.72 -18.79 5.64
C LYS A 104 -69.72 -19.91 5.37
N PRO A 105 -69.23 -21.07 4.91
CA PRO A 105 -70.08 -22.23 4.60
C PRO A 105 -70.92 -22.67 5.80
N THR A 106 -72.21 -22.37 5.75
CA THR A 106 -73.12 -22.75 6.83
C THR A 106 -74.10 -23.81 6.35
N TYR A 107 -73.57 -24.78 5.59
CA TYR A 107 -74.38 -25.86 5.03
C TYR A 107 -75.43 -25.30 4.09
N ASP A 108 -74.96 -24.65 3.03
CA ASP A 108 -75.84 -24.03 2.04
C ASP A 108 -76.31 -25.05 1.00
N LYS A 109 -76.18 -26.33 1.36
CA LYS A 109 -76.58 -27.44 0.48
C LYS A 109 -75.61 -27.57 -0.69
N MET A 110 -75.87 -26.81 -1.76
CA MET A 110 -75.04 -26.83 -2.97
C MET A 110 -74.98 -28.23 -3.56
N GLU A 1 17.02 14.56 18.76
CA GLU A 1 17.59 14.08 17.47
C GLU A 1 17.72 12.57 17.49
N VAL A 2 16.97 11.91 16.63
CA VAL A 2 17.01 10.45 16.53
C VAL A 2 17.23 10.03 15.08
N GLU A 3 18.00 8.97 14.89
CA GLU A 3 18.30 8.46 13.55
C GLU A 3 17.04 7.90 12.92
N ASN A 4 16.95 7.97 11.60
CA ASN A 4 15.79 7.46 10.88
C ASN A 4 15.65 5.96 11.10
N ASN A 5 14.52 5.56 11.66
CA ASN A 5 14.25 4.14 11.92
C ASN A 5 14.22 3.34 10.63
N PHE A 6 14.48 2.05 10.75
CA PHE A 6 14.48 1.16 9.60
C PHE A 6 13.15 0.42 9.52
N PRO A 7 12.66 0.16 8.29
CA PRO A 7 11.39 -0.55 8.08
C PRO A 7 11.48 -2.01 8.50
N CYS A 8 10.35 -2.60 8.87
CA CYS A 8 10.34 -3.97 9.33
C CYS A 8 10.13 -4.97 8.18
N SER A 9 9.03 -4.85 7.45
CA SER A 9 8.76 -5.76 6.34
C SER A 9 9.70 -5.49 5.17
N LEU A 10 10.10 -4.24 5.01
CA LEU A 10 11.00 -3.88 3.92
C LEU A 10 12.43 -4.34 4.21
N TYR A 11 12.73 -4.56 5.49
CA TYR A 11 14.06 -5.02 5.88
C TYR A 11 14.14 -6.53 5.71
N LYS A 12 13.00 -7.17 5.79
CA LYS A 12 12.90 -8.62 5.65
C LYS A 12 13.20 -9.04 4.20
N ASP A 13 13.12 -8.06 3.29
CA ASP A 13 13.40 -8.26 1.86
C ASP A 13 12.30 -9.08 1.17
N GLU A 14 12.05 -10.28 1.67
CA GLU A 14 11.03 -11.16 1.12
C GLU A 14 9.62 -10.62 1.39
N ILE A 15 9.13 -9.81 0.47
CA ILE A 15 7.79 -9.23 0.58
C ILE A 15 6.94 -9.70 -0.59
N MET A 16 5.76 -10.23 -0.28
CA MET A 16 4.86 -10.76 -1.30
C MET A 16 4.31 -9.67 -2.22
N LYS A 17 4.40 -8.41 -1.81
CA LYS A 17 3.92 -7.31 -2.61
C LYS A 17 5.03 -6.80 -3.50
N GLU A 18 6.28 -7.05 -3.08
CA GLU A 18 7.48 -6.65 -3.80
C GLU A 18 7.65 -5.12 -3.81
N ILE A 19 6.62 -4.44 -4.28
CA ILE A 19 6.59 -2.98 -4.38
C ILE A 19 5.30 -2.54 -5.10
N GLU A 20 4.20 -3.20 -4.76
CA GLU A 20 2.91 -2.90 -5.36
C GLU A 20 2.37 -1.56 -4.86
N ARG A 21 2.73 -0.50 -5.56
CA ARG A 21 2.29 0.84 -5.19
C ARG A 21 1.49 1.46 -6.33
N GLU A 22 0.17 1.31 -6.25
CA GLU A 22 -0.77 1.82 -7.25
C GLU A 22 -0.60 3.32 -7.48
N SER A 23 -0.05 4.00 -6.49
CA SER A 23 0.15 5.45 -6.55
C SER A 23 1.18 5.87 -7.61
N LYS A 24 1.67 4.90 -8.40
CA LYS A 24 2.62 5.17 -9.47
C LYS A 24 2.00 6.15 -10.49
N ARG A 25 0.67 6.16 -10.54
CA ARG A 25 -0.10 7.01 -11.45
C ARG A 25 -0.09 6.43 -12.85
N ILE A 26 -0.95 5.45 -13.08
CA ILE A 26 -1.05 4.79 -14.37
C ILE A 26 -2.46 4.96 -14.94
N LYS A 27 -2.53 5.31 -16.21
CA LYS A 27 -3.80 5.50 -16.90
C LYS A 27 -3.60 5.42 -18.40
N LEU A 28 -3.87 4.26 -18.97
CA LEU A 28 -3.70 4.06 -20.40
C LEU A 28 -5.02 3.67 -21.07
N ASN A 29 -5.99 3.28 -20.26
CA ASN A 29 -7.29 2.90 -20.79
C ASN A 29 -8.05 4.11 -21.28
N ASP A 30 -8.99 3.89 -22.18
CA ASP A 30 -9.80 4.98 -22.74
C ASP A 30 -10.94 5.34 -21.82
N ASN A 31 -10.64 5.45 -20.53
CA ASN A 31 -11.63 5.78 -19.50
C ASN A 31 -10.94 5.94 -18.16
N ASP A 32 -11.59 5.49 -17.09
CA ASP A 32 -11.02 5.58 -15.75
C ASP A 32 -11.09 4.22 -15.04
N ASP A 33 -11.96 3.34 -15.54
CA ASP A 33 -12.12 2.01 -14.94
C ASP A 33 -11.13 1.01 -15.55
N GLU A 34 -9.85 1.34 -15.49
CA GLU A 34 -8.81 0.46 -16.02
C GLU A 34 -8.77 -0.84 -15.21
N GLY A 35 -8.50 -1.94 -15.89
CA GLY A 35 -8.44 -3.23 -15.23
C GLY A 35 -7.28 -3.35 -14.27
N ASN A 36 -7.40 -4.28 -13.33
CA ASN A 36 -6.37 -4.50 -12.31
C ASN A 36 -5.13 -5.16 -12.91
N LYS A 37 -4.47 -4.45 -13.79
CA LYS A 37 -3.26 -4.94 -14.44
C LYS A 37 -2.08 -4.79 -13.50
N LYS A 38 -1.36 -5.88 -13.28
CA LYS A 38 -0.20 -5.88 -12.40
C LYS A 38 0.91 -4.99 -12.97
N ILE A 39 1.21 -3.92 -12.26
CA ILE A 39 2.23 -2.98 -12.69
C ILE A 39 3.16 -2.63 -11.53
N ILE A 40 4.38 -2.24 -11.86
CA ILE A 40 5.37 -1.89 -10.84
C ILE A 40 5.37 -0.38 -10.60
N ALA A 41 5.75 0.03 -9.39
CA ALA A 41 5.78 1.44 -9.04
C ALA A 41 7.21 1.97 -8.98
N PRO A 42 7.49 3.05 -9.74
CA PRO A 42 8.81 3.66 -9.76
C PRO A 42 9.12 4.44 -8.49
N ARG A 43 8.06 4.83 -7.77
CA ARG A 43 8.26 5.58 -6.52
C ARG A 43 8.17 4.63 -5.33
N ILE A 44 9.05 4.84 -4.37
CA ILE A 44 9.11 3.99 -3.17
C ILE A 44 7.94 4.29 -2.23
N PHE A 45 7.72 3.38 -1.29
CA PHE A 45 6.65 3.51 -0.31
C PHE A 45 7.20 4.00 1.03
N ILE A 46 6.33 4.59 1.82
CA ILE A 46 6.71 5.11 3.13
C ILE A 46 6.34 4.13 4.25
N SER A 47 5.45 3.20 3.93
CA SER A 47 5.02 2.20 4.89
C SER A 47 6.10 1.16 5.14
N ASP A 48 6.25 0.75 6.39
CA ASP A 48 7.24 -0.26 6.75
C ASP A 48 6.81 -1.62 6.21
N ASP A 49 5.53 -1.71 5.86
CA ASP A 49 4.97 -2.96 5.33
C ASP A 49 3.98 -2.67 4.21
N LYS A 50 3.92 -3.59 3.24
CA LYS A 50 2.99 -3.46 2.13
C LYS A 50 2.10 -4.70 1.98
N ASP A 51 2.29 -5.68 2.86
CA ASP A 51 1.56 -6.94 2.79
C ASP A 51 0.36 -7.03 3.74
N SER A 52 0.30 -6.14 4.72
CA SER A 52 -0.79 -6.17 5.69
C SER A 52 -2.02 -5.46 5.16
N LEU A 53 -1.78 -4.41 4.39
CA LEU A 53 -2.84 -3.61 3.82
C LEU A 53 -3.46 -4.31 2.61
N LYS A 54 -2.59 -4.91 1.78
CA LYS A 54 -3.01 -5.61 0.56
C LYS A 54 -3.68 -4.66 -0.42
N CYS A 55 -3.55 -3.37 -0.16
CA CYS A 55 -4.15 -2.34 -1.00
C CYS A 55 -3.60 -0.98 -0.65
N PRO A 56 -2.89 -0.32 -1.56
CA PRO A 56 -2.27 0.98 -1.29
C PRO A 56 -3.22 2.17 -1.50
N CYS A 57 -4.51 1.97 -1.30
CA CYS A 57 -5.46 3.07 -1.45
C CYS A 57 -5.75 3.73 -0.11
N ASP A 58 -5.69 5.07 -0.09
CA ASP A 58 -5.92 5.88 1.12
C ASP A 58 -5.16 5.29 2.30
N PRO A 59 -3.84 5.53 2.35
CA PRO A 59 -2.97 4.99 3.39
C PRO A 59 -3.29 5.48 4.82
N GLU A 60 -3.70 4.54 5.65
CA GLU A 60 -4.00 4.80 7.05
C GLU A 60 -2.90 4.19 7.90
N MET A 61 -2.24 5.00 8.70
CA MET A 61 -1.13 4.52 9.53
C MET A 61 -1.60 3.60 10.65
N VAL A 62 -1.09 2.37 10.60
CA VAL A 62 -1.39 1.35 11.58
C VAL A 62 -0.10 0.92 12.29
N SER A 63 0.15 1.51 13.44
CA SER A 63 1.35 1.21 14.21
C SER A 63 1.13 0.00 15.10
N ASN A 64 1.94 -1.01 14.90
CA ASN A 64 1.85 -2.24 15.69
C ASN A 64 2.73 -2.12 16.93
N SER A 65 3.72 -3.01 17.05
CA SER A 65 4.62 -2.97 18.18
C SER A 65 5.59 -1.80 18.04
N THR A 66 6.18 -1.66 16.86
CA THR A 66 7.15 -0.60 16.61
C THR A 66 7.16 -0.15 15.15
N CYS A 67 6.37 -0.79 14.31
CA CYS A 67 6.34 -0.44 12.89
C CYS A 67 5.07 0.31 12.54
N ARG A 68 5.15 1.10 11.49
CA ARG A 68 4.05 1.89 11.00
C ARG A 68 3.69 1.46 9.58
N PHE A 69 2.51 0.90 9.43
CA PHE A 69 2.07 0.39 8.14
C PHE A 69 0.99 1.30 7.54
N PHE A 70 1.05 1.53 6.24
CA PHE A 70 0.05 2.35 5.57
C PHE A 70 -1.03 1.40 5.04
N VAL A 71 -2.14 1.33 5.77
CA VAL A 71 -3.23 0.41 5.44
C VAL A 71 -4.29 1.03 4.50
N CYS A 72 -4.92 0.14 3.73
CA CYS A 72 -5.97 0.50 2.76
C CYS A 72 -7.23 1.01 3.47
N LYS A 73 -7.73 2.18 3.09
CA LYS A 73 -8.93 2.74 3.71
C LYS A 73 -9.59 3.82 2.85
N CYS A 74 -9.81 3.53 1.57
CA CYS A 74 -10.46 4.50 0.68
C CYS A 74 -11.96 4.20 0.55
N VAL A 75 -12.52 4.46 -0.63
CA VAL A 75 -13.94 4.23 -0.87
C VAL A 75 -14.19 2.78 -1.28
N GLU A 76 -15.09 2.12 -0.57
CA GLU A 76 -15.42 0.73 -0.84
C GLU A 76 -16.93 0.51 -0.68
N ARG A 77 -17.48 1.01 0.41
CA ARG A 77 -18.91 0.88 0.71
C ARG A 77 -19.78 1.49 -0.37
N ARG A 78 -19.39 2.65 -0.87
CA ARG A 78 -20.17 3.33 -1.90
C ARG A 78 -19.69 2.93 -3.30
N ALA A 79 -19.06 1.78 -3.39
CA ALA A 79 -18.55 1.27 -4.65
C ALA A 79 -19.10 -0.14 -4.91
N GLU A 80 -20.42 -0.24 -4.92
CA GLU A 80 -21.09 -1.52 -5.14
C GLU A 80 -20.82 -2.03 -6.55
N VAL A 81 -20.46 -3.29 -6.65
CA VAL A 81 -20.17 -3.90 -7.94
C VAL A 81 -21.45 -4.48 -8.55
N THR A 82 -21.53 -4.43 -9.87
CA THR A 82 -22.66 -4.96 -10.59
C THR A 82 -22.50 -6.45 -10.82
N SER A 83 -23.18 -7.01 -11.81
CA SER A 83 -23.09 -8.42 -12.13
C SER A 83 -21.64 -8.80 -12.46
N ASN A 84 -21.14 -9.83 -11.77
CA ASN A 84 -19.77 -10.29 -11.98
C ASN A 84 -19.66 -11.09 -13.28
N ASN A 85 -19.47 -12.40 -13.17
CA ASN A 85 -19.36 -13.25 -14.35
C ASN A 85 -20.76 -13.64 -14.82
N GLU A 86 -21.45 -14.42 -14.00
CA GLU A 86 -22.80 -14.86 -14.31
C GLU A 86 -23.52 -15.26 -13.02
N VAL A 87 -24.49 -14.45 -12.62
CA VAL A 87 -25.24 -14.70 -11.40
C VAL A 87 -26.73 -14.61 -11.67
N VAL A 88 -27.49 -15.48 -11.02
CA VAL A 88 -28.94 -15.50 -11.18
C VAL A 88 -29.58 -14.42 -10.31
N VAL A 89 -30.51 -13.69 -10.89
CA VAL A 89 -31.21 -12.62 -10.16
C VAL A 89 -32.15 -13.20 -9.11
N LYS A 90 -32.04 -12.68 -7.89
CA LYS A 90 -32.87 -13.12 -6.79
C LYS A 90 -32.89 -12.05 -5.70
N GLU A 91 -34.00 -11.95 -4.98
CA GLU A 91 -34.12 -10.97 -3.92
C GLU A 91 -33.52 -11.52 -2.64
N GLU A 92 -32.63 -10.75 -2.04
CA GLU A 92 -31.95 -11.17 -0.81
C GLU A 92 -32.96 -11.34 0.33
N TYR A 93 -32.77 -12.41 1.10
CA TYR A 93 -33.65 -12.68 2.22
C TYR A 93 -33.53 -11.58 3.26
N LYS A 94 -34.66 -10.99 3.61
CA LYS A 94 -34.69 -9.91 4.56
C LYS A 94 -34.53 -10.44 5.98
N ASP A 95 -33.28 -10.53 6.43
CA ASP A 95 -32.98 -11.05 7.76
C ASP A 95 -31.78 -10.33 8.35
N GLU A 96 -30.76 -10.13 7.51
CA GLU A 96 -29.55 -9.45 7.95
C GLU A 96 -29.84 -7.98 8.24
N TYR A 97 -29.55 -7.56 9.46
CA TYR A 97 -29.79 -6.19 9.88
C TYR A 97 -28.53 -5.58 10.49
N ALA A 98 -27.47 -5.49 9.70
CA ALA A 98 -26.22 -4.92 10.17
C ALA A 98 -26.13 -3.46 9.75
N ASP A 99 -27.25 -2.77 9.76
CA ASP A 99 -27.32 -1.37 9.40
C ASP A 99 -27.97 -0.56 10.52
N ILE A 100 -27.46 0.65 10.72
CA ILE A 100 -27.98 1.53 11.75
C ILE A 100 -28.76 2.68 11.11
N PRO A 101 -29.97 2.96 11.61
CA PRO A 101 -30.82 4.03 11.08
C PRO A 101 -30.05 5.34 10.89
N GLU A 102 -29.31 5.73 11.92
CA GLU A 102 -28.51 6.93 11.88
C GLU A 102 -27.17 6.65 11.21
N HIS A 103 -27.19 6.55 9.89
CA HIS A 103 -25.98 6.26 9.12
C HIS A 103 -25.59 7.45 8.25
N LYS A 104 -25.93 8.65 8.71
CA LYS A 104 -25.61 9.87 7.98
C LYS A 104 -25.30 11.00 8.96
N PRO A 105 -24.11 11.60 8.87
CA PRO A 105 -23.69 12.68 9.76
C PRO A 105 -24.38 14.01 9.46
N THR A 106 -25.71 13.99 9.45
CA THR A 106 -26.51 15.19 9.19
C THR A 106 -28.00 14.85 9.22
N TYR A 107 -28.43 13.92 8.35
CA TYR A 107 -29.82 13.49 8.28
C TYR A 107 -30.02 12.56 7.08
N ASP A 108 -30.33 13.14 5.94
CA ASP A 108 -30.55 12.41 4.69
C ASP A 108 -30.58 13.40 3.53
N LYS A 109 -31.48 13.18 2.57
CA LYS A 109 -31.62 14.05 1.40
C LYS A 109 -30.35 14.04 0.54
N MET A 110 -30.03 12.86 0.02
CA MET A 110 -28.84 12.70 -0.82
C MET A 110 -29.26 12.42 -2.25
N GLU A 1 21.85 12.73 10.63
CA GLU A 1 21.57 13.27 9.27
C GLU A 1 20.40 12.54 8.62
N VAL A 2 20.49 11.21 8.56
CA VAL A 2 19.44 10.41 7.96
C VAL A 2 18.34 10.10 8.97
N GLU A 3 17.31 10.92 8.97
CA GLU A 3 16.19 10.75 9.89
C GLU A 3 15.07 9.96 9.21
N ASN A 4 14.97 8.71 9.60
CA ASN A 4 13.95 7.81 9.06
C ASN A 4 13.97 6.51 9.84
N ASN A 5 12.78 6.00 10.14
CA ASN A 5 12.65 4.75 10.86
C ASN A 5 13.17 3.59 10.01
N PHE A 6 13.55 2.50 10.67
CA PHE A 6 14.06 1.34 9.97
C PHE A 6 12.93 0.41 9.56
N PRO A 7 12.79 0.17 8.25
CA PRO A 7 11.73 -0.69 7.69
C PRO A 7 11.72 -2.10 8.30
N CYS A 8 10.54 -2.55 8.69
CA CYS A 8 10.39 -3.86 9.28
C CYS A 8 10.18 -4.94 8.21
N SER A 9 9.06 -4.89 7.50
CA SER A 9 8.79 -5.90 6.45
C SER A 9 9.59 -5.63 5.19
N LEU A 10 9.91 -4.38 4.93
CA LEU A 10 10.66 -4.01 3.74
C LEU A 10 12.10 -4.46 3.84
N TYR A 11 12.64 -4.46 5.07
CA TYR A 11 14.02 -4.89 5.28
C TYR A 11 14.05 -6.39 5.52
N LYS A 12 12.88 -6.93 5.84
CA LYS A 12 12.71 -8.35 6.11
C LYS A 12 13.06 -9.20 4.89
N ASP A 13 12.41 -8.93 3.76
CA ASP A 13 12.66 -9.68 2.52
C ASP A 13 11.76 -9.19 1.39
N GLU A 14 11.36 -10.12 0.52
CA GLU A 14 10.51 -9.83 -0.64
C GLU A 14 9.25 -9.08 -0.24
N ILE A 15 8.83 -8.17 -1.12
CA ILE A 15 7.65 -7.38 -0.88
C ILE A 15 6.40 -8.05 -1.45
N MET A 16 5.41 -8.18 -0.59
CA MET A 16 4.13 -8.81 -0.92
C MET A 16 3.37 -8.08 -2.03
N LYS A 17 3.92 -6.95 -2.51
CA LYS A 17 3.28 -6.19 -3.57
C LYS A 17 3.18 -7.06 -4.81
N GLU A 18 4.27 -7.76 -5.13
CA GLU A 18 4.32 -8.66 -6.28
C GLU A 18 5.73 -9.24 -6.45
N ILE A 19 6.69 -8.33 -6.62
CA ILE A 19 8.10 -8.70 -6.82
C ILE A 19 8.93 -7.46 -7.22
N GLU A 20 9.21 -6.62 -6.24
CA GLU A 20 9.99 -5.41 -6.48
C GLU A 20 11.48 -5.70 -6.26
N ARG A 21 12.32 -5.14 -7.12
CA ARG A 21 13.76 -5.33 -6.98
C ARG A 21 14.36 -4.14 -6.24
N GLU A 22 15.68 -4.10 -6.09
CA GLU A 22 16.34 -3.00 -5.42
C GLU A 22 16.48 -1.82 -6.36
N SER A 23 15.33 -1.29 -6.77
CA SER A 23 15.27 -0.19 -7.71
C SER A 23 15.23 1.18 -7.01
N LYS A 24 15.51 1.20 -5.72
CA LYS A 24 15.52 2.45 -4.99
C LYS A 24 16.91 3.08 -5.09
N ARG A 25 16.97 4.25 -5.72
CA ARG A 25 18.25 4.97 -5.93
C ARG A 25 19.08 4.25 -6.98
N ILE A 26 20.39 4.45 -6.94
CA ILE A 26 21.28 3.80 -7.89
C ILE A 26 22.21 2.84 -7.15
N LYS A 27 22.10 1.56 -7.48
CA LYS A 27 22.92 0.54 -6.84
C LYS A 27 22.98 -0.73 -7.69
N LEU A 28 21.86 -1.45 -7.75
CA LEU A 28 21.79 -2.69 -8.51
C LEU A 28 21.77 -2.43 -10.01
N ASN A 29 22.91 -2.62 -10.65
CA ASN A 29 23.04 -2.44 -12.08
C ASN A 29 24.20 -3.28 -12.61
N ASP A 30 24.07 -3.74 -13.86
CA ASP A 30 25.10 -4.56 -14.50
C ASP A 30 25.39 -5.82 -13.68
N ASN A 31 24.34 -6.42 -13.13
CA ASN A 31 24.50 -7.63 -12.32
C ASN A 31 24.21 -8.87 -13.16
N ASP A 32 23.07 -8.84 -13.84
CA ASP A 32 22.67 -9.96 -14.68
C ASP A 32 23.37 -9.88 -16.03
N ASP A 33 23.08 -10.85 -16.89
CA ASP A 33 23.68 -10.90 -18.23
C ASP A 33 22.81 -10.14 -19.23
N GLU A 34 22.01 -9.21 -18.72
CA GLU A 34 21.13 -8.42 -19.56
C GLU A 34 20.91 -7.06 -18.92
N GLY A 35 21.38 -6.01 -19.58
CA GLY A 35 21.22 -4.67 -19.06
C GLY A 35 20.80 -3.68 -20.12
N ASN A 36 19.97 -4.11 -21.06
CA ASN A 36 19.49 -3.25 -22.13
C ASN A 36 17.96 -3.21 -22.12
N LYS A 37 17.36 -4.29 -21.65
CA LYS A 37 15.92 -4.40 -21.55
C LYS A 37 15.54 -4.69 -20.11
N LYS A 38 16.40 -4.22 -19.20
CA LYS A 38 16.21 -4.41 -17.78
C LYS A 38 15.13 -3.47 -17.28
N ILE A 39 13.93 -3.99 -17.14
CA ILE A 39 12.83 -3.20 -16.66
C ILE A 39 12.61 -3.45 -15.17
N ILE A 40 12.30 -2.40 -14.42
CA ILE A 40 12.12 -2.53 -13.00
C ILE A 40 11.09 -1.51 -12.49
N ALA A 41 10.53 -1.75 -11.32
CA ALA A 41 9.53 -0.85 -10.77
C ALA A 41 10.13 0.19 -9.84
N PRO A 42 9.50 1.36 -9.71
CA PRO A 42 9.98 2.44 -8.85
C PRO A 42 9.78 2.07 -7.38
N ARG A 43 10.85 1.58 -6.76
CA ARG A 43 10.79 1.15 -5.36
C ARG A 43 10.62 2.33 -4.41
N ILE A 44 9.36 2.71 -4.18
CA ILE A 44 9.02 3.79 -3.27
C ILE A 44 7.86 3.37 -2.39
N PHE A 45 8.13 3.04 -1.13
CA PHE A 45 7.09 2.63 -0.21
C PHE A 45 7.09 3.49 1.03
N ILE A 46 5.93 3.57 1.67
CA ILE A 46 5.78 4.34 2.89
C ILE A 46 5.45 3.43 4.06
N SER A 47 4.58 2.46 3.83
CA SER A 47 4.17 1.52 4.86
C SER A 47 5.26 0.49 5.15
N ASP A 48 5.51 0.28 6.43
CA ASP A 48 6.51 -0.67 6.90
C ASP A 48 6.20 -2.08 6.41
N ASP A 49 4.92 -2.35 6.22
CA ASP A 49 4.46 -3.64 5.76
C ASP A 49 3.55 -3.46 4.54
N LYS A 50 3.46 -4.48 3.71
CA LYS A 50 2.63 -4.41 2.52
C LYS A 50 1.59 -5.54 2.45
N ASP A 51 1.65 -6.48 3.39
CA ASP A 51 0.73 -7.61 3.40
C ASP A 51 -0.45 -7.39 4.36
N SER A 52 -0.25 -6.53 5.34
CA SER A 52 -1.27 -6.24 6.32
C SER A 52 -2.36 -5.36 5.71
N LEU A 53 -1.96 -4.61 4.70
CA LEU A 53 -2.86 -3.71 3.99
C LEU A 53 -3.18 -4.26 2.61
N LYS A 54 -2.14 -4.78 1.95
CA LYS A 54 -2.26 -5.34 0.60
C LYS A 54 -2.59 -4.25 -0.41
N CYS A 55 -2.60 -3.00 0.04
CA CYS A 55 -2.92 -1.87 -0.82
C CYS A 55 -2.59 -0.55 -0.12
N PRO A 56 -1.62 0.20 -0.65
CA PRO A 56 -1.22 1.48 -0.07
C PRO A 56 -2.00 2.64 -0.69
N CYS A 57 -3.31 2.46 -0.84
CA CYS A 57 -4.13 3.51 -1.46
C CYS A 57 -4.67 4.49 -0.42
N ASP A 58 -4.47 4.16 0.83
CA ASP A 58 -4.94 5.03 1.91
C ASP A 58 -3.95 5.00 3.07
N PRO A 59 -3.80 6.11 3.78
CA PRO A 59 -2.86 6.22 4.88
C PRO A 59 -3.44 5.80 6.24
N GLU A 60 -4.09 4.63 6.30
CA GLU A 60 -4.61 4.14 7.58
C GLU A 60 -3.43 3.58 8.36
N MET A 61 -2.82 4.43 9.15
CA MET A 61 -1.63 4.05 9.89
C MET A 61 -1.88 3.07 11.01
N VAL A 62 -1.18 1.93 10.92
CA VAL A 62 -1.23 0.89 11.91
C VAL A 62 0.16 0.69 12.49
N SER A 63 0.36 1.18 13.70
CA SER A 63 1.66 1.08 14.37
C SER A 63 1.61 0.04 15.47
N ASN A 64 2.40 -1.00 15.30
CA ASN A 64 2.47 -2.09 16.27
C ASN A 64 3.31 -1.65 17.46
N SER A 65 4.60 -1.88 17.39
CA SER A 65 5.52 -1.49 18.45
C SER A 65 6.49 -0.44 17.93
N THR A 66 7.04 -0.69 16.74
CA THR A 66 8.00 0.24 16.14
C THR A 66 7.76 0.44 14.64
N CYS A 67 6.90 -0.37 14.05
CA CYS A 67 6.64 -0.27 12.62
C CYS A 67 5.33 0.49 12.36
N ARG A 68 5.27 1.14 11.22
CA ARG A 68 4.11 1.93 10.82
C ARG A 68 3.56 1.47 9.48
N PHE A 69 2.38 0.89 9.49
CA PHE A 69 1.75 0.39 8.27
C PHE A 69 0.71 1.39 7.78
N PHE A 70 0.44 1.37 6.48
CA PHE A 70 -0.58 2.23 5.89
C PHE A 70 -1.61 1.33 5.25
N VAL A 71 -2.74 1.17 5.91
CA VAL A 71 -3.79 0.27 5.45
C VAL A 71 -4.74 0.90 4.43
N CYS A 72 -5.14 0.06 3.48
CA CYS A 72 -6.05 0.42 2.40
C CYS A 72 -7.46 0.70 2.90
N LYS A 73 -8.01 1.85 2.51
CA LYS A 73 -9.36 2.24 2.91
C LYS A 73 -9.80 3.48 2.13
N CYS A 74 -9.45 3.54 0.85
CA CYS A 74 -9.82 4.69 0.03
C CYS A 74 -11.10 4.41 -0.79
N VAL A 75 -11.01 4.56 -2.11
CA VAL A 75 -12.16 4.33 -2.98
C VAL A 75 -12.30 2.86 -3.34
N GLU A 76 -13.53 2.39 -3.42
CA GLU A 76 -13.83 1.01 -3.76
C GLU A 76 -15.33 0.87 -4.03
N ARG A 77 -15.98 -0.06 -3.35
CA ARG A 77 -17.42 -0.27 -3.52
C ARG A 77 -18.17 0.54 -2.47
N ARG A 78 -17.58 0.65 -1.29
CA ARG A 78 -18.18 1.40 -0.19
C ARG A 78 -18.13 2.90 -0.51
N ALA A 79 -16.98 3.36 -0.97
CA ALA A 79 -16.81 4.76 -1.32
C ALA A 79 -17.41 5.04 -2.71
N GLU A 80 -18.71 4.84 -2.81
CA GLU A 80 -19.42 5.04 -4.07
C GLU A 80 -19.79 6.50 -4.24
N VAL A 81 -19.46 7.06 -5.40
CA VAL A 81 -19.77 8.45 -5.69
C VAL A 81 -21.12 8.54 -6.40
N THR A 82 -21.91 9.53 -6.02
CA THR A 82 -23.23 9.72 -6.62
C THR A 82 -23.10 9.93 -8.13
N SER A 83 -23.92 9.22 -8.89
CA SER A 83 -23.92 9.30 -10.34
C SER A 83 -25.22 8.77 -10.90
N ASN A 84 -25.28 8.62 -12.21
CA ASN A 84 -26.47 8.11 -12.87
C ASN A 84 -26.23 6.67 -13.32
N ASN A 85 -27.30 5.90 -13.44
CA ASN A 85 -27.21 4.50 -13.86
C ASN A 85 -26.86 4.42 -15.35
N GLU A 86 -27.19 5.47 -16.08
CA GLU A 86 -26.91 5.53 -17.50
C GLU A 86 -25.63 6.31 -17.75
N VAL A 87 -24.73 5.71 -18.53
CA VAL A 87 -23.46 6.34 -18.84
C VAL A 87 -23.65 7.50 -19.81
N VAL A 88 -22.95 8.60 -19.57
CA VAL A 88 -23.02 9.77 -20.41
C VAL A 88 -22.25 9.53 -21.72
N VAL A 89 -22.76 10.08 -22.81
CA VAL A 89 -22.11 9.92 -24.10
C VAL A 89 -20.76 10.63 -24.13
N LYS A 90 -19.75 9.93 -24.61
CA LYS A 90 -18.40 10.46 -24.69
C LYS A 90 -17.54 9.55 -25.57
N GLU A 91 -16.45 10.08 -26.09
CA GLU A 91 -15.57 9.30 -26.96
C GLU A 91 -14.23 9.01 -26.30
N GLU A 92 -14.06 9.49 -25.07
CA GLU A 92 -12.81 9.28 -24.35
C GLU A 92 -13.05 8.39 -23.14
N TYR A 93 -12.04 7.65 -22.73
CA TYR A 93 -12.15 6.77 -21.58
C TYR A 93 -11.87 7.54 -20.29
N LYS A 94 -12.55 7.16 -19.22
CA LYS A 94 -12.40 7.81 -17.94
C LYS A 94 -11.35 7.09 -17.08
N ASP A 95 -10.11 7.52 -17.18
CA ASP A 95 -9.03 6.92 -16.41
C ASP A 95 -8.29 7.98 -15.61
N GLU A 96 -7.86 9.03 -16.28
CA GLU A 96 -7.16 10.13 -15.63
C GLU A 96 -7.69 11.47 -16.15
N TYR A 97 -7.10 12.55 -15.68
CA TYR A 97 -7.51 13.88 -16.09
C TYR A 97 -6.27 14.75 -16.30
N ALA A 98 -6.36 15.68 -17.22
CA ALA A 98 -5.25 16.57 -17.51
C ALA A 98 -5.45 17.89 -16.78
N ASP A 99 -5.59 17.80 -15.47
CA ASP A 99 -5.79 18.97 -14.64
C ASP A 99 -4.46 19.51 -14.12
N ILE A 100 -4.41 20.82 -13.92
CA ILE A 100 -3.21 21.46 -13.43
C ILE A 100 -3.11 21.30 -11.91
N PRO A 101 -1.93 20.93 -11.39
CA PRO A 101 -1.72 20.74 -9.95
C PRO A 101 -1.83 22.05 -9.16
N GLU A 102 -3.06 22.50 -8.97
CA GLU A 102 -3.33 23.73 -8.24
C GLU A 102 -3.38 23.48 -6.74
N HIS A 103 -4.03 24.37 -6.02
CA HIS A 103 -4.15 24.24 -4.57
C HIS A 103 -5.61 24.35 -4.16
N LYS A 104 -6.20 23.22 -3.80
CA LYS A 104 -7.60 23.18 -3.40
C LYS A 104 -7.76 22.30 -2.16
N PRO A 105 -8.79 22.57 -1.34
CA PRO A 105 -9.05 21.80 -0.12
C PRO A 105 -9.43 20.35 -0.41
N THR A 106 -10.51 20.18 -1.18
CA THR A 106 -11.02 18.86 -1.57
C THR A 106 -11.59 18.07 -0.38
N TYR A 107 -10.76 17.83 0.62
CA TYR A 107 -11.17 17.10 1.80
C TYR A 107 -12.20 17.89 2.61
N ASP A 108 -11.96 19.20 2.71
CA ASP A 108 -12.86 20.09 3.44
C ASP A 108 -14.28 20.03 2.88
N LYS A 109 -15.26 20.15 3.76
CA LYS A 109 -16.66 20.12 3.39
C LYS A 109 -17.49 20.81 4.47
N MET A 110 -18.03 21.97 4.13
CA MET A 110 -18.83 22.73 5.08
C MET A 110 -20.20 23.03 4.50
N GLU A 1 25.24 5.05 3.46
CA GLU A 1 24.66 5.13 4.82
C GLU A 1 23.28 5.76 4.78
N VAL A 2 22.34 5.17 5.50
CA VAL A 2 20.98 5.69 5.56
C VAL A 2 20.48 5.68 7.01
N GLU A 3 21.35 6.10 7.92
CA GLU A 3 21.03 6.13 9.33
C GLU A 3 19.84 7.06 9.58
N ASN A 4 18.68 6.47 9.85
CA ASN A 4 17.46 7.22 10.10
C ASN A 4 16.36 6.29 10.59
N ASN A 5 16.25 5.13 9.95
CA ASN A 5 15.25 4.13 10.33
C ASN A 5 15.49 2.84 9.55
N PHE A 6 14.99 1.73 10.07
CA PHE A 6 15.13 0.45 9.40
C PHE A 6 13.76 -0.11 9.07
N PRO A 7 13.60 -0.73 7.90
CA PRO A 7 12.32 -1.30 7.45
C PRO A 7 11.87 -2.47 8.34
N CYS A 8 10.59 -2.47 8.67
CA CYS A 8 10.04 -3.50 9.52
C CYS A 8 9.59 -4.72 8.72
N SER A 9 8.51 -4.60 7.97
CA SER A 9 8.03 -5.72 7.17
C SER A 9 8.85 -5.88 5.90
N LEU A 10 9.45 -4.78 5.44
CA LEU A 10 10.27 -4.81 4.24
C LEU A 10 11.59 -5.54 4.50
N TYR A 11 12.00 -5.59 5.75
CA TYR A 11 13.21 -6.28 6.13
C TYR A 11 12.88 -7.70 6.53
N LYS A 12 11.64 -7.89 6.99
CA LYS A 12 11.16 -9.18 7.42
C LYS A 12 10.90 -10.11 6.23
N ASP A 13 10.37 -9.53 5.16
CA ASP A 13 10.07 -10.31 3.96
C ASP A 13 10.27 -9.46 2.71
N GLU A 14 10.00 -10.05 1.55
CA GLU A 14 10.15 -9.36 0.28
C GLU A 14 9.05 -8.30 0.11
N ILE A 15 9.35 -7.27 -0.67
CA ILE A 15 8.42 -6.20 -0.92
C ILE A 15 7.58 -6.51 -2.17
N MET A 16 6.27 -6.49 -1.99
CA MET A 16 5.31 -6.78 -3.06
C MET A 16 5.35 -5.74 -4.19
N LYS A 17 6.13 -4.68 -4.00
CA LYS A 17 6.24 -3.63 -4.99
C LYS A 17 7.32 -3.97 -6.03
N GLU A 18 8.07 -5.04 -5.77
CA GLU A 18 9.15 -5.49 -6.66
C GLU A 18 10.09 -4.34 -7.05
N ILE A 19 10.76 -3.77 -6.07
CA ILE A 19 11.69 -2.68 -6.31
C ILE A 19 13.02 -3.24 -6.83
N GLU A 20 13.63 -2.53 -7.77
CA GLU A 20 14.89 -2.94 -8.36
C GLU A 20 16.01 -2.97 -7.32
N ARG A 21 16.44 -1.81 -6.89
CA ARG A 21 17.51 -1.70 -5.91
C ARG A 21 17.01 -0.96 -4.67
N GLU A 22 17.73 0.09 -4.29
CA GLU A 22 17.35 0.91 -3.14
C GLU A 22 16.16 1.78 -3.50
N SER A 23 15.43 2.24 -2.49
CA SER A 23 14.27 3.07 -2.72
C SER A 23 14.68 4.50 -3.05
N LYS A 24 15.97 4.77 -2.90
CA LYS A 24 16.51 6.08 -3.20
C LYS A 24 17.58 5.95 -4.27
N ARG A 25 17.56 6.87 -5.23
CA ARG A 25 18.53 6.86 -6.34
C ARG A 25 19.97 6.90 -5.82
N ILE A 26 20.85 6.21 -6.54
CA ILE A 26 22.25 6.17 -6.17
C ILE A 26 23.08 6.89 -7.23
N LYS A 27 23.87 7.86 -6.79
CA LYS A 27 24.70 8.64 -7.70
C LYS A 27 25.81 9.30 -6.90
N LEU A 28 27.05 8.93 -7.17
CA LEU A 28 28.18 9.50 -6.47
C LEU A 28 29.35 9.75 -7.42
N ASN A 29 30.26 8.80 -7.50
CA ASN A 29 31.42 8.93 -8.37
C ASN A 29 31.39 7.84 -9.44
N ASP A 30 32.02 8.14 -10.58
CA ASP A 30 32.10 7.21 -11.71
C ASP A 30 30.71 6.83 -12.22
N ASN A 31 29.99 7.85 -12.70
CA ASN A 31 28.64 7.70 -13.23
C ASN A 31 27.66 7.37 -12.11
N ASP A 32 26.94 6.26 -12.25
CA ASP A 32 25.96 5.82 -11.29
C ASP A 32 25.72 4.33 -11.43
N ASP A 33 25.07 3.95 -12.51
CA ASP A 33 24.76 2.57 -12.81
C ASP A 33 24.97 2.32 -14.30
N GLU A 34 23.99 1.71 -14.97
CA GLU A 34 24.09 1.47 -16.40
C GLU A 34 23.77 2.75 -17.16
N GLY A 35 22.70 3.41 -16.75
CA GLY A 35 22.32 4.65 -17.39
C GLY A 35 20.92 4.64 -17.95
N ASN A 36 20.68 3.81 -18.95
CA ASN A 36 19.36 3.75 -19.58
C ASN A 36 18.67 2.40 -19.34
N LYS A 37 19.38 1.32 -19.63
CA LYS A 37 18.83 -0.02 -19.46
C LYS A 37 18.59 -0.33 -17.98
N LYS A 38 19.57 -0.03 -17.15
CA LYS A 38 19.46 -0.26 -15.72
C LYS A 38 19.44 1.07 -14.99
N ILE A 39 18.34 1.33 -14.29
CA ILE A 39 18.17 2.57 -13.55
C ILE A 39 17.62 2.30 -12.14
N ILE A 40 18.07 3.08 -11.17
CA ILE A 40 17.62 2.94 -9.80
C ILE A 40 16.34 3.75 -9.57
N ALA A 41 15.42 3.19 -8.80
CA ALA A 41 14.15 3.86 -8.51
C ALA A 41 14.29 4.87 -7.37
N PRO A 42 14.08 6.16 -7.66
CA PRO A 42 14.18 7.22 -6.67
C PRO A 42 12.84 7.53 -6.00
N ARG A 43 12.18 6.50 -5.51
CA ARG A 43 10.91 6.67 -4.84
C ARG A 43 10.89 5.92 -3.51
N ILE A 44 10.99 6.66 -2.42
CA ILE A 44 10.98 6.07 -1.09
C ILE A 44 9.57 5.78 -0.63
N PHE A 45 9.42 4.76 0.22
CA PHE A 45 8.12 4.38 0.74
C PHE A 45 7.97 4.87 2.17
N ILE A 46 6.73 5.01 2.63
CA ILE A 46 6.47 5.46 3.99
C ILE A 46 5.85 4.35 4.84
N SER A 47 5.38 3.30 4.19
CA SER A 47 4.78 2.18 4.89
C SER A 47 5.77 1.05 5.09
N ASP A 48 5.83 0.57 6.32
CA ASP A 48 6.73 -0.50 6.70
C ASP A 48 6.29 -1.84 6.13
N ASP A 49 5.03 -1.92 5.73
CA ASP A 49 4.47 -3.16 5.19
C ASP A 49 3.91 -2.92 3.80
N LYS A 50 4.08 -3.91 2.94
CA LYS A 50 3.59 -3.80 1.57
C LYS A 50 2.62 -4.92 1.21
N ASP A 51 2.69 -6.04 1.93
CA ASP A 51 1.84 -7.19 1.61
C ASP A 51 0.60 -7.32 2.50
N SER A 52 0.60 -6.65 3.64
CA SER A 52 -0.53 -6.75 4.56
C SER A 52 -1.69 -5.90 4.07
N LEU A 53 -1.41 -4.65 3.78
CA LEU A 53 -2.43 -3.73 3.29
C LEU A 53 -2.93 -4.15 1.91
N LYS A 54 -1.99 -4.64 1.09
CA LYS A 54 -2.29 -5.09 -0.29
C LYS A 54 -2.85 -3.94 -1.14
N CYS A 55 -2.86 -2.75 -0.56
CA CYS A 55 -3.37 -1.57 -1.23
C CYS A 55 -2.81 -0.34 -0.58
N PRO A 56 -1.98 0.41 -1.31
CA PRO A 56 -1.37 1.60 -0.78
C PRO A 56 -2.18 2.86 -1.04
N CYS A 57 -3.48 2.80 -0.72
CA CYS A 57 -4.34 3.97 -0.93
C CYS A 57 -4.31 4.91 0.29
N ASP A 58 -3.13 4.98 0.91
CA ASP A 58 -2.83 5.82 2.10
C ASP A 58 -4.06 6.22 2.94
N PRO A 59 -4.79 5.23 3.48
CA PRO A 59 -5.99 5.46 4.29
C PRO A 59 -5.72 5.60 5.79
N GLU A 60 -5.20 4.56 6.44
CA GLU A 60 -4.95 4.64 7.87
C GLU A 60 -3.58 4.07 8.20
N MET A 61 -2.90 4.70 9.15
CA MET A 61 -1.57 4.27 9.54
C MET A 61 -1.64 3.26 10.68
N VAL A 62 -0.98 2.12 10.48
CA VAL A 62 -0.98 1.07 11.49
C VAL A 62 0.37 0.96 12.16
N SER A 63 0.56 1.78 13.18
CA SER A 63 1.80 1.79 13.95
C SER A 63 1.67 0.76 15.07
N ASN A 64 2.05 -0.47 14.77
CA ASN A 64 1.95 -1.58 15.72
C ASN A 64 2.81 -1.32 16.96
N SER A 65 4.09 -1.69 16.91
CA SER A 65 4.98 -1.47 18.02
C SER A 65 6.05 -0.45 17.65
N THR A 66 6.58 -0.57 16.45
CA THR A 66 7.62 0.36 15.97
C THR A 66 7.52 0.56 14.46
N CYS A 67 6.72 -0.25 13.81
CA CYS A 67 6.55 -0.15 12.37
C CYS A 67 5.33 0.71 12.05
N ARG A 68 5.37 1.41 10.93
CA ARG A 68 4.29 2.29 10.52
C ARG A 68 3.97 2.12 9.05
N PHE A 69 2.73 1.79 8.75
CA PHE A 69 2.31 1.58 7.36
C PHE A 69 0.84 1.93 7.17
N PHE A 70 0.45 2.35 5.97
CA PHE A 70 -0.96 2.67 5.72
C PHE A 70 -1.71 1.44 5.22
N VAL A 71 -2.71 1.04 5.98
CA VAL A 71 -3.52 -0.11 5.62
C VAL A 71 -4.75 0.37 4.87
N CYS A 72 -5.06 -0.32 3.77
CA CYS A 72 -6.19 0.02 2.92
C CYS A 72 -7.52 0.01 3.68
N LYS A 73 -8.32 1.04 3.40
CA LYS A 73 -9.61 1.22 4.02
C LYS A 73 -10.40 2.25 3.23
N CYS A 74 -10.12 2.32 1.93
CA CYS A 74 -10.78 3.28 1.06
C CYS A 74 -11.91 2.63 0.27
N VAL A 75 -11.60 1.59 -0.49
CA VAL A 75 -12.60 0.90 -1.29
C VAL A 75 -12.96 -0.45 -0.66
N GLU A 76 -14.22 -0.83 -0.80
CA GLU A 76 -14.72 -2.08 -0.25
C GLU A 76 -14.40 -3.24 -1.20
N ARG A 77 -14.06 -2.92 -2.44
CA ARG A 77 -13.73 -3.92 -3.44
C ARG A 77 -12.32 -4.44 -3.21
N ARG A 78 -12.20 -5.71 -2.87
CA ARG A 78 -10.91 -6.33 -2.60
C ARG A 78 -10.10 -6.54 -3.88
N ALA A 79 -10.72 -7.10 -4.91
CA ALA A 79 -10.03 -7.35 -6.17
C ALA A 79 -11.03 -7.51 -7.31
N GLU A 80 -11.96 -6.57 -7.39
CA GLU A 80 -12.98 -6.61 -8.43
C GLU A 80 -12.40 -6.22 -9.78
N VAL A 81 -12.51 -7.12 -10.75
CA VAL A 81 -11.99 -6.88 -12.08
C VAL A 81 -12.94 -5.93 -12.83
N THR A 82 -12.36 -5.09 -13.68
CA THR A 82 -13.16 -4.12 -14.44
C THR A 82 -14.02 -4.83 -15.50
N SER A 83 -15.21 -5.25 -15.08
CA SER A 83 -16.15 -5.92 -15.96
C SER A 83 -17.30 -4.98 -16.30
N ASN A 84 -17.00 -3.95 -17.08
CA ASN A 84 -17.99 -2.97 -17.46
C ASN A 84 -18.79 -3.44 -18.68
N ASN A 85 -20.06 -3.07 -18.71
CA ASN A 85 -20.95 -3.44 -19.81
C ASN A 85 -20.67 -2.58 -21.03
N GLU A 86 -20.03 -1.44 -20.81
CA GLU A 86 -19.70 -0.52 -21.88
C GLU A 86 -18.22 -0.64 -22.25
N VAL A 87 -17.43 0.37 -21.92
CA VAL A 87 -16.02 0.38 -22.22
C VAL A 87 -15.21 -0.16 -21.05
N VAL A 88 -14.21 -0.98 -21.36
CA VAL A 88 -13.34 -1.55 -20.35
C VAL A 88 -12.28 -0.53 -19.95
N VAL A 89 -12.15 -0.30 -18.65
CA VAL A 89 -11.17 0.65 -18.15
C VAL A 89 -9.74 0.14 -18.33
N LYS A 90 -8.87 1.00 -18.83
CA LYS A 90 -7.47 0.66 -19.04
C LYS A 90 -6.63 1.92 -19.12
N GLU A 91 -7.02 2.83 -20.02
CA GLU A 91 -6.31 4.08 -20.19
C GLU A 91 -6.61 5.04 -19.04
N GLU A 92 -7.89 5.19 -18.75
CA GLU A 92 -8.33 6.06 -17.66
C GLU A 92 -7.89 5.47 -16.33
N TYR A 93 -7.07 6.23 -15.60
CA TYR A 93 -6.58 5.78 -14.31
C TYR A 93 -6.94 6.78 -13.22
N LYS A 94 -7.35 6.29 -12.07
CA LYS A 94 -7.71 7.17 -10.97
C LYS A 94 -6.46 7.58 -10.22
N ASP A 95 -5.84 8.67 -10.65
CA ASP A 95 -4.65 9.18 -10.00
C ASP A 95 -4.98 10.51 -9.33
N GLU A 96 -5.62 11.38 -10.11
CA GLU A 96 -6.03 12.70 -9.62
C GLU A 96 -6.99 12.57 -8.44
N TYR A 97 -6.78 13.39 -7.42
CA TYR A 97 -7.64 13.37 -6.25
C TYR A 97 -8.65 14.50 -6.33
N ALA A 98 -9.75 14.25 -7.03
CA ALA A 98 -10.80 15.24 -7.21
C ALA A 98 -12.01 14.94 -6.35
N ASP A 99 -11.79 14.19 -5.28
CA ASP A 99 -12.86 13.82 -4.36
C ASP A 99 -12.69 14.55 -3.03
N ILE A 100 -13.50 14.18 -2.06
CA ILE A 100 -13.44 14.79 -0.75
C ILE A 100 -13.33 13.73 0.35
N PRO A 101 -12.25 13.79 1.14
CA PRO A 101 -12.01 12.83 2.23
C PRO A 101 -12.98 13.05 3.39
N GLU A 102 -13.32 11.97 4.09
CA GLU A 102 -14.23 12.06 5.22
C GLU A 102 -13.56 12.80 6.38
N HIS A 103 -14.37 13.51 7.14
CA HIS A 103 -13.89 14.29 8.28
C HIS A 103 -15.07 14.72 9.15
N LYS A 104 -16.15 13.94 9.11
CA LYS A 104 -17.34 14.23 9.89
C LYS A 104 -17.07 14.20 11.40
N PRO A 105 -16.52 13.11 11.95
CA PRO A 105 -16.26 13.01 13.39
C PRO A 105 -15.03 13.80 13.84
N THR A 106 -14.00 13.83 12.99
CA THR A 106 -12.78 14.54 13.31
C THR A 106 -11.89 14.64 12.07
N TYR A 107 -10.74 15.28 12.22
CA TYR A 107 -9.81 15.44 11.12
C TYR A 107 -8.37 15.25 11.61
N ASP A 108 -7.58 14.52 10.81
CA ASP A 108 -6.18 14.24 11.13
C ASP A 108 -6.05 13.36 12.37
N LYS A 109 -4.85 13.28 12.92
CA LYS A 109 -4.60 12.47 14.11
C LYS A 109 -3.84 13.25 15.17
N MET A 110 -4.54 13.61 16.23
CA MET A 110 -3.95 14.35 17.34
C MET A 110 -4.77 14.12 18.58
N GLU A 1 7.39 4.67 23.42
CA GLU A 1 8.22 5.34 22.40
C GLU A 1 9.30 4.40 21.86
N VAL A 2 9.52 4.46 20.56
CA VAL A 2 10.52 3.64 19.88
C VAL A 2 11.06 4.40 18.68
N GLU A 3 12.35 4.27 18.41
CA GLU A 3 12.95 4.95 17.26
C GLU A 3 12.69 4.17 15.99
N ASN A 4 12.45 4.89 14.90
CA ASN A 4 12.17 4.27 13.61
C ASN A 4 13.42 3.63 13.04
N ASN A 5 13.55 2.33 13.21
CA ASN A 5 14.69 1.58 12.70
C ASN A 5 14.41 1.08 11.29
N PHE A 6 14.92 -0.11 10.97
CA PHE A 6 14.70 -0.71 9.68
C PHE A 6 13.23 -1.08 9.52
N PRO A 7 12.66 -0.87 8.33
CA PRO A 7 11.24 -1.17 8.07
C PRO A 7 10.90 -2.63 8.34
N CYS A 8 9.87 -2.84 9.13
CA CYS A 8 9.42 -4.17 9.51
C CYS A 8 9.09 -5.07 8.31
N SER A 9 8.33 -4.59 7.34
CA SER A 9 7.99 -5.44 6.20
C SER A 9 9.06 -5.40 5.12
N LEU A 10 9.73 -4.27 4.97
CA LEU A 10 10.77 -4.14 3.95
C LEU A 10 11.99 -4.99 4.31
N TYR A 11 12.17 -5.23 5.60
CA TYR A 11 13.29 -6.04 6.08
C TYR A 11 12.86 -7.50 6.09
N LYS A 12 11.55 -7.71 6.15
CA LYS A 12 10.98 -9.06 6.18
C LYS A 12 10.97 -9.69 4.79
N ASP A 13 10.49 -8.96 3.79
CA ASP A 13 10.41 -9.49 2.43
C ASP A 13 10.38 -8.38 1.40
N GLU A 14 9.96 -8.72 0.19
CA GLU A 14 9.86 -7.76 -0.90
C GLU A 14 8.61 -6.88 -0.74
N ILE A 15 8.51 -5.84 -1.55
CA ILE A 15 7.38 -4.94 -1.48
C ILE A 15 6.24 -5.41 -2.38
N MET A 16 5.09 -5.64 -1.76
CA MET A 16 3.89 -6.13 -2.44
C MET A 16 3.33 -5.10 -3.43
N LYS A 17 3.73 -3.83 -3.32
CA LYS A 17 3.26 -2.80 -4.22
C LYS A 17 4.11 -2.77 -5.48
N GLU A 18 5.26 -3.44 -5.43
CA GLU A 18 6.21 -3.51 -6.55
C GLU A 18 6.92 -2.17 -6.73
N ILE A 19 6.14 -1.09 -6.84
CA ILE A 19 6.67 0.26 -7.02
C ILE A 19 5.54 1.26 -7.26
N GLU A 20 5.85 2.54 -7.11
CA GLU A 20 4.88 3.61 -7.33
C GLU A 20 4.98 4.07 -8.79
N ARG A 21 4.38 5.20 -9.13
CA ARG A 21 4.46 5.68 -10.52
C ARG A 21 5.75 6.47 -10.77
N GLU A 22 5.63 7.79 -10.88
CA GLU A 22 6.76 8.65 -11.16
C GLU A 22 7.39 9.15 -9.85
N SER A 23 7.98 10.33 -9.89
CA SER A 23 8.60 10.93 -8.72
C SER A 23 7.75 12.11 -8.22
N LYS A 24 7.23 12.89 -9.15
CA LYS A 24 6.43 14.06 -8.79
C LYS A 24 5.02 13.99 -9.37
N ARG A 25 4.90 13.60 -10.63
CA ARG A 25 3.59 13.51 -11.27
C ARG A 25 3.69 12.88 -12.66
N ILE A 26 3.93 13.71 -13.66
CA ILE A 26 4.04 13.25 -15.02
C ILE A 26 5.40 13.61 -15.61
N LYS A 27 5.98 12.66 -16.33
CA LYS A 27 7.29 12.85 -16.96
C LYS A 27 7.52 11.76 -17.99
N LEU A 28 7.09 10.56 -17.67
CA LEU A 28 7.23 9.42 -18.56
C LEU A 28 6.25 9.53 -19.73
N ASN A 29 5.06 8.97 -19.55
CA ASN A 29 4.03 9.03 -20.60
C ASN A 29 2.65 8.82 -20.01
N ASP A 30 2.44 7.66 -19.38
CA ASP A 30 1.15 7.29 -18.78
C ASP A 30 0.08 7.20 -19.87
N ASN A 31 -1.17 7.49 -19.52
CA ASN A 31 -2.26 7.44 -20.46
C ASN A 31 -3.07 8.73 -20.40
N ASP A 32 -3.06 9.51 -21.47
CA ASP A 32 -3.78 10.77 -21.51
C ASP A 32 -5.26 10.55 -21.78
N ASP A 33 -5.62 9.31 -22.09
CA ASP A 33 -6.99 8.93 -22.37
C ASP A 33 -7.56 8.11 -21.21
N GLU A 34 -6.76 7.98 -20.16
CA GLU A 34 -7.17 7.22 -18.98
C GLU A 34 -7.27 8.14 -17.75
N GLY A 35 -7.33 7.55 -16.57
CA GLY A 35 -7.43 8.32 -15.35
C GLY A 35 -8.69 7.98 -14.60
N ASN A 36 -8.99 6.69 -14.48
CA ASN A 36 -10.20 6.25 -13.79
C ASN A 36 -10.15 4.75 -13.47
N LYS A 37 -9.28 4.03 -14.18
CA LYS A 37 -9.17 2.60 -13.97
C LYS A 37 -7.85 2.24 -13.28
N LYS A 38 -6.81 3.00 -13.56
CA LYS A 38 -5.50 2.76 -12.96
C LYS A 38 -5.20 3.82 -11.92
N ILE A 39 -5.28 3.43 -10.66
CA ILE A 39 -5.02 4.34 -9.56
C ILE A 39 -3.63 4.08 -8.97
N ILE A 40 -2.77 5.07 -9.09
CA ILE A 40 -1.41 4.99 -8.61
C ILE A 40 -0.96 6.38 -8.15
N ALA A 41 0.05 6.45 -7.30
CA ALA A 41 0.53 7.73 -6.79
C ALA A 41 1.83 8.12 -7.45
N PRO A 42 2.15 9.42 -7.45
CA PRO A 42 3.39 9.92 -8.04
C PRO A 42 4.57 9.60 -7.14
N ARG A 43 4.81 10.46 -6.16
CA ARG A 43 5.89 10.25 -5.21
C ARG A 43 5.57 9.05 -4.30
N ILE A 44 6.48 8.09 -4.28
CA ILE A 44 6.30 6.90 -3.46
C ILE A 44 6.51 7.23 -1.99
N PHE A 45 5.58 6.76 -1.15
CA PHE A 45 5.65 7.02 0.28
C PHE A 45 6.51 5.96 0.96
N ILE A 46 7.02 6.28 2.12
CA ILE A 46 7.87 5.35 2.86
C ILE A 46 7.03 4.53 3.83
N SER A 47 6.28 3.59 3.29
CA SER A 47 5.45 2.72 4.09
C SER A 47 6.25 1.50 4.54
N ASP A 48 6.34 1.33 5.84
CA ASP A 48 7.07 0.23 6.45
C ASP A 48 6.48 -1.11 6.01
N ASP A 49 5.15 -1.15 5.92
CA ASP A 49 4.43 -2.35 5.51
C ASP A 49 3.23 -2.01 4.64
N LYS A 50 3.24 -2.56 3.44
CA LYS A 50 2.13 -2.38 2.50
C LYS A 50 1.59 -3.74 2.09
N ASP A 51 2.17 -4.77 2.67
CA ASP A 51 1.81 -6.16 2.37
C ASP A 51 0.87 -6.74 3.42
N SER A 52 0.91 -6.19 4.62
CA SER A 52 0.09 -6.64 5.73
C SER A 52 -1.39 -6.70 5.36
N LEU A 53 -1.87 -5.75 4.56
CA LEU A 53 -3.27 -5.73 4.16
C LEU A 53 -3.42 -6.09 2.68
N LYS A 54 -2.29 -6.36 2.03
CA LYS A 54 -2.25 -6.74 0.62
C LYS A 54 -3.09 -5.81 -0.27
N CYS A 55 -3.09 -4.53 0.05
CA CYS A 55 -3.84 -3.57 -0.73
C CYS A 55 -3.04 -2.29 -0.85
N PRO A 56 -2.57 -1.98 -2.06
CA PRO A 56 -1.78 -0.81 -2.33
C PRO A 56 -2.62 0.42 -2.65
N CYS A 57 -3.72 0.61 -1.93
CA CYS A 57 -4.55 1.77 -2.18
C CYS A 57 -4.06 2.97 -1.33
N ASP A 58 -4.98 3.83 -0.88
CA ASP A 58 -4.64 5.01 -0.08
C ASP A 58 -3.68 4.69 1.07
N PRO A 59 -2.89 5.68 1.50
CA PRO A 59 -1.89 5.51 2.54
C PRO A 59 -2.33 5.98 3.93
N GLU A 60 -2.87 5.04 4.71
CA GLU A 60 -3.28 5.34 6.07
C GLU A 60 -2.22 4.83 7.03
N MET A 61 -1.79 5.67 7.95
CA MET A 61 -0.76 5.28 8.90
C MET A 61 -1.29 4.33 9.97
N VAL A 62 -0.71 3.13 10.00
CA VAL A 62 -1.10 2.12 10.96
C VAL A 62 0.09 1.77 11.85
N SER A 63 -0.03 2.11 13.13
CA SER A 63 1.04 1.84 14.09
C SER A 63 0.60 0.79 15.09
N ASN A 64 1.30 -0.33 15.07
CA ASN A 64 1.02 -1.42 15.97
C ASN A 64 1.82 -1.25 17.25
N SER A 65 2.47 -2.31 17.68
CA SER A 65 3.26 -2.27 18.88
C SER A 65 4.63 -1.63 18.64
N THR A 66 5.18 -1.80 17.43
CA THR A 66 6.50 -1.25 17.15
C THR A 66 6.66 -0.71 15.72
N CYS A 67 5.72 -0.99 14.84
CA CYS A 67 5.85 -0.51 13.45
C CYS A 67 4.70 0.42 13.08
N ARG A 68 5.01 1.39 12.24
CA ARG A 68 4.05 2.38 11.77
C ARG A 68 4.23 2.53 10.25
N PHE A 69 3.17 2.27 9.51
CA PHE A 69 3.26 2.34 8.05
C PHE A 69 1.97 2.85 7.42
N PHE A 70 2.04 3.22 6.13
CA PHE A 70 0.87 3.70 5.42
C PHE A 70 0.23 2.55 4.64
N VAL A 71 -0.86 2.00 5.16
CA VAL A 71 -1.53 0.88 4.52
C VAL A 71 -2.94 1.23 4.03
N CYS A 72 -3.61 0.23 3.49
CA CYS A 72 -4.96 0.32 2.94
C CYS A 72 -6.00 0.80 3.95
N LYS A 73 -6.78 1.81 3.55
CA LYS A 73 -7.84 2.36 4.39
C LYS A 73 -9.04 2.73 3.51
N CYS A 74 -9.10 2.15 2.33
CA CYS A 74 -10.18 2.43 1.40
C CYS A 74 -11.35 1.47 1.63
N VAL A 75 -11.46 0.99 2.86
CA VAL A 75 -12.52 0.07 3.25
C VAL A 75 -13.35 0.69 4.37
N GLU A 76 -14.59 0.24 4.53
CA GLU A 76 -15.47 0.77 5.56
C GLU A 76 -15.33 -0.06 6.85
N ARG A 77 -16.46 -0.52 7.39
CA ARG A 77 -16.44 -1.31 8.61
C ARG A 77 -16.21 -2.77 8.29
N ARG A 78 -15.40 -3.43 9.10
CA ARG A 78 -15.09 -4.83 8.91
C ARG A 78 -16.34 -5.68 9.13
N ALA A 79 -16.75 -6.37 8.08
CA ALA A 79 -17.93 -7.23 8.14
C ALA A 79 -17.73 -8.37 9.13
N GLU A 80 -16.47 -8.72 9.32
CA GLU A 80 -16.08 -9.79 10.23
C GLU A 80 -16.30 -9.34 11.68
N VAL A 81 -17.05 -10.14 12.42
CA VAL A 81 -17.34 -9.83 13.82
C VAL A 81 -16.12 -10.09 14.69
N THR A 82 -15.78 -9.11 15.51
CA THR A 82 -14.62 -9.22 16.40
C THR A 82 -14.78 -10.41 17.35
N SER A 83 -13.98 -11.44 17.10
CA SER A 83 -14.02 -12.65 17.90
C SER A 83 -12.63 -12.96 18.44
N ASN A 84 -11.92 -11.92 18.85
CA ASN A 84 -10.57 -12.06 19.38
C ASN A 84 -10.60 -12.55 20.83
N ASN A 85 -11.13 -13.76 21.02
CA ASN A 85 -11.24 -14.35 22.34
C ASN A 85 -9.94 -15.05 22.73
N GLU A 86 -9.16 -15.43 21.73
CA GLU A 86 -7.89 -16.10 21.97
C GLU A 86 -6.81 -15.09 22.32
N VAL A 87 -6.77 -14.72 23.58
CA VAL A 87 -5.79 -13.77 24.07
C VAL A 87 -4.58 -14.51 24.62
N VAL A 88 -3.39 -14.09 24.18
CA VAL A 88 -2.15 -14.72 24.63
C VAL A 88 -1.96 -14.50 26.12
N VAL A 89 -2.01 -15.59 26.88
CA VAL A 89 -1.86 -15.53 28.33
C VAL A 89 -0.45 -15.09 28.69
N LYS A 90 -0.37 -14.08 29.55
CA LYS A 90 0.90 -13.55 30.01
C LYS A 90 0.70 -12.66 31.23
N GLU A 91 -0.10 -11.61 31.06
CA GLU A 91 -0.38 -10.69 32.15
C GLU A 91 -1.52 -11.21 33.02
N GLU A 92 -1.24 -12.25 33.78
CA GLU A 92 -2.25 -12.82 34.66
C GLU A 92 -2.25 -12.07 35.98
N TYR A 93 -3.30 -11.30 36.21
CA TYR A 93 -3.44 -10.49 37.41
C TYR A 93 -3.48 -11.36 38.66
N LYS A 94 -2.77 -10.94 39.70
CA LYS A 94 -2.74 -11.68 40.93
C LYS A 94 -3.83 -11.21 41.87
N ASP A 95 -5.00 -11.83 41.75
CA ASP A 95 -6.13 -11.48 42.59
C ASP A 95 -6.62 -12.71 43.35
N GLU A 96 -6.66 -13.82 42.63
CA GLU A 96 -7.10 -15.09 43.22
C GLU A 96 -6.15 -15.47 44.35
N TYR A 97 -6.71 -15.82 45.50
CA TYR A 97 -5.90 -16.18 46.64
C TYR A 97 -5.60 -17.68 46.63
N ALA A 98 -4.85 -18.09 45.61
CA ALA A 98 -4.46 -19.48 45.45
C ALA A 98 -3.07 -19.71 46.04
N ASP A 99 -2.47 -18.61 46.49
CA ASP A 99 -1.14 -18.64 47.09
C ASP A 99 -1.23 -19.06 48.55
N ILE A 100 -1.77 -20.25 48.78
CA ILE A 100 -1.93 -20.77 50.12
C ILE A 100 -0.86 -21.82 50.45
N PRO A 101 -0.12 -21.61 51.56
CA PRO A 101 0.93 -22.54 51.98
C PRO A 101 0.37 -23.78 52.67
N GLU A 102 0.98 -24.93 52.42
CA GLU A 102 0.53 -26.20 53.01
C GLU A 102 1.05 -26.36 54.44
N HIS A 103 0.86 -25.33 55.26
CA HIS A 103 1.29 -25.35 56.65
C HIS A 103 0.92 -24.05 57.34
N LYS A 104 0.83 -24.09 58.67
CA LYS A 104 0.51 -22.90 59.45
C LYS A 104 1.78 -22.36 60.09
N PRO A 105 1.79 -21.08 60.50
CA PRO A 105 2.97 -20.45 61.11
C PRO A 105 3.21 -20.92 62.55
N THR A 106 3.78 -22.11 62.68
CA THR A 106 4.07 -22.66 63.99
C THR A 106 5.44 -22.20 64.48
N TYR A 107 6.38 -22.12 63.53
CA TYR A 107 7.77 -21.70 63.79
C TYR A 107 8.57 -22.77 64.53
N ASP A 108 8.02 -23.31 65.62
CA ASP A 108 8.69 -24.34 66.39
C ASP A 108 8.42 -25.73 65.82
N LYS A 109 7.85 -25.74 64.61
CA LYS A 109 7.52 -26.96 63.87
C LYS A 109 6.20 -27.56 64.34
N MET A 110 5.86 -28.71 63.78
CA MET A 110 4.62 -29.39 64.13
C MET A 110 4.91 -30.86 64.38
N GLU A 1 8.05 8.93 22.71
CA GLU A 1 7.92 8.37 21.36
C GLU A 1 9.29 7.91 20.86
N VAL A 2 9.33 6.80 20.14
CA VAL A 2 10.58 6.27 19.62
C VAL A 2 10.65 6.40 18.11
N GLU A 3 11.76 6.95 17.62
CA GLU A 3 11.95 7.14 16.18
C GLU A 3 11.88 5.80 15.46
N ASN A 4 11.22 5.79 14.31
CA ASN A 4 11.04 4.58 13.54
C ASN A 4 12.39 4.01 13.11
N ASN A 5 12.60 2.75 13.43
CA ASN A 5 13.83 2.04 13.10
C ASN A 5 13.76 1.53 11.66
N PHE A 6 14.46 0.44 11.39
CA PHE A 6 14.47 -0.14 10.06
C PHE A 6 13.10 -0.75 9.77
N PRO A 7 12.57 -0.54 8.55
CA PRO A 7 11.25 -1.06 8.14
C PRO A 7 11.13 -2.57 8.36
N CYS A 8 10.05 -2.98 9.00
CA CYS A 8 9.81 -4.39 9.33
C CYS A 8 9.75 -5.29 8.10
N SER A 9 8.79 -5.07 7.21
CA SER A 9 8.64 -5.92 6.04
C SER A 9 9.74 -5.71 5.02
N LEU A 10 10.24 -4.48 4.93
CA LEU A 10 11.30 -4.17 3.97
C LEU A 10 12.64 -4.77 4.40
N TYR A 11 12.74 -5.11 5.68
CA TYR A 11 13.95 -5.73 6.22
C TYR A 11 13.79 -7.24 6.20
N LYS A 12 12.53 -7.66 6.12
CA LYS A 12 12.18 -9.07 6.10
C LYS A 12 12.33 -9.67 4.70
N ASP A 13 11.75 -9.03 3.70
CA ASP A 13 11.82 -9.54 2.33
C ASP A 13 11.61 -8.42 1.30
N GLU A 14 10.85 -8.70 0.25
CA GLU A 14 10.58 -7.72 -0.80
C GLU A 14 9.40 -6.83 -0.42
N ILE A 15 8.83 -6.12 -1.39
CA ILE A 15 7.73 -5.23 -1.14
C ILE A 15 6.59 -5.47 -2.14
N MET A 16 5.37 -5.18 -1.70
CA MET A 16 4.17 -5.36 -2.53
C MET A 16 4.18 -4.39 -3.72
N LYS A 17 5.17 -3.52 -3.78
CA LYS A 17 5.30 -2.55 -4.86
C LYS A 17 5.50 -3.25 -6.19
N GLU A 18 6.19 -4.39 -6.15
CA GLU A 18 6.45 -5.21 -7.35
C GLU A 18 7.27 -4.47 -8.40
N ILE A 19 7.98 -3.42 -7.99
CA ILE A 19 8.80 -2.66 -8.92
C ILE A 19 9.87 -1.85 -8.18
N GLU A 20 10.43 -2.46 -7.15
CA GLU A 20 11.47 -1.82 -6.36
C GLU A 20 12.83 -2.01 -7.03
N ARG A 21 13.02 -1.30 -8.14
CA ARG A 21 14.27 -1.38 -8.90
C ARG A 21 15.38 -0.55 -8.25
N GLU A 22 16.62 -0.86 -8.59
CA GLU A 22 17.77 -0.15 -8.04
C GLU A 22 17.96 1.20 -8.75
N SER A 23 16.97 2.05 -8.62
CA SER A 23 17.00 3.36 -9.26
C SER A 23 17.26 4.46 -8.23
N LYS A 24 17.66 4.05 -7.04
CA LYS A 24 17.94 4.98 -5.96
C LYS A 24 19.44 5.03 -5.71
N ARG A 25 19.99 6.25 -5.62
CA ARG A 25 21.43 6.47 -5.38
C ARG A 25 22.25 6.20 -6.64
N ILE A 26 21.93 5.12 -7.33
CA ILE A 26 22.63 4.76 -8.55
C ILE A 26 21.73 5.00 -9.76
N LYS A 27 22.22 5.81 -10.69
CA LYS A 27 21.47 6.13 -11.89
C LYS A 27 21.90 5.25 -13.05
N LEU A 28 20.95 4.54 -13.64
CA LEU A 28 21.24 3.67 -14.77
C LEU A 28 21.39 4.48 -16.04
N ASN A 29 22.59 4.98 -16.27
CA ASN A 29 22.87 5.79 -17.44
C ASN A 29 23.38 4.89 -18.57
N ASP A 30 24.70 4.83 -18.74
CA ASP A 30 25.32 4.01 -19.77
C ASP A 30 24.80 4.37 -21.16
N ASN A 31 24.82 3.41 -22.08
CA ASN A 31 24.35 3.63 -23.43
C ASN A 31 23.11 2.79 -23.72
N ASP A 32 23.28 1.74 -24.51
CA ASP A 32 22.19 0.85 -24.85
C ASP A 32 22.47 -0.54 -24.32
N ASP A 33 21.72 -0.95 -23.32
CA ASP A 33 21.90 -2.26 -22.69
C ASP A 33 20.93 -3.30 -23.29
N GLU A 34 20.80 -4.43 -22.61
CA GLU A 34 19.91 -5.49 -23.07
C GLU A 34 18.67 -5.56 -22.17
N GLY A 35 17.65 -6.28 -22.61
CA GLY A 35 16.45 -6.42 -21.82
C GLY A 35 15.20 -6.28 -22.66
N ASN A 36 14.08 -6.77 -22.15
CA ASN A 36 12.81 -6.71 -22.87
C ASN A 36 11.90 -5.65 -22.26
N LYS A 37 11.44 -5.89 -21.04
CA LYS A 37 10.57 -4.96 -20.35
C LYS A 37 11.38 -3.86 -19.67
N LYS A 38 11.42 -2.70 -20.30
CA LYS A 38 12.15 -1.57 -19.76
C LYS A 38 11.30 -0.82 -18.74
N ILE A 39 11.52 -1.12 -17.47
CA ILE A 39 10.78 -0.47 -16.39
C ILE A 39 11.74 -0.06 -15.27
N ILE A 40 11.52 1.14 -14.74
CA ILE A 40 12.37 1.67 -13.68
C ILE A 40 11.56 2.55 -12.75
N ALA A 41 11.72 2.38 -11.44
CA ALA A 41 10.96 3.16 -10.48
C ALA A 41 11.85 3.69 -9.37
N PRO A 42 11.70 4.98 -9.03
CA PRO A 42 12.47 5.61 -7.97
C PRO A 42 12.28 4.88 -6.64
N ARG A 43 13.33 4.18 -6.23
CA ARG A 43 13.30 3.39 -5.01
C ARG A 43 13.22 4.27 -3.77
N ILE A 44 12.00 4.58 -3.35
CA ILE A 44 11.76 5.40 -2.17
C ILE A 44 10.65 4.77 -1.34
N PHE A 45 11.02 4.14 -0.24
CA PHE A 45 10.06 3.48 0.64
C PHE A 45 9.24 4.50 1.41
N ILE A 46 7.98 4.17 1.65
CA ILE A 46 7.07 5.05 2.38
C ILE A 46 6.43 4.33 3.57
N SER A 47 6.08 3.06 3.38
CA SER A 47 5.46 2.28 4.42
C SER A 47 6.37 1.13 4.88
N ASP A 48 6.41 0.91 6.19
CA ASP A 48 7.21 -0.16 6.79
C ASP A 48 6.79 -1.51 6.25
N ASP A 49 5.50 -1.63 5.97
CA ASP A 49 4.90 -2.85 5.45
C ASP A 49 3.86 -2.49 4.40
N LYS A 50 3.86 -3.22 3.29
CA LYS A 50 2.90 -2.97 2.22
C LYS A 50 2.10 -4.24 1.91
N ASP A 51 2.49 -5.35 2.51
CA ASP A 51 1.83 -6.63 2.29
C ASP A 51 0.84 -6.96 3.39
N SER A 52 1.02 -6.38 4.56
CA SER A 52 0.15 -6.61 5.69
C SER A 52 -1.26 -6.12 5.38
N LEU A 53 -1.34 -4.93 4.80
CA LEU A 53 -2.61 -4.33 4.43
C LEU A 53 -3.26 -5.10 3.26
N LYS A 54 -2.41 -5.68 2.41
CA LYS A 54 -2.84 -6.45 1.24
C LYS A 54 -3.71 -5.62 0.29
N CYS A 55 -3.61 -4.30 0.40
CA CYS A 55 -4.40 -3.41 -0.46
C CYS A 55 -3.83 -2.00 -0.42
N PRO A 56 -3.39 -1.49 -1.57
CA PRO A 56 -2.80 -0.16 -1.66
C PRO A 56 -3.83 0.95 -1.88
N CYS A 57 -5.01 0.82 -1.26
CA CYS A 57 -6.02 1.85 -1.42
C CYS A 57 -6.07 2.77 -0.19
N ASP A 58 -5.81 4.06 -0.44
CA ASP A 58 -5.79 5.09 0.60
C ASP A 58 -4.63 4.89 1.59
N PRO A 59 -3.96 5.98 1.97
CA PRO A 59 -2.82 5.94 2.87
C PRO A 59 -3.18 6.20 4.34
N GLU A 60 -3.58 5.15 5.06
CA GLU A 60 -3.91 5.27 6.47
C GLU A 60 -2.75 4.74 7.29
N MET A 61 -2.06 5.61 8.02
CA MET A 61 -0.90 5.21 8.81
C MET A 61 -1.31 4.33 9.99
N VAL A 62 -0.67 3.17 10.11
CA VAL A 62 -0.94 2.24 11.19
C VAL A 62 0.35 1.89 11.93
N SER A 63 0.35 2.06 13.24
CA SER A 63 1.52 1.81 14.05
C SER A 63 1.59 0.36 14.54
N ASN A 64 0.43 -0.26 14.75
CA ASN A 64 0.35 -1.65 15.21
C ASN A 64 1.14 -1.83 16.50
N SER A 65 2.32 -2.42 16.39
CA SER A 65 3.19 -2.66 17.52
C SER A 65 4.26 -1.56 17.64
N THR A 66 5.13 -1.46 16.64
CA THR A 66 6.20 -0.47 16.66
C THR A 66 6.52 0.06 15.26
N CYS A 67 5.86 -0.49 14.25
CA CYS A 67 6.09 -0.09 12.87
C CYS A 67 5.19 1.08 12.50
N ARG A 68 5.45 1.68 11.37
CA ARG A 68 4.68 2.81 10.90
C ARG A 68 4.49 2.74 9.40
N PHE A 69 3.28 2.36 8.96
CA PHE A 69 3.05 2.25 7.52
C PHE A 69 1.63 2.58 7.11
N PHE A 70 1.44 2.78 5.81
CA PHE A 70 0.12 3.11 5.27
C PHE A 70 -0.67 1.85 4.92
N VAL A 71 -1.79 1.68 5.61
CA VAL A 71 -2.67 0.53 5.42
C VAL A 71 -3.92 0.90 4.61
N CYS A 72 -4.50 -0.10 3.95
CA CYS A 72 -5.70 0.04 3.14
C CYS A 72 -6.88 0.57 3.95
N LYS A 73 -7.50 1.66 3.49
CA LYS A 73 -8.64 2.25 4.18
C LYS A 73 -9.38 3.24 3.30
N CYS A 74 -9.76 2.82 2.10
CA CYS A 74 -10.48 3.70 1.18
C CYS A 74 -11.99 3.56 1.39
N VAL A 75 -12.44 2.35 1.66
CA VAL A 75 -13.85 2.07 1.88
C VAL A 75 -14.02 1.18 3.09
N GLU A 76 -14.99 1.53 3.93
CA GLU A 76 -15.28 0.75 5.14
C GLU A 76 -15.80 -0.62 4.76
N ARG A 77 -16.86 -0.65 3.95
CA ARG A 77 -17.45 -1.90 3.51
C ARG A 77 -16.80 -2.39 2.22
N ARG A 78 -15.47 -2.31 2.16
CA ARG A 78 -14.74 -2.75 0.98
C ARG A 78 -14.67 -4.28 0.96
N ALA A 79 -14.28 -4.86 2.08
CA ALA A 79 -14.17 -6.31 2.22
C ALA A 79 -14.01 -6.69 3.68
N GLU A 80 -15.08 -6.57 4.44
CA GLU A 80 -15.05 -6.90 5.86
C GLU A 80 -15.34 -8.38 6.06
N VAL A 81 -14.36 -9.10 6.57
CA VAL A 81 -14.49 -10.53 6.81
C VAL A 81 -15.45 -10.80 7.97
N THR A 82 -16.43 -11.66 7.73
CA THR A 82 -17.40 -12.01 8.75
C THR A 82 -16.73 -12.65 9.96
N SER A 83 -16.58 -11.86 11.02
CA SER A 83 -15.95 -12.33 12.24
C SER A 83 -16.99 -12.52 13.34
N ASN A 84 -18.21 -12.89 12.94
CA ASN A 84 -19.30 -13.12 13.89
C ASN A 84 -19.24 -14.54 14.44
N ASN A 85 -18.03 -15.06 14.59
CA ASN A 85 -17.81 -16.39 15.10
C ASN A 85 -16.85 -16.35 16.29
N GLU A 86 -15.57 -16.15 15.99
CA GLU A 86 -14.56 -16.08 17.04
C GLU A 86 -13.33 -15.34 16.53
N VAL A 87 -12.67 -14.62 17.42
CA VAL A 87 -11.48 -13.87 17.07
C VAL A 87 -10.28 -14.80 16.91
N VAL A 88 -9.60 -14.69 15.79
CA VAL A 88 -8.43 -15.53 15.52
C VAL A 88 -7.23 -15.06 16.31
N VAL A 89 -6.54 -16.00 16.95
CA VAL A 89 -5.36 -15.70 17.74
C VAL A 89 -4.24 -15.14 16.87
N LYS A 90 -3.45 -14.25 17.44
CA LYS A 90 -2.35 -13.63 16.71
C LYS A 90 -1.17 -14.59 16.59
N GLU A 91 -0.49 -14.84 17.70
CA GLU A 91 0.66 -15.73 17.71
C GLU A 91 0.65 -16.58 18.97
N GLU A 92 1.47 -16.17 19.95
CA GLU A 92 1.56 -16.87 21.22
C GLU A 92 0.27 -16.69 22.02
N TYR A 93 -0.11 -17.74 22.74
CA TYR A 93 -1.32 -17.70 23.54
C TYR A 93 -1.05 -16.98 24.86
N LYS A 94 -1.95 -16.08 25.23
CA LYS A 94 -1.81 -15.33 26.48
C LYS A 94 -2.12 -16.24 27.66
N ASP A 95 -1.08 -16.89 28.16
CA ASP A 95 -1.20 -17.81 29.28
C ASP A 95 -0.09 -17.58 30.29
N GLU A 96 1.12 -17.36 29.77
CA GLU A 96 2.29 -17.12 30.60
C GLU A 96 2.11 -15.84 31.43
N TYR A 97 2.22 -15.99 32.74
CA TYR A 97 2.08 -14.86 33.65
C TYR A 97 3.23 -14.86 34.63
N ALA A 98 4.33 -14.25 34.23
CA ALA A 98 5.52 -14.20 35.07
C ALA A 98 5.74 -12.78 35.62
N ASP A 99 6.36 -11.95 34.81
CA ASP A 99 6.64 -10.57 35.20
C ASP A 99 6.06 -9.59 34.20
N ILE A 100 6.10 -8.32 34.54
CA ILE A 100 5.58 -7.26 33.69
C ILE A 100 6.68 -6.23 33.39
N PRO A 101 6.95 -5.95 32.11
CA PRO A 101 7.99 -5.01 31.69
C PRO A 101 7.88 -3.66 32.40
N GLU A 102 6.74 -3.00 32.26
CA GLU A 102 6.51 -1.71 32.90
C GLU A 102 6.16 -1.90 34.38
N HIS A 103 7.02 -2.63 35.08
CA HIS A 103 6.83 -2.92 36.49
C HIS A 103 7.14 -1.72 37.37
N LYS A 104 8.20 -0.99 37.03
CA LYS A 104 8.59 0.17 37.82
C LYS A 104 9.08 1.35 36.95
N PRO A 105 10.06 1.14 36.05
CA PRO A 105 10.58 2.22 35.21
C PRO A 105 9.63 2.57 34.05
N THR A 106 8.56 3.28 34.36
CA THR A 106 7.59 3.67 33.34
C THR A 106 7.99 4.98 32.65
N TYR A 107 9.30 5.18 32.48
CA TYR A 107 9.87 6.36 31.82
C TYR A 107 9.73 7.63 32.66
N ASP A 108 10.84 8.36 32.80
CA ASP A 108 10.89 9.59 33.58
C ASP A 108 10.54 9.32 35.05
N LYS A 109 9.96 10.31 35.71
CA LYS A 109 9.58 10.19 37.09
C LYS A 109 8.34 11.04 37.36
N MET A 110 7.22 10.37 37.52
CA MET A 110 5.96 11.05 37.78
C MET A 110 5.17 10.25 38.80
N GLU A 1 24.31 7.52 4.42
CA GLU A 1 24.62 6.43 5.37
C GLU A 1 23.41 5.52 5.55
N VAL A 2 23.65 4.28 5.94
CA VAL A 2 22.58 3.32 6.14
C VAL A 2 22.06 3.36 7.57
N GLU A 3 22.96 3.63 8.50
CA GLU A 3 22.60 3.71 9.91
C GLU A 3 21.72 4.94 10.15
N ASN A 4 20.43 4.70 10.33
CA ASN A 4 19.47 5.77 10.57
C ASN A 4 18.11 5.16 10.96
N ASN A 5 17.60 4.31 10.09
CA ASN A 5 16.33 3.64 10.31
C ASN A 5 16.39 2.22 9.81
N PHE A 6 15.56 1.36 10.36
CA PHE A 6 15.53 -0.03 9.95
C PHE A 6 14.12 -0.42 9.53
N PRO A 7 13.99 -1.00 8.33
CA PRO A 7 12.69 -1.44 7.78
C PRO A 7 12.04 -2.51 8.64
N CYS A 8 10.73 -2.45 8.78
CA CYS A 8 10.01 -3.42 9.58
C CYS A 8 9.56 -4.59 8.73
N SER A 9 8.60 -4.37 7.85
CA SER A 9 8.11 -5.44 7.00
C SER A 9 8.98 -5.61 5.76
N LEU A 10 9.68 -4.55 5.38
CA LEU A 10 10.57 -4.61 4.22
C LEU A 10 11.79 -5.46 4.57
N TYR A 11 12.15 -5.47 5.85
CA TYR A 11 13.27 -6.28 6.32
C TYR A 11 12.75 -7.63 6.81
N LYS A 12 11.45 -7.67 7.04
CA LYS A 12 10.77 -8.87 7.51
C LYS A 12 10.70 -9.94 6.42
N ASP A 13 10.33 -9.54 5.21
CA ASP A 13 10.22 -10.48 4.10
C ASP A 13 10.26 -9.77 2.75
N GLU A 14 9.81 -10.48 1.71
CA GLU A 14 9.78 -9.96 0.35
C GLU A 14 8.88 -8.72 0.22
N ILE A 15 9.21 -7.86 -0.73
CA ILE A 15 8.43 -6.64 -0.95
C ILE A 15 7.39 -6.86 -2.04
N MET A 16 6.14 -6.65 -1.65
CA MET A 16 4.98 -6.82 -2.55
C MET A 16 4.94 -5.75 -3.65
N LYS A 17 5.80 -4.74 -3.53
CA LYS A 17 5.85 -3.66 -4.51
C LYS A 17 6.61 -4.09 -5.76
N GLU A 18 7.32 -5.22 -5.68
CA GLU A 18 8.08 -5.75 -6.79
C GLU A 18 9.09 -4.72 -7.31
N ILE A 19 9.96 -4.27 -6.40
CA ILE A 19 10.97 -3.29 -6.75
C ILE A 19 12.21 -3.96 -7.32
N GLU A 20 12.92 -3.24 -8.18
CA GLU A 20 14.12 -3.78 -8.81
C GLU A 20 15.36 -3.45 -7.99
N ARG A 21 15.61 -2.17 -7.78
CA ARG A 21 16.77 -1.75 -7.02
C ARG A 21 16.35 -0.94 -5.80
N GLU A 22 17.12 0.10 -5.47
CA GLU A 22 16.84 0.97 -4.33
C GLU A 22 15.62 1.83 -4.62
N SER A 23 15.11 2.47 -3.58
CA SER A 23 13.95 3.33 -3.68
C SER A 23 14.32 4.68 -4.29
N LYS A 24 15.60 4.98 -4.33
CA LYS A 24 16.05 6.24 -4.90
C LYS A 24 17.00 6.00 -6.08
N ARG A 25 16.98 6.93 -7.02
CA ARG A 25 17.83 6.83 -8.20
C ARG A 25 19.22 7.39 -7.90
N ILE A 26 19.86 6.84 -6.88
CA ILE A 26 21.19 7.26 -6.47
C ILE A 26 22.22 6.88 -7.53
N LYS A 27 22.97 7.88 -7.96
CA LYS A 27 24.01 7.70 -8.96
C LYS A 27 25.12 6.80 -8.43
N LEU A 28 25.35 5.69 -9.12
CA LEU A 28 26.39 4.74 -8.72
C LEU A 28 27.18 4.28 -9.93
N ASN A 29 28.30 3.61 -9.69
CA ASN A 29 29.17 3.13 -10.77
C ASN A 29 28.59 1.88 -11.43
N ASP A 30 28.62 0.77 -10.69
CA ASP A 30 28.10 -0.49 -11.18
C ASP A 30 26.62 -0.39 -11.52
N ASN A 31 26.25 -0.79 -12.72
CA ASN A 31 24.86 -0.71 -13.16
C ASN A 31 24.59 -1.66 -14.32
N ASP A 32 25.52 -2.56 -14.58
CA ASP A 32 25.36 -3.51 -15.68
C ASP A 32 25.39 -4.94 -15.15
N ASP A 33 24.55 -5.78 -15.74
CA ASP A 33 24.43 -7.19 -15.37
C ASP A 33 24.01 -8.01 -16.59
N GLU A 34 22.77 -7.83 -17.00
CA GLU A 34 22.22 -8.53 -18.16
C GLU A 34 22.02 -7.52 -19.30
N GLY A 35 21.51 -8.00 -20.42
CA GLY A 35 21.25 -7.13 -21.55
C GLY A 35 19.79 -6.71 -21.60
N ASN A 36 19.09 -6.98 -20.52
CA ASN A 36 17.67 -6.65 -20.40
C ASN A 36 17.48 -5.17 -20.11
N LYS A 37 16.23 -4.78 -19.90
CA LYS A 37 15.88 -3.40 -19.60
C LYS A 37 16.27 -3.04 -18.17
N LYS A 38 17.21 -2.12 -18.04
CA LYS A 38 17.67 -1.66 -16.74
C LYS A 38 16.71 -0.60 -16.21
N ILE A 39 16.04 -0.89 -15.10
CA ILE A 39 15.09 0.04 -14.52
C ILE A 39 15.37 0.26 -13.03
N ILE A 40 15.11 1.47 -12.57
CA ILE A 40 15.32 1.85 -11.18
C ILE A 40 14.24 2.84 -10.76
N ALA A 41 13.61 2.58 -9.61
CA ALA A 41 12.56 3.46 -9.13
C ALA A 41 13.14 4.61 -8.32
N PRO A 42 12.79 5.85 -8.68
CA PRO A 42 13.28 7.06 -8.01
C PRO A 42 12.26 7.64 -7.03
N ARG A 43 11.50 6.77 -6.38
CA ARG A 43 10.49 7.19 -5.44
C ARG A 43 10.59 6.43 -4.12
N ILE A 44 10.83 7.16 -3.04
CA ILE A 44 10.95 6.56 -1.72
C ILE A 44 9.56 6.22 -1.18
N PHE A 45 9.49 5.16 -0.36
CA PHE A 45 8.22 4.73 0.21
C PHE A 45 7.89 5.53 1.46
N ILE A 46 6.62 5.56 1.81
CA ILE A 46 6.16 6.30 2.99
C ILE A 46 6.13 5.40 4.21
N SER A 47 5.89 4.12 3.98
CA SER A 47 5.83 3.14 5.06
C SER A 47 6.70 1.94 4.74
N ASP A 48 7.13 1.24 5.79
CA ASP A 48 8.00 0.07 5.64
C ASP A 48 7.20 -1.22 5.52
N ASP A 49 5.99 -1.12 4.99
CA ASP A 49 5.13 -2.30 4.81
C ASP A 49 4.37 -2.22 3.50
N LYS A 50 4.37 -3.31 2.76
CA LYS A 50 3.66 -3.37 1.49
C LYS A 50 2.67 -4.54 1.42
N ASP A 51 2.88 -5.56 2.26
CA ASP A 51 2.03 -6.76 2.25
C ASP A 51 0.92 -6.77 3.30
N SER A 52 0.96 -5.86 4.27
CA SER A 52 -0.07 -5.82 5.30
C SER A 52 -1.31 -5.16 4.73
N LEU A 53 -1.07 -4.28 3.77
CA LEU A 53 -2.13 -3.56 3.10
C LEU A 53 -2.45 -4.23 1.76
N LYS A 54 -1.39 -4.51 0.99
CA LYS A 54 -1.52 -5.14 -0.33
C LYS A 54 -2.42 -4.31 -1.24
N CYS A 55 -2.63 -3.06 -0.86
CA CYS A 55 -3.48 -2.15 -1.60
C CYS A 55 -3.14 -0.71 -1.22
N PRO A 56 -2.72 0.11 -2.19
CA PRO A 56 -2.34 1.49 -1.95
C PRO A 56 -3.51 2.46 -2.00
N CYS A 57 -4.69 2.04 -1.56
CA CYS A 57 -5.84 2.92 -1.57
C CYS A 57 -6.15 3.42 -0.15
N ASP A 58 -6.33 4.74 -0.03
CA ASP A 58 -6.62 5.39 1.26
C ASP A 58 -5.60 5.00 2.32
N PRO A 59 -4.46 5.70 2.36
CA PRO A 59 -3.37 5.42 3.30
C PRO A 59 -3.74 5.64 4.77
N GLU A 60 -4.17 4.58 5.43
CA GLU A 60 -4.52 4.64 6.83
C GLU A 60 -3.33 4.16 7.66
N MET A 61 -2.85 4.98 8.55
CA MET A 61 -1.68 4.63 9.35
C MET A 61 -2.01 3.54 10.38
N VAL A 62 -1.32 2.41 10.25
CA VAL A 62 -1.51 1.30 11.16
C VAL A 62 -0.23 1.07 11.97
N SER A 63 -0.32 1.29 13.27
CA SER A 63 0.81 1.11 14.16
C SER A 63 0.63 -0.12 15.02
N ASN A 64 1.71 -0.87 15.16
CA ASN A 64 1.71 -2.09 15.95
C ASN A 64 2.56 -1.88 17.18
N SER A 65 3.44 -2.82 17.46
CA SER A 65 4.33 -2.72 18.60
C SER A 65 5.47 -1.75 18.33
N THR A 66 5.92 -1.70 17.07
CA THR A 66 7.03 -0.81 16.71
C THR A 66 6.97 -0.35 15.25
N CYS A 67 5.99 -0.85 14.50
CA CYS A 67 5.88 -0.47 13.10
C CYS A 67 4.61 0.32 12.83
N ARG A 68 4.71 1.26 11.91
CA ARG A 68 3.60 2.10 11.51
C ARG A 68 3.63 2.25 10.00
N PHE A 69 2.53 1.92 9.34
CA PHE A 69 2.48 1.97 7.89
C PHE A 69 1.11 2.38 7.37
N PHE A 70 1.04 2.75 6.10
CA PHE A 70 -0.22 3.15 5.48
C PHE A 70 -0.91 1.91 4.89
N VAL A 71 -2.02 1.54 5.50
CA VAL A 71 -2.78 0.37 5.09
C VAL A 71 -4.04 0.76 4.32
N CYS A 72 -4.40 -0.11 3.37
CA CYS A 72 -5.57 0.06 2.52
C CYS A 72 -6.84 0.22 3.37
N LYS A 73 -7.57 1.31 3.18
CA LYS A 73 -8.78 1.54 3.96
C LYS A 73 -9.84 2.34 3.19
N CYS A 74 -9.86 2.22 1.87
CA CYS A 74 -10.86 2.93 1.08
C CYS A 74 -12.11 2.07 0.91
N VAL A 75 -12.53 1.46 2.01
CA VAL A 75 -13.71 0.60 2.01
C VAL A 75 -14.97 1.42 2.21
N GLU A 76 -16.01 1.08 1.48
CA GLU A 76 -17.29 1.76 1.56
C GLU A 76 -18.04 1.34 2.82
N ARG A 77 -18.72 2.28 3.45
CA ARG A 77 -19.48 1.99 4.66
C ARG A 77 -20.86 1.44 4.33
N ARG A 78 -20.90 0.41 3.51
CA ARG A 78 -22.14 -0.23 3.10
C ARG A 78 -21.84 -1.51 2.34
N ALA A 79 -21.21 -1.36 1.18
CA ALA A 79 -20.86 -2.51 0.36
C ALA A 79 -19.61 -3.22 0.87
N GLU A 80 -19.75 -3.88 2.01
CA GLU A 80 -18.65 -4.61 2.62
C GLU A 80 -18.37 -5.89 1.85
N VAL A 81 -17.11 -6.34 1.88
CA VAL A 81 -16.73 -7.56 1.19
C VAL A 81 -16.99 -8.77 2.07
N THR A 82 -17.80 -9.69 1.57
CA THR A 82 -18.14 -10.89 2.32
C THR A 82 -16.91 -11.78 2.51
N SER A 83 -16.66 -12.15 3.76
CA SER A 83 -15.52 -12.99 4.11
C SER A 83 -15.76 -13.64 5.46
N ASN A 84 -16.98 -14.15 5.66
CA ASN A 84 -17.35 -14.78 6.92
C ASN A 84 -16.82 -16.22 6.98
N ASN A 85 -15.53 -16.34 7.25
CA ASN A 85 -14.89 -17.65 7.33
C ASN A 85 -14.59 -17.99 8.78
N GLU A 86 -13.77 -17.18 9.43
CA GLU A 86 -13.41 -17.40 10.82
C GLU A 86 -12.96 -16.10 11.47
N VAL A 87 -13.29 -15.94 12.74
CA VAL A 87 -12.92 -14.76 13.50
C VAL A 87 -11.50 -14.89 14.02
N VAL A 88 -10.72 -13.82 13.89
CA VAL A 88 -9.34 -13.81 14.35
C VAL A 88 -9.30 -13.75 15.88
N VAL A 89 -8.66 -14.73 16.49
CA VAL A 89 -8.55 -14.79 17.94
C VAL A 89 -7.41 -13.91 18.42
N LYS A 90 -7.70 -13.06 19.39
CA LYS A 90 -6.70 -12.16 19.93
C LYS A 90 -6.99 -11.84 21.40
N GLU A 91 -6.63 -12.76 22.28
CA GLU A 91 -6.85 -12.57 23.70
C GLU A 91 -5.51 -12.30 24.38
N GLU A 92 -5.02 -11.09 24.20
CA GLU A 92 -3.74 -10.68 24.76
C GLU A 92 -3.90 -10.32 26.23
N TYR A 93 -2.85 -10.57 26.99
CA TYR A 93 -2.84 -10.28 28.42
C TYR A 93 -1.72 -9.29 28.74
N LYS A 94 -1.95 -8.43 29.72
CA LYS A 94 -0.95 -7.44 30.09
C LYS A 94 0.19 -8.07 30.88
N ASP A 95 1.21 -8.49 30.16
CA ASP A 95 2.39 -9.12 30.77
C ASP A 95 3.58 -8.19 30.64
N GLU A 96 3.65 -7.50 29.50
CA GLU A 96 4.72 -6.57 29.21
C GLU A 96 4.66 -5.37 30.15
N TYR A 97 5.81 -4.94 30.63
CA TYR A 97 5.88 -3.79 31.54
C TYR A 97 6.11 -2.51 30.75
N ALA A 98 5.54 -2.48 29.54
CA ALA A 98 5.64 -1.33 28.67
C ALA A 98 4.25 -1.01 28.11
N ASP A 99 3.41 -0.45 28.95
CA ASP A 99 2.04 -0.11 28.56
C ASP A 99 2.02 1.07 27.61
N ILE A 100 0.94 1.19 26.86
CA ILE A 100 0.77 2.26 25.90
C ILE A 100 -0.46 3.10 26.26
N PRO A 101 -0.30 4.42 26.39
CA PRO A 101 -1.40 5.33 26.73
C PRO A 101 -2.47 5.37 25.64
N GLU A 102 -3.73 5.34 26.05
CA GLU A 102 -4.84 5.37 25.13
C GLU A 102 -5.15 6.79 24.69
N HIS A 103 -5.23 7.70 25.66
CA HIS A 103 -5.53 9.09 25.36
C HIS A 103 -5.15 10.00 26.52
N LYS A 104 -4.14 9.61 27.28
CA LYS A 104 -3.69 10.39 28.41
C LYS A 104 -2.17 10.37 28.48
N PRO A 105 -1.54 11.49 28.85
CA PRO A 105 -0.08 11.58 28.97
C PRO A 105 0.46 10.64 30.03
N THR A 106 1.69 10.20 29.86
CA THR A 106 2.33 9.28 30.81
C THR A 106 2.81 10.01 32.07
N TYR A 107 2.05 11.02 32.49
CA TYR A 107 2.36 11.81 33.69
C TYR A 107 3.52 12.77 33.42
N ASP A 108 4.51 12.32 32.66
CA ASP A 108 5.67 13.14 32.32
C ASP A 108 5.43 13.95 31.06
N LYS A 109 4.77 13.33 30.09
CA LYS A 109 4.46 13.96 28.81
C LYS A 109 3.42 15.06 28.99
N MET A 110 3.39 16.01 28.06
CA MET A 110 2.45 17.11 28.12
C MET A 110 1.29 16.86 27.16
N GLU A 1 14.86 14.97 13.34
CA GLU A 1 15.50 14.55 14.60
C GLU A 1 15.61 13.03 14.67
N VAL A 2 14.47 12.35 14.71
CA VAL A 2 14.45 10.89 14.78
C VAL A 2 14.93 10.29 13.45
N GLU A 3 15.66 9.19 13.55
CA GLU A 3 16.18 8.51 12.37
C GLU A 3 15.08 7.73 11.66
N ASN A 4 15.31 7.44 10.39
CA ASN A 4 14.35 6.71 9.60
C ASN A 4 14.11 5.33 10.18
N ASN A 5 12.85 4.99 10.36
CA ASN A 5 12.46 3.70 10.92
C ASN A 5 12.96 2.56 10.05
N PHE A 6 13.07 1.37 10.66
CA PHE A 6 13.54 0.20 9.94
C PHE A 6 12.35 -0.56 9.35
N PRO A 7 12.34 -0.73 8.02
CA PRO A 7 11.27 -1.43 7.30
C PRO A 7 11.15 -2.89 7.72
N CYS A 8 10.31 -3.14 8.71
CA CYS A 8 10.11 -4.48 9.25
C CYS A 8 9.69 -5.50 8.17
N SER A 9 8.75 -5.15 7.32
CA SER A 9 8.29 -6.08 6.29
C SER A 9 9.15 -6.00 5.03
N LEU A 10 9.69 -4.82 4.74
CA LEU A 10 10.51 -4.65 3.54
C LEU A 10 11.85 -5.36 3.69
N TYR A 11 12.37 -5.40 4.91
CA TYR A 11 13.63 -6.08 5.18
C TYR A 11 13.37 -7.58 5.31
N LYS A 12 12.14 -7.91 5.69
CA LYS A 12 11.72 -9.29 5.87
C LYS A 12 11.78 -10.08 4.55
N ASP A 13 11.12 -9.56 3.52
CA ASP A 13 11.10 -10.25 2.22
C ASP A 13 10.73 -9.31 1.10
N GLU A 14 10.34 -9.88 -0.04
CA GLU A 14 9.95 -9.13 -1.22
C GLU A 14 8.65 -8.36 -0.99
N ILE A 15 8.33 -7.45 -1.90
CA ILE A 15 7.12 -6.66 -1.80
C ILE A 15 5.99 -7.30 -2.62
N MET A 16 4.83 -7.37 -2.02
CA MET A 16 3.65 -7.96 -2.65
C MET A 16 3.14 -7.13 -3.83
N LYS A 17 3.69 -5.92 -3.98
CA LYS A 17 3.29 -5.04 -5.07
C LYS A 17 4.01 -5.43 -6.37
N GLU A 18 5.11 -6.19 -6.24
CA GLU A 18 5.88 -6.64 -7.39
C GLU A 18 6.33 -5.46 -8.25
N ILE A 19 7.16 -4.59 -7.68
CA ILE A 19 7.64 -3.41 -8.40
C ILE A 19 8.78 -2.73 -7.64
N GLU A 20 9.57 -1.95 -8.37
CA GLU A 20 10.70 -1.21 -7.81
C GLU A 20 10.21 -0.06 -6.93
N ARG A 21 11.12 0.65 -6.25
CA ARG A 21 10.77 1.77 -5.39
C ARG A 21 10.46 2.99 -6.25
N GLU A 22 9.51 2.84 -7.16
CA GLU A 22 9.11 3.91 -8.06
C GLU A 22 8.26 4.97 -7.36
N SER A 23 8.73 5.44 -6.22
CA SER A 23 8.02 6.46 -5.47
C SER A 23 8.56 7.83 -5.83
N LYS A 24 9.60 7.83 -6.67
CA LYS A 24 10.23 9.06 -7.14
C LYS A 24 9.35 9.78 -8.14
N ARG A 25 9.18 9.16 -9.30
CA ARG A 25 8.36 9.70 -10.37
C ARG A 25 7.85 8.56 -11.24
N ILE A 26 6.55 8.56 -11.51
CA ILE A 26 5.95 7.51 -12.32
C ILE A 26 6.46 7.57 -13.77
N LYS A 27 7.13 6.49 -14.17
CA LYS A 27 7.68 6.37 -15.50
C LYS A 27 8.21 4.95 -15.71
N LEU A 28 9.53 4.81 -15.85
CA LEU A 28 10.18 3.53 -16.02
C LEU A 28 11.68 3.76 -16.16
N ASN A 29 12.48 2.74 -15.84
CA ASN A 29 13.93 2.86 -15.95
C ASN A 29 14.38 2.45 -17.34
N ASP A 30 14.67 3.44 -18.17
CA ASP A 30 15.11 3.21 -19.54
C ASP A 30 16.37 2.35 -19.60
N ASN A 31 16.31 1.30 -20.40
CA ASN A 31 17.43 0.38 -20.57
C ASN A 31 17.14 -0.55 -21.74
N ASP A 32 18.18 -1.01 -22.43
CA ASP A 32 17.99 -1.90 -23.58
C ASP A 32 19.26 -2.68 -23.89
N ASP A 33 20.40 -2.16 -23.48
CA ASP A 33 21.68 -2.81 -23.71
C ASP A 33 21.97 -3.84 -22.63
N GLU A 34 21.88 -3.40 -21.38
CA GLU A 34 22.12 -4.27 -20.23
C GLU A 34 21.42 -3.68 -19.02
N GLY A 35 21.58 -2.37 -18.84
CA GLY A 35 20.97 -1.70 -17.72
C GLY A 35 21.69 -2.00 -16.42
N ASN A 36 21.10 -2.87 -15.61
CA ASN A 36 21.67 -3.27 -14.34
C ASN A 36 20.77 -4.28 -13.63
N LYS A 37 21.32 -4.95 -12.64
CA LYS A 37 20.56 -5.94 -11.87
C LYS A 37 19.95 -5.27 -10.65
N LYS A 38 20.81 -4.62 -9.86
CA LYS A 38 20.37 -3.92 -8.66
C LYS A 38 20.03 -2.48 -8.98
N ILE A 39 18.75 -2.21 -9.14
CA ILE A 39 18.28 -0.87 -9.44
C ILE A 39 17.38 -0.36 -8.32
N ILE A 40 17.55 0.90 -7.97
CA ILE A 40 16.75 1.50 -6.91
C ILE A 40 16.53 2.98 -7.18
N ALA A 41 15.37 3.50 -6.79
CA ALA A 41 15.06 4.91 -7.02
C ALA A 41 15.49 5.78 -5.84
N PRO A 42 15.79 7.07 -6.11
CA PRO A 42 16.25 8.03 -5.08
C PRO A 42 15.24 8.24 -3.94
N ARG A 43 13.96 8.12 -4.23
CA ARG A 43 12.94 8.31 -3.21
C ARG A 43 12.98 7.18 -2.20
N ILE A 44 12.84 7.52 -0.93
CA ILE A 44 12.88 6.53 0.14
C ILE A 44 11.48 6.07 0.52
N PHE A 45 11.41 4.96 1.23
CA PHE A 45 10.14 4.38 1.66
C PHE A 45 9.65 5.04 2.96
N ILE A 46 8.35 4.93 3.19
CA ILE A 46 7.73 5.49 4.39
C ILE A 46 7.05 4.37 5.20
N SER A 47 6.38 3.48 4.48
CA SER A 47 5.67 2.37 5.11
C SER A 47 6.60 1.17 5.32
N ASP A 48 6.84 0.84 6.58
CA ASP A 48 7.72 -0.28 6.93
C ASP A 48 7.08 -1.62 6.58
N ASP A 49 5.75 -1.62 6.46
CA ASP A 49 5.02 -2.85 6.16
C ASP A 49 3.92 -2.60 5.14
N LYS A 50 3.84 -3.49 4.15
CA LYS A 50 2.82 -3.40 3.11
C LYS A 50 2.02 -4.71 3.07
N ASP A 51 2.37 -5.62 3.97
CA ASP A 51 1.75 -6.93 4.05
C ASP A 51 0.49 -6.93 4.93
N SER A 52 0.38 -5.96 5.80
CA SER A 52 -0.76 -5.88 6.70
C SER A 52 -1.94 -5.20 6.02
N LEU A 53 -1.65 -4.27 5.13
CA LEU A 53 -2.68 -3.56 4.41
C LEU A 53 -3.13 -4.36 3.20
N LYS A 54 -2.15 -4.92 2.49
CA LYS A 54 -2.41 -5.71 1.27
C LYS A 54 -3.06 -4.85 0.19
N CYS A 55 -3.10 -3.55 0.45
CA CYS A 55 -3.68 -2.59 -0.47
C CYS A 55 -3.15 -1.20 -0.17
N PRO A 56 -2.43 -0.60 -1.11
CA PRO A 56 -1.82 0.72 -0.92
C PRO A 56 -2.77 1.87 -1.24
N CYS A 57 -4.05 1.73 -0.93
CA CYS A 57 -4.99 2.81 -1.20
C CYS A 57 -5.34 3.56 0.08
N ASP A 58 -5.49 4.88 -0.04
CA ASP A 58 -5.84 5.76 1.08
C ASP A 58 -4.70 5.87 2.10
N PRO A 59 -4.66 6.97 2.88
CA PRO A 59 -3.61 7.21 3.85
C PRO A 59 -3.98 6.87 5.30
N GLU A 60 -4.05 5.58 5.61
CA GLU A 60 -4.34 5.14 6.97
C GLU A 60 -3.01 4.91 7.69
N MET A 61 -2.97 5.00 9.01
CA MET A 61 -1.70 4.82 9.70
C MET A 61 -1.80 3.80 10.83
N VAL A 62 -0.91 2.80 10.79
CA VAL A 62 -0.89 1.77 11.83
C VAL A 62 0.54 1.62 12.35
N SER A 63 0.72 1.92 13.63
CA SER A 63 2.03 1.83 14.26
C SER A 63 2.29 0.44 14.83
N ASN A 64 1.30 -0.45 14.67
CA ASN A 64 1.36 -1.84 15.14
C ASN A 64 2.16 -1.97 16.44
N SER A 65 3.36 -2.51 16.34
CA SER A 65 4.21 -2.68 17.50
C SER A 65 5.38 -1.69 17.47
N THR A 66 5.97 -1.50 16.29
CA THR A 66 7.11 -0.60 16.16
C THR A 66 7.25 -0.02 14.75
N CYS A 67 6.45 -0.50 13.82
CA CYS A 67 6.52 -0.04 12.44
C CYS A 67 5.42 0.98 12.16
N ARG A 68 5.66 1.87 11.21
CA ARG A 68 4.69 2.88 10.84
C ARG A 68 4.42 2.78 9.35
N PHE A 69 3.18 2.53 8.99
CA PHE A 69 2.85 2.38 7.58
C PHE A 69 1.46 2.89 7.25
N PHE A 70 1.24 3.15 5.95
CA PHE A 70 -0.06 3.61 5.49
C PHE A 70 -0.90 2.41 5.06
N VAL A 71 -2.09 2.32 5.62
CA VAL A 71 -2.99 1.20 5.39
C VAL A 71 -4.10 1.56 4.38
N CYS A 72 -4.76 0.51 3.91
CA CYS A 72 -5.86 0.61 2.96
C CYS A 72 -7.14 1.06 3.65
N LYS A 73 -7.92 1.89 2.98
CA LYS A 73 -9.18 2.36 3.55
C LYS A 73 -10.27 2.45 2.49
N CYS A 74 -10.07 1.80 1.35
CA CYS A 74 -11.07 1.81 0.30
C CYS A 74 -11.49 0.38 -0.05
N VAL A 75 -12.01 0.18 -1.25
CA VAL A 75 -12.47 -1.14 -1.69
C VAL A 75 -11.62 -1.63 -2.86
N GLU A 76 -11.30 -2.92 -2.82
CA GLU A 76 -10.48 -3.55 -3.86
C GLU A 76 -11.23 -3.65 -5.19
N ARG A 77 -12.55 -3.76 -5.13
CA ARG A 77 -13.35 -3.88 -6.34
C ARG A 77 -13.67 -2.49 -6.92
N ARG A 78 -14.89 -2.01 -6.71
CA ARG A 78 -15.29 -0.71 -7.22
C ARG A 78 -16.59 -0.24 -6.56
N ALA A 79 -16.50 0.21 -5.32
CA ALA A 79 -17.67 0.70 -4.61
C ALA A 79 -17.86 2.18 -4.89
N GLU A 80 -18.18 2.47 -6.14
CA GLU A 80 -18.37 3.85 -6.57
C GLU A 80 -19.79 4.33 -6.25
N VAL A 81 -19.89 5.57 -5.81
CA VAL A 81 -21.17 6.16 -5.46
C VAL A 81 -21.88 6.68 -6.71
N THR A 82 -23.20 6.74 -6.68
CA THR A 82 -23.97 7.22 -7.82
C THR A 82 -23.93 8.74 -7.89
N SER A 83 -23.62 9.38 -6.77
CA SER A 83 -23.54 10.83 -6.71
C SER A 83 -22.20 11.29 -7.27
N ASN A 84 -22.21 12.41 -8.00
CA ASN A 84 -20.99 12.94 -8.58
C ASN A 84 -20.12 13.58 -7.49
N ASN A 85 -18.85 13.80 -7.81
CA ASN A 85 -17.92 14.39 -6.87
C ASN A 85 -17.91 15.90 -6.99
N GLU A 86 -18.10 16.38 -8.22
CA GLU A 86 -18.12 17.81 -8.50
C GLU A 86 -18.43 18.05 -9.98
N VAL A 87 -17.82 17.24 -10.83
CA VAL A 87 -18.01 17.33 -12.26
C VAL A 87 -19.38 16.81 -12.68
N VAL A 88 -19.89 17.32 -13.78
CA VAL A 88 -21.19 16.90 -14.30
C VAL A 88 -21.07 15.53 -14.93
N VAL A 89 -21.94 14.61 -14.51
CA VAL A 89 -21.93 13.24 -15.02
C VAL A 89 -22.25 13.21 -16.50
N LYS A 90 -21.42 12.51 -17.26
CA LYS A 90 -21.59 12.39 -18.69
C LYS A 90 -20.82 11.19 -19.22
N GLU A 91 -19.53 11.38 -19.46
CA GLU A 91 -18.66 10.32 -19.94
C GLU A 91 -17.31 10.39 -19.24
N GLU A 92 -17.34 10.26 -17.93
CA GLU A 92 -16.13 10.32 -17.13
C GLU A 92 -15.45 8.96 -17.09
N TYR A 93 -14.13 8.97 -17.22
CA TYR A 93 -13.37 7.73 -17.21
C TYR A 93 -12.69 7.54 -15.86
N LYS A 94 -13.11 6.51 -15.15
CA LYS A 94 -12.57 6.20 -13.82
C LYS A 94 -11.10 5.81 -13.92
N ASP A 95 -10.23 6.77 -13.62
CA ASP A 95 -8.79 6.55 -13.67
C ASP A 95 -8.10 7.39 -12.60
N GLU A 96 -7.71 8.60 -12.96
CA GLU A 96 -7.05 9.49 -12.03
C GLU A 96 -7.59 10.91 -12.20
N TYR A 97 -7.98 11.52 -11.08
CA TYR A 97 -8.52 12.88 -11.09
C TYR A 97 -8.22 13.57 -9.75
N ALA A 98 -7.06 13.26 -9.18
CA ALA A 98 -6.64 13.85 -7.91
C ALA A 98 -5.21 13.46 -7.60
N ASP A 99 -5.06 12.23 -7.13
CA ASP A 99 -3.75 11.69 -6.78
C ASP A 99 -3.71 10.20 -7.07
N ILE A 100 -2.51 9.64 -7.10
CA ILE A 100 -2.33 8.22 -7.36
C ILE A 100 -1.63 7.55 -6.17
N PRO A 101 -2.32 6.62 -5.51
CA PRO A 101 -1.79 5.90 -4.34
C PRO A 101 -0.78 4.82 -4.73
N GLU A 102 0.27 5.23 -5.43
CA GLU A 102 1.30 4.30 -5.86
C GLU A 102 2.62 4.55 -5.13
N HIS A 103 2.56 4.57 -3.81
CA HIS A 103 3.74 4.78 -3.00
C HIS A 103 4.44 3.44 -2.77
N LYS A 104 5.11 2.97 -3.81
CA LYS A 104 5.83 1.69 -3.76
C LYS A 104 7.09 1.83 -2.92
N PRO A 105 7.17 1.07 -1.80
CA PRO A 105 8.31 1.11 -0.89
C PRO A 105 9.43 0.16 -1.31
N THR A 106 9.11 -1.14 -1.39
CA THR A 106 10.06 -2.17 -1.79
C THR A 106 11.31 -2.13 -0.89
N TYR A 107 12.43 -2.64 -1.39
CA TYR A 107 13.67 -2.67 -0.62
C TYR A 107 14.87 -2.70 -1.55
N ASP A 108 16.01 -2.25 -1.05
CA ASP A 108 17.24 -2.20 -1.83
C ASP A 108 17.88 -3.58 -1.93
N LYS A 109 19.11 -3.61 -2.46
CA LYS A 109 19.88 -4.84 -2.63
C LYS A 109 19.39 -5.66 -3.82
N MET A 110 18.24 -6.31 -3.66
CA MET A 110 17.64 -7.14 -4.70
C MET A 110 18.61 -8.23 -5.16
N GLU A 1 18.88 11.30 3.17
CA GLU A 1 19.36 9.95 3.56
C GLU A 1 18.18 9.13 4.08
N VAL A 2 18.47 7.90 4.51
CA VAL A 2 17.43 7.01 5.03
C VAL A 2 16.74 7.60 6.26
N GLU A 3 15.42 7.44 6.31
CA GLU A 3 14.59 7.93 7.42
C GLU A 3 15.01 7.26 8.73
N ASN A 4 14.68 7.90 9.85
CA ASN A 4 15.02 7.39 11.16
C ASN A 4 14.08 6.26 11.57
N ASN A 5 14.04 5.20 10.77
CA ASN A 5 13.20 4.05 11.03
C ASN A 5 13.90 2.78 10.57
N PHE A 6 13.33 1.64 10.90
CA PHE A 6 13.90 0.36 10.52
C PHE A 6 12.91 -0.45 9.70
N PRO A 7 13.39 -1.11 8.64
CA PRO A 7 12.53 -1.91 7.76
C PRO A 7 11.78 -3.01 8.50
N CYS A 8 10.46 -2.90 8.51
CA CYS A 8 9.61 -3.87 9.18
C CYS A 8 9.17 -4.97 8.21
N SER A 9 8.68 -4.60 7.04
CA SER A 9 8.25 -5.61 6.09
C SER A 9 9.34 -5.86 5.05
N LEU A 10 10.16 -4.85 4.80
CA LEU A 10 11.24 -4.98 3.83
C LEU A 10 12.35 -5.86 4.39
N TYR A 11 12.41 -5.98 5.71
CA TYR A 11 13.40 -6.82 6.34
C TYR A 11 12.81 -8.21 6.52
N LYS A 12 11.48 -8.25 6.58
CA LYS A 12 10.75 -9.50 6.74
C LYS A 12 10.90 -10.37 5.49
N ASP A 13 10.66 -9.78 4.32
CA ASP A 13 10.77 -10.49 3.05
C ASP A 13 10.81 -9.50 1.88
N GLU A 14 10.32 -9.92 0.72
CA GLU A 14 10.30 -9.08 -0.46
C GLU A 14 9.17 -8.06 -0.36
N ILE A 15 9.22 -7.05 -1.21
CA ILE A 15 8.19 -6.02 -1.22
C ILE A 15 6.94 -6.51 -1.95
N MET A 16 5.83 -6.50 -1.24
CA MET A 16 4.54 -6.97 -1.76
C MET A 16 4.02 -6.10 -2.91
N LYS A 17 4.65 -4.95 -3.13
CA LYS A 17 4.23 -4.06 -4.21
C LYS A 17 4.77 -4.58 -5.53
N GLU A 18 5.89 -5.31 -5.46
CA GLU A 18 6.56 -5.91 -6.61
C GLU A 18 7.18 -4.86 -7.55
N ILE A 19 6.54 -3.71 -7.68
CA ILE A 19 7.05 -2.65 -8.54
C ILE A 19 6.93 -1.28 -7.86
N GLU A 20 7.99 -0.89 -7.16
CA GLU A 20 8.00 0.38 -6.45
C GLU A 20 8.27 1.54 -7.40
N ARG A 21 8.64 1.23 -8.65
CA ARG A 21 8.91 2.25 -9.67
C ARG A 21 7.67 3.11 -9.92
N GLU A 22 6.51 2.57 -9.58
CA GLU A 22 5.24 3.26 -9.75
C GLU A 22 5.11 4.42 -8.76
N SER A 23 5.88 4.38 -7.69
CA SER A 23 5.85 5.42 -6.68
C SER A 23 6.84 6.54 -6.95
N LYS A 24 7.42 6.56 -8.16
CA LYS A 24 8.38 7.60 -8.52
C LYS A 24 7.65 8.89 -8.88
N ARG A 25 7.24 9.02 -10.15
CA ARG A 25 6.53 10.20 -10.64
C ARG A 25 6.44 10.18 -12.16
N ILE A 26 7.49 9.69 -12.81
CA ILE A 26 7.55 9.62 -14.25
C ILE A 26 6.56 8.61 -14.81
N LYS A 27 5.86 9.01 -15.86
CA LYS A 27 4.88 8.15 -16.51
C LYS A 27 5.57 7.27 -17.53
N LEU A 28 5.52 5.97 -17.31
CA LEU A 28 6.13 5.01 -18.22
C LEU A 28 5.20 3.83 -18.42
N ASN A 29 5.25 3.25 -19.62
CA ASN A 29 4.40 2.10 -19.93
C ASN A 29 4.91 0.88 -19.16
N ASP A 30 6.12 0.47 -19.52
CA ASP A 30 6.80 -0.65 -18.90
C ASP A 30 8.16 -0.81 -19.58
N ASN A 31 9.13 -1.38 -18.87
CA ASN A 31 10.49 -1.57 -19.38
C ASN A 31 11.18 -0.22 -19.59
N ASP A 32 12.01 0.16 -18.63
CA ASP A 32 12.72 1.44 -18.68
C ASP A 32 13.74 1.47 -19.82
N ASP A 33 15.00 1.27 -19.47
CA ASP A 33 16.08 1.28 -20.46
C ASP A 33 16.55 -0.14 -20.76
N GLU A 34 17.46 -0.25 -21.71
CA GLU A 34 17.99 -1.55 -22.10
C GLU A 34 19.27 -1.86 -21.32
N GLY A 35 19.11 -2.57 -20.22
CA GLY A 35 20.25 -2.93 -19.41
C GLY A 35 19.95 -4.11 -18.49
N ASN A 36 20.34 -3.97 -17.23
CA ASN A 36 20.11 -5.03 -16.24
C ASN A 36 18.63 -5.14 -15.89
N LYS A 37 18.22 -6.32 -15.43
CA LYS A 37 16.84 -6.57 -15.04
C LYS A 37 16.59 -6.11 -13.61
N LYS A 38 17.20 -5.01 -13.22
CA LYS A 38 17.04 -4.47 -11.88
C LYS A 38 16.45 -3.07 -11.95
N ILE A 39 15.14 -2.98 -11.74
CA ILE A 39 14.47 -1.68 -11.79
C ILE A 39 13.85 -1.33 -10.44
N ILE A 40 14.22 -0.16 -9.93
CA ILE A 40 13.70 0.32 -8.67
C ILE A 40 13.60 1.85 -8.72
N ALA A 41 12.52 2.38 -8.17
CA ALA A 41 12.32 3.82 -8.18
C ALA A 41 13.25 4.50 -7.17
N PRO A 42 13.95 5.56 -7.59
CA PRO A 42 14.87 6.31 -6.74
C PRO A 42 14.13 7.09 -5.65
N ARG A 43 12.80 7.09 -5.74
CA ARG A 43 11.97 7.76 -4.77
C ARG A 43 11.84 6.92 -3.50
N ILE A 44 12.19 7.51 -2.37
CA ILE A 44 12.12 6.81 -1.10
C ILE A 44 10.67 6.66 -0.66
N PHE A 45 10.28 5.44 -0.36
CA PHE A 45 8.92 5.12 0.06
C PHE A 45 8.65 5.67 1.46
N ILE A 46 7.39 5.85 1.80
CA ILE A 46 7.01 6.39 3.10
C ILE A 46 6.77 5.26 4.09
N SER A 47 6.17 4.18 3.63
CA SER A 47 5.88 3.05 4.48
C SER A 47 6.68 1.82 4.04
N ASP A 48 7.35 1.21 5.01
CA ASP A 48 8.16 0.02 4.78
C ASP A 48 7.29 -1.24 4.85
N ASP A 49 5.99 -1.05 4.89
CA ASP A 49 5.07 -2.17 4.96
C ASP A 49 4.02 -2.09 3.87
N LYS A 50 3.96 -3.14 3.07
CA LYS A 50 2.99 -3.24 2.00
C LYS A 50 2.18 -4.52 2.15
N ASP A 51 2.52 -5.30 3.17
CA ASP A 51 1.88 -6.59 3.43
C ASP A 51 0.82 -6.50 4.53
N SER A 52 1.04 -5.64 5.51
CA SER A 52 0.10 -5.46 6.62
C SER A 52 -1.21 -4.88 6.09
N LEU A 53 -1.09 -4.23 4.95
CA LEU A 53 -2.23 -3.62 4.29
C LEU A 53 -2.73 -4.54 3.19
N LYS A 54 -1.76 -5.17 2.49
CA LYS A 54 -2.06 -6.09 1.40
C LYS A 54 -2.92 -5.40 0.35
N CYS A 55 -2.77 -4.08 0.28
CA CYS A 55 -3.52 -3.25 -0.64
C CYS A 55 -3.01 -1.82 -0.58
N PRO A 56 -2.55 -1.27 -1.70
CA PRO A 56 -2.01 0.08 -1.75
C PRO A 56 -3.06 1.17 -1.93
N CYS A 57 -4.26 0.97 -1.37
CA CYS A 57 -5.29 1.97 -1.50
C CYS A 57 -5.50 2.74 -0.19
N ASP A 58 -5.42 4.06 -0.29
CA ASP A 58 -5.60 4.97 0.85
C ASP A 58 -4.48 4.84 1.88
N PRO A 59 -3.90 5.98 2.29
CA PRO A 59 -2.81 6.02 3.24
C PRO A 59 -3.28 6.22 4.68
N GLU A 60 -3.79 5.16 5.29
CA GLU A 60 -4.26 5.23 6.67
C GLU A 60 -3.15 4.71 7.57
N MET A 61 -2.68 5.55 8.47
CA MET A 61 -1.57 5.17 9.35
C MET A 61 -1.99 4.11 10.35
N VAL A 62 -1.33 2.95 10.28
CA VAL A 62 -1.59 1.84 11.16
C VAL A 62 -0.31 1.43 11.88
N SER A 63 -0.43 1.25 13.19
CA SER A 63 0.69 0.86 14.02
C SER A 63 0.65 -0.62 14.32
N ASN A 64 1.68 -1.32 13.88
CA ASN A 64 1.80 -2.75 14.12
C ASN A 64 2.33 -2.97 15.53
N SER A 65 3.36 -3.77 15.65
CA SER A 65 3.96 -4.03 16.95
C SER A 65 4.74 -2.80 17.41
N THR A 66 5.47 -2.19 16.47
CA THR A 66 6.28 -1.01 16.76
C THR A 66 6.42 -0.11 15.54
N CYS A 67 5.84 -0.51 14.42
CA CYS A 67 5.96 0.27 13.20
C CYS A 67 4.67 1.03 12.91
N ARG A 68 4.81 2.18 12.25
CA ARG A 68 3.69 3.03 11.88
C ARG A 68 3.78 3.32 10.39
N PHE A 69 2.88 2.75 9.61
CA PHE A 69 2.91 2.94 8.16
C PHE A 69 1.51 3.16 7.58
N PHE A 70 1.43 3.33 6.27
CA PHE A 70 0.14 3.54 5.60
C PHE A 70 -0.48 2.19 5.23
N VAL A 71 -1.71 2.00 5.67
CA VAL A 71 -2.43 0.76 5.43
C VAL A 71 -3.73 1.01 4.66
N CYS A 72 -4.09 0.04 3.83
CA CYS A 72 -5.30 0.07 2.99
C CYS A 72 -6.57 0.31 3.82
N LYS A 73 -7.42 1.23 3.34
CA LYS A 73 -8.67 1.53 4.02
C LYS A 73 -9.62 2.35 3.14
N CYS A 74 -9.65 2.07 1.84
CA CYS A 74 -10.53 2.81 0.93
C CYS A 74 -11.90 2.12 0.86
N VAL A 75 -12.67 2.24 1.92
CA VAL A 75 -14.00 1.63 1.97
C VAL A 75 -15.08 2.69 1.98
N GLU A 76 -16.06 2.54 1.10
CA GLU A 76 -17.16 3.48 1.01
C GLU A 76 -18.49 2.73 1.13
N ARG A 77 -19.51 3.43 1.62
CA ARG A 77 -20.85 2.86 1.80
C ARG A 77 -21.80 3.90 2.37
N ARG A 78 -21.37 4.53 3.46
CA ARG A 78 -22.17 5.55 4.12
C ARG A 78 -21.32 6.35 5.10
N ALA A 79 -20.37 5.67 5.73
CA ALA A 79 -19.48 6.31 6.68
C ALA A 79 -18.36 7.05 5.97
N GLU A 80 -18.68 8.19 5.37
CA GLU A 80 -17.71 8.98 4.65
C GLU A 80 -16.84 9.77 5.63
N VAL A 81 -15.57 9.91 5.31
CA VAL A 81 -14.64 10.63 6.16
C VAL A 81 -14.62 12.11 5.77
N THR A 82 -14.55 12.99 6.77
CA THR A 82 -14.52 14.42 6.52
C THR A 82 -13.26 14.81 5.75
N SER A 83 -12.22 13.98 5.88
CA SER A 83 -10.96 14.22 5.19
C SER A 83 -10.88 13.42 3.89
N ASN A 84 -12.03 13.22 3.25
CA ASN A 84 -12.10 12.47 2.00
C ASN A 84 -11.40 13.22 0.88
N ASN A 85 -11.26 14.53 1.03
CA ASN A 85 -10.61 15.35 0.02
C ASN A 85 -9.09 15.33 0.22
N GLU A 86 -8.67 15.36 1.48
CA GLU A 86 -7.25 15.33 1.82
C GLU A 86 -7.08 15.15 3.32
N VAL A 87 -6.05 14.43 3.72
CA VAL A 87 -5.77 14.19 5.11
C VAL A 87 -4.82 15.25 5.66
N VAL A 88 -5.13 15.76 6.84
CA VAL A 88 -4.31 16.78 7.48
C VAL A 88 -2.96 16.19 7.90
N VAL A 89 -1.91 17.01 7.82
CA VAL A 89 -0.58 16.59 8.21
C VAL A 89 -0.44 16.61 9.72
N LYS A 90 0.51 15.84 10.25
CA LYS A 90 0.72 15.78 11.69
C LYS A 90 1.47 17.01 12.19
N GLU A 91 0.79 18.15 12.16
CA GLU A 91 1.37 19.40 12.62
C GLU A 91 1.05 19.58 14.10
N GLU A 92 1.50 18.63 14.90
CA GLU A 92 1.27 18.64 16.33
C GLU A 92 2.00 19.81 16.99
N TYR A 93 1.33 20.45 17.94
CA TYR A 93 1.92 21.58 18.66
C TYR A 93 3.08 21.11 19.53
N LYS A 94 4.10 21.95 19.66
CA LYS A 94 5.26 21.61 20.45
C LYS A 94 4.96 21.75 21.94
N ASP A 95 4.52 20.67 22.55
CA ASP A 95 4.19 20.66 23.97
C ASP A 95 5.15 19.73 24.70
N GLU A 96 5.01 18.43 24.47
CA GLU A 96 5.86 17.45 25.09
C GLU A 96 6.51 16.58 24.03
N TYR A 97 7.65 16.00 24.36
CA TYR A 97 8.37 15.14 23.43
C TYR A 97 8.09 13.68 23.71
N ALA A 98 8.21 12.84 22.69
CA ALA A 98 7.98 11.41 22.84
C ALA A 98 9.30 10.69 23.10
N ASP A 99 10.26 11.44 23.61
CA ASP A 99 11.58 10.93 23.94
C ASP A 99 12.09 11.61 25.20
N ILE A 100 12.83 10.86 26.01
CA ILE A 100 13.37 11.41 27.25
C ILE A 100 14.72 12.07 26.99
N PRO A 101 14.83 13.38 27.31
CA PRO A 101 16.06 14.14 27.12
C PRO A 101 17.18 13.65 28.03
N GLU A 102 17.84 12.58 27.62
CA GLU A 102 18.92 12.00 28.39
C GLU A 102 20.13 11.70 27.50
N HIS A 103 19.88 11.36 26.25
CA HIS A 103 20.96 11.05 25.31
C HIS A 103 21.56 12.32 24.68
N LYS A 104 21.59 13.40 25.47
CA LYS A 104 22.15 14.66 24.99
C LYS A 104 22.65 15.53 26.15
N PRO A 105 21.80 15.85 27.15
CA PRO A 105 22.22 16.70 28.28
C PRO A 105 23.02 15.93 29.32
N THR A 106 22.90 16.32 30.58
CA THR A 106 23.61 15.66 31.66
C THR A 106 22.95 15.98 33.01
N TYR A 107 23.39 15.27 34.04
CA TYR A 107 22.85 15.46 35.38
C TYR A 107 23.95 15.89 36.33
N ASP A 108 23.63 15.93 37.62
CA ASP A 108 24.61 16.32 38.64
C ASP A 108 25.17 15.08 39.31
N LYS A 109 26.04 15.29 40.29
CA LYS A 109 26.65 14.18 41.03
C LYS A 109 26.53 14.42 42.52
N MET A 110 25.43 15.01 42.94
CA MET A 110 25.19 15.28 44.36
C MET A 110 23.91 14.59 44.81
N GLU A 1 22.83 -3.87 16.60
CA GLU A 1 21.59 -3.07 16.58
C GLU A 1 21.91 -1.60 16.82
N VAL A 2 21.41 -0.73 15.96
CA VAL A 2 21.64 0.71 16.07
C VAL A 2 20.33 1.47 15.92
N GLU A 3 20.12 2.45 16.80
CA GLU A 3 18.92 3.27 16.77
C GLU A 3 18.99 4.26 15.62
N ASN A 4 18.16 4.06 14.61
CA ASN A 4 18.15 4.93 13.44
C ASN A 4 16.77 4.89 12.77
N ASN A 5 16.68 4.16 11.66
CA ASN A 5 15.43 4.03 10.92
C ASN A 5 15.53 2.84 9.98
N PHE A 6 14.95 1.73 10.39
CA PHE A 6 14.96 0.51 9.60
C PHE A 6 13.53 0.06 9.34
N PRO A 7 13.27 -0.49 8.15
CA PRO A 7 11.94 -0.95 7.76
C PRO A 7 11.54 -2.23 8.48
N CYS A 8 10.25 -2.40 8.71
CA CYS A 8 9.72 -3.55 9.41
C CYS A 8 9.48 -4.72 8.45
N SER A 9 8.53 -4.58 7.54
CA SER A 9 8.24 -5.65 6.60
C SER A 9 9.19 -5.62 5.41
N LEU A 10 9.70 -4.45 5.09
CA LEU A 10 10.63 -4.30 3.97
C LEU A 10 11.98 -4.92 4.32
N TYR A 11 12.27 -5.00 5.61
CA TYR A 11 13.51 -5.62 6.06
C TYR A 11 13.25 -7.08 6.37
N LYS A 12 11.98 -7.40 6.62
CA LYS A 12 11.56 -8.75 6.94
C LYS A 12 11.80 -9.70 5.77
N ASP A 13 11.40 -9.29 4.57
CA ASP A 13 11.58 -10.09 3.37
C ASP A 13 11.44 -9.25 2.11
N GLU A 14 10.93 -9.84 1.04
CA GLU A 14 10.75 -9.16 -0.23
C GLU A 14 9.75 -8.01 -0.10
N ILE A 15 10.08 -6.89 -0.75
CA ILE A 15 9.23 -5.71 -0.71
C ILE A 15 8.09 -5.85 -1.72
N MET A 16 6.88 -5.75 -1.22
CA MET A 16 5.66 -5.86 -2.03
C MET A 16 5.50 -4.69 -3.02
N LYS A 17 6.41 -3.74 -2.96
CA LYS A 17 6.38 -2.58 -3.85
C LYS A 17 7.07 -2.89 -5.17
N GLU A 18 7.71 -4.07 -5.24
CA GLU A 18 8.44 -4.53 -6.43
C GLU A 18 9.25 -3.39 -7.06
N ILE A 19 10.31 -3.01 -6.38
CA ILE A 19 11.18 -1.95 -6.83
C ILE A 19 12.47 -2.53 -7.38
N GLU A 20 13.18 -1.78 -8.22
CA GLU A 20 14.41 -2.24 -8.83
C GLU A 20 15.62 -2.03 -7.90
N ARG A 21 16.69 -1.46 -8.45
CA ARG A 21 17.91 -1.23 -7.69
C ARG A 21 17.71 -0.16 -6.60
N GLU A 22 18.54 -0.22 -5.57
CA GLU A 22 18.46 0.72 -4.46
C GLU A 22 19.15 2.04 -4.80
N SER A 23 18.45 2.87 -5.56
CA SER A 23 18.98 4.16 -5.97
C SER A 23 18.63 5.24 -4.95
N LYS A 24 18.18 4.82 -3.77
CA LYS A 24 17.81 5.74 -2.69
C LYS A 24 19.03 6.58 -2.28
N ARG A 25 20.21 6.00 -2.46
CA ARG A 25 21.46 6.66 -2.13
C ARG A 25 22.36 6.67 -3.36
N ILE A 26 21.87 7.28 -4.44
CA ILE A 26 22.62 7.34 -5.70
C ILE A 26 23.60 8.52 -5.70
N LYS A 27 24.87 8.20 -5.50
CA LYS A 27 25.94 9.20 -5.48
C LYS A 27 27.27 8.49 -5.24
N LEU A 28 27.71 7.72 -6.22
CA LEU A 28 28.97 6.97 -6.09
C LEU A 28 29.51 6.58 -7.46
N ASN A 29 29.47 5.29 -7.76
CA ASN A 29 29.95 4.78 -9.03
C ASN A 29 28.84 4.85 -10.07
N ASP A 30 28.46 6.07 -10.41
CA ASP A 30 27.38 6.31 -11.37
C ASP A 30 27.78 5.87 -12.77
N ASN A 31 26.81 5.84 -13.68
CA ASN A 31 27.05 5.41 -15.05
C ASN A 31 27.16 6.61 -15.99
N ASP A 32 27.82 6.38 -17.11
CA ASP A 32 28.01 7.41 -18.13
C ASP A 32 27.28 7.04 -19.41
N ASP A 33 27.48 5.80 -19.85
CA ASP A 33 26.83 5.30 -21.05
C ASP A 33 25.88 4.15 -20.68
N GLU A 34 25.25 3.53 -21.68
CA GLU A 34 24.33 2.43 -21.44
C GLU A 34 25.07 1.28 -20.74
N GLY A 35 26.20 0.88 -21.32
CA GLY A 35 27.00 -0.18 -20.74
C GLY A 35 26.34 -1.55 -20.83
N ASN A 36 25.34 -1.78 -20.00
CA ASN A 36 24.63 -3.04 -19.98
C ASN A 36 23.15 -2.81 -19.68
N LYS A 37 22.35 -3.87 -19.75
CA LYS A 37 20.92 -3.78 -19.49
C LYS A 37 20.63 -3.65 -18.00
N LYS A 38 21.18 -2.63 -17.38
CA LYS A 38 20.98 -2.38 -15.95
C LYS A 38 20.31 -1.04 -15.74
N ILE A 39 19.00 -1.05 -15.56
CA ILE A 39 18.25 0.17 -15.36
C ILE A 39 18.30 0.61 -13.89
N ILE A 40 18.17 1.92 -13.67
CA ILE A 40 18.20 2.47 -12.32
C ILE A 40 16.84 3.11 -11.99
N ALA A 41 16.32 2.81 -10.82
CA ALA A 41 15.02 3.33 -10.41
C ALA A 41 15.05 3.85 -8.98
N PRO A 42 14.51 5.06 -8.77
CA PRO A 42 14.45 5.70 -7.45
C PRO A 42 13.72 4.84 -6.43
N ARG A 43 14.50 4.12 -5.64
CA ARG A 43 13.97 3.23 -4.61
C ARG A 43 13.44 4.03 -3.42
N ILE A 44 12.16 4.37 -3.48
CA ILE A 44 11.52 5.12 -2.42
C ILE A 44 10.47 4.28 -1.72
N PHE A 45 10.44 4.32 -0.40
CA PHE A 45 9.47 3.56 0.38
C PHE A 45 8.46 4.51 1.01
N ILE A 46 7.26 4.02 1.24
CA ILE A 46 6.20 4.83 1.84
C ILE A 46 5.94 4.40 3.28
N SER A 47 5.67 3.12 3.47
CA SER A 47 5.38 2.59 4.78
C SER A 47 6.14 1.30 5.07
N ASP A 48 6.24 0.98 6.35
CA ASP A 48 6.96 -0.20 6.83
C ASP A 48 6.44 -1.51 6.26
N ASP A 49 5.15 -1.57 5.96
CA ASP A 49 4.54 -2.78 5.42
C ASP A 49 3.64 -2.47 4.24
N LYS A 50 3.66 -3.35 3.25
CA LYS A 50 2.82 -3.20 2.06
C LYS A 50 1.93 -4.44 1.85
N ASP A 51 2.28 -5.54 2.52
CA ASP A 51 1.54 -6.79 2.38
C ASP A 51 0.46 -6.96 3.45
N SER A 52 0.62 -6.29 4.58
CA SER A 52 -0.34 -6.38 5.66
C SER A 52 -1.68 -5.81 5.22
N LEU A 53 -1.60 -4.65 4.58
CA LEU A 53 -2.77 -3.95 4.07
C LEU A 53 -3.37 -4.68 2.88
N LYS A 54 -2.49 -5.29 2.07
CA LYS A 54 -2.88 -6.04 0.87
C LYS A 54 -3.46 -5.11 -0.20
N CYS A 55 -3.41 -3.81 0.08
CA CYS A 55 -3.92 -2.79 -0.82
C CYS A 55 -3.36 -1.44 -0.41
N PRO A 56 -2.50 -0.84 -1.25
CA PRO A 56 -1.87 0.44 -0.95
C PRO A 56 -2.75 1.67 -1.22
N CYS A 57 -4.05 1.54 -1.08
CA CYS A 57 -4.92 2.68 -1.32
C CYS A 57 -5.28 3.36 0.00
N ASP A 58 -5.28 4.70 -0.03
CA ASP A 58 -5.59 5.54 1.13
C ASP A 58 -4.47 5.49 2.18
N PRO A 59 -4.34 6.55 2.99
CA PRO A 59 -3.29 6.66 3.98
C PRO A 59 -3.71 6.30 5.42
N GLU A 60 -4.06 5.04 5.67
CA GLU A 60 -4.42 4.64 7.02
C GLU A 60 -3.12 4.29 7.73
N MET A 61 -3.06 4.38 9.05
CA MET A 61 -1.80 4.11 9.73
C MET A 61 -1.95 3.12 10.90
N VAL A 62 -1.20 2.03 10.81
CA VAL A 62 -1.19 1.02 11.88
C VAL A 62 0.23 0.90 12.40
N SER A 63 0.41 1.20 13.68
CA SER A 63 1.74 1.17 14.30
C SER A 63 2.10 -0.20 14.83
N ASN A 64 1.11 -1.09 14.99
CA ASN A 64 1.34 -2.44 15.50
C ASN A 64 2.07 -2.36 16.84
N SER A 65 3.38 -2.57 16.79
CA SER A 65 4.22 -2.49 17.96
C SER A 65 5.28 -1.40 17.79
N THR A 66 5.90 -1.37 16.60
CA THR A 66 6.94 -0.39 16.32
C THR A 66 7.00 0.01 14.83
N CYS A 67 6.29 -0.71 13.99
CA CYS A 67 6.30 -0.43 12.55
C CYS A 67 5.10 0.43 12.14
N ARG A 68 5.35 1.38 11.25
CA ARG A 68 4.30 2.28 10.79
C ARG A 68 4.02 2.06 9.30
N PHE A 69 2.83 1.55 9.00
CA PHE A 69 2.47 1.29 7.61
C PHE A 69 1.10 1.86 7.25
N PHE A 70 0.91 2.14 5.97
CA PHE A 70 -0.35 2.69 5.46
C PHE A 70 -1.29 1.56 5.06
N VAL A 71 -2.50 1.61 5.60
CA VAL A 71 -3.49 0.57 5.33
C VAL A 71 -4.52 1.02 4.31
N CYS A 72 -5.13 0.04 3.66
CA CYS A 72 -6.17 0.25 2.65
C CYS A 72 -7.45 0.75 3.29
N LYS A 73 -7.95 1.91 2.88
CA LYS A 73 -9.17 2.46 3.46
C LYS A 73 -9.96 3.32 2.48
N CYS A 74 -9.73 3.14 1.19
CA CYS A 74 -10.45 3.93 0.18
C CYS A 74 -11.76 3.25 -0.23
N VAL A 75 -12.36 2.50 0.67
CA VAL A 75 -13.61 1.82 0.40
C VAL A 75 -14.70 2.28 1.35
N GLU A 76 -15.71 2.93 0.80
CA GLU A 76 -16.85 3.41 1.56
C GLU A 76 -17.91 3.95 0.60
N ARG A 77 -18.57 5.06 0.94
CA ARG A 77 -19.58 5.65 0.07
C ARG A 77 -18.93 6.39 -1.10
N ARG A 78 -18.43 5.61 -2.05
CA ARG A 78 -17.77 6.14 -3.23
C ARG A 78 -17.41 5.00 -4.16
N ALA A 79 -16.71 4.02 -3.62
CA ALA A 79 -16.29 2.86 -4.40
C ALA A 79 -17.09 1.63 -4.00
N GLU A 80 -18.31 1.52 -4.52
CA GLU A 80 -19.16 0.38 -4.23
C GLU A 80 -18.97 -0.69 -5.30
N VAL A 81 -18.99 -1.95 -4.89
CA VAL A 81 -18.81 -3.05 -5.82
C VAL A 81 -20.08 -3.27 -6.62
N THR A 82 -19.92 -3.69 -7.88
CA THR A 82 -21.05 -3.93 -8.76
C THR A 82 -21.78 -5.24 -8.43
N SER A 83 -22.13 -5.40 -7.16
CA SER A 83 -22.85 -6.59 -6.70
C SER A 83 -24.36 -6.37 -6.80
N ASN A 84 -24.72 -5.37 -7.59
CA ASN A 84 -26.11 -5.03 -7.81
C ASN A 84 -26.29 -4.60 -9.26
N ASN A 85 -26.80 -5.51 -10.07
CA ASN A 85 -27.01 -5.24 -11.49
C ASN A 85 -28.42 -4.77 -11.75
N GLU A 86 -29.38 -5.68 -11.54
CA GLU A 86 -30.79 -5.37 -11.75
C GLU A 86 -31.65 -6.32 -10.93
N VAL A 87 -32.69 -5.79 -10.30
CA VAL A 87 -33.58 -6.57 -9.49
C VAL A 87 -34.57 -7.35 -10.36
N VAL A 88 -34.72 -8.63 -10.08
CA VAL A 88 -35.63 -9.49 -10.82
C VAL A 88 -37.07 -9.22 -10.42
N VAL A 89 -37.99 -9.27 -11.38
CA VAL A 89 -39.40 -9.03 -11.11
C VAL A 89 -39.96 -10.05 -10.11
N LYS A 90 -40.81 -9.57 -9.22
CA LYS A 90 -41.41 -10.44 -8.21
C LYS A 90 -42.68 -11.10 -8.75
N GLU A 91 -42.55 -11.77 -9.88
CA GLU A 91 -43.66 -12.47 -10.50
C GLU A 91 -43.81 -13.84 -9.85
N GLU A 92 -44.13 -13.82 -8.57
CA GLU A 92 -44.27 -15.02 -7.77
C GLU A 92 -45.47 -15.84 -8.23
N TYR A 93 -45.19 -17.06 -8.70
CA TYR A 93 -46.25 -17.95 -9.18
C TYR A 93 -46.73 -18.84 -8.04
N LYS A 94 -48.04 -18.86 -7.82
CA LYS A 94 -48.63 -19.67 -6.77
C LYS A 94 -48.83 -21.10 -7.23
N ASP A 95 -48.53 -22.04 -6.36
CA ASP A 95 -48.67 -23.47 -6.68
C ASP A 95 -50.08 -23.93 -6.36
N GLU A 96 -50.67 -23.37 -5.30
CA GLU A 96 -52.02 -23.71 -4.91
C GLU A 96 -53.01 -22.86 -5.71
N TYR A 97 -54.20 -23.39 -5.92
CA TYR A 97 -55.23 -22.69 -6.68
C TYR A 97 -56.06 -21.80 -5.76
N ALA A 98 -56.89 -20.97 -6.38
CA ALA A 98 -57.76 -20.07 -5.63
C ALA A 98 -59.20 -20.53 -5.71
N ASP A 99 -59.38 -21.79 -6.07
CA ASP A 99 -60.70 -22.38 -6.18
C ASP A 99 -60.67 -23.82 -5.70
N ILE A 100 -61.83 -24.36 -5.37
CA ILE A 100 -61.94 -25.72 -4.88
C ILE A 100 -62.49 -26.64 -5.97
N PRO A 101 -61.83 -27.79 -6.21
CA PRO A 101 -62.25 -28.76 -7.21
C PRO A 101 -63.56 -29.46 -6.85
N GLU A 102 -64.65 -28.71 -6.95
CA GLU A 102 -65.98 -29.23 -6.62
C GLU A 102 -67.01 -28.62 -7.57
N HIS A 103 -67.01 -27.30 -7.67
CA HIS A 103 -67.95 -26.59 -8.53
C HIS A 103 -67.55 -26.71 -10.00
N LYS A 104 -67.77 -27.87 -10.58
CA LYS A 104 -67.44 -28.10 -11.98
C LYS A 104 -68.72 -28.15 -12.81
N PRO A 105 -68.72 -27.45 -13.97
CA PRO A 105 -69.89 -27.41 -14.85
C PRO A 105 -70.08 -28.70 -15.65
N THR A 106 -71.33 -29.00 -15.94
CA THR A 106 -71.66 -30.19 -16.71
C THR A 106 -71.84 -29.82 -18.18
N TYR A 107 -70.71 -29.60 -18.85
CA TYR A 107 -70.71 -29.21 -20.27
C TYR A 107 -70.71 -30.45 -21.17
N ASP A 108 -71.58 -31.41 -20.86
CA ASP A 108 -71.71 -32.66 -21.61
C ASP A 108 -70.54 -33.60 -21.32
N LYS A 109 -69.33 -33.04 -21.25
CA LYS A 109 -68.10 -33.79 -20.97
C LYS A 109 -67.75 -34.73 -22.11
N MET A 110 -66.90 -34.24 -23.01
CA MET A 110 -66.46 -35.03 -24.15
C MET A 110 -65.05 -34.62 -24.55
N GLU A 1 21.48 10.47 7.15
CA GLU A 1 21.23 9.02 7.34
C GLU A 1 21.70 8.56 8.72
N VAL A 2 20.79 7.92 9.45
CA VAL A 2 21.09 7.41 10.78
C VAL A 2 20.41 6.05 10.96
N GLU A 3 21.21 5.01 11.09
CA GLU A 3 20.70 3.66 11.26
C GLU A 3 19.89 3.56 12.55
N ASN A 4 18.57 3.51 12.41
CA ASN A 4 17.68 3.43 13.56
C ASN A 4 16.26 3.09 13.10
N ASN A 5 15.74 3.86 12.16
CA ASN A 5 14.38 3.63 11.66
C ASN A 5 14.40 2.73 10.44
N PHE A 6 14.51 1.43 10.65
CA PHE A 6 14.51 0.48 9.56
C PHE A 6 13.16 -0.21 9.44
N PRO A 7 12.53 -0.11 8.27
CA PRO A 7 11.20 -0.70 8.01
C PRO A 7 11.16 -2.20 8.32
N CYS A 8 10.22 -2.58 9.17
CA CYS A 8 10.04 -3.96 9.62
C CYS A 8 9.92 -4.98 8.48
N SER A 9 8.96 -4.79 7.58
CA SER A 9 8.77 -5.74 6.49
C SER A 9 9.78 -5.53 5.35
N LEU A 10 10.19 -4.29 5.14
CA LEU A 10 11.14 -3.98 4.07
C LEU A 10 12.54 -4.49 4.40
N TYR A 11 12.87 -4.54 5.68
CA TYR A 11 14.18 -5.01 6.11
C TYR A 11 14.16 -6.53 6.21
N LYS A 12 12.96 -7.07 6.40
CA LYS A 12 12.79 -8.51 6.52
C LYS A 12 13.17 -9.23 5.24
N ASP A 13 12.56 -8.85 4.12
CA ASP A 13 12.86 -9.49 2.84
C ASP A 13 12.26 -8.71 1.67
N GLU A 14 11.62 -9.44 0.77
CA GLU A 14 11.00 -8.86 -0.41
C GLU A 14 9.68 -8.18 -0.04
N ILE A 15 9.09 -7.49 -0.99
CA ILE A 15 7.82 -6.83 -0.76
C ILE A 15 6.71 -7.45 -1.58
N MET A 16 5.56 -7.63 -0.94
CA MET A 16 4.39 -8.24 -1.57
C MET A 16 3.82 -7.35 -2.67
N LYS A 17 4.25 -6.09 -2.73
CA LYS A 17 3.78 -5.17 -3.73
C LYS A 17 4.41 -5.48 -5.08
N GLU A 18 5.65 -6.00 -5.04
CA GLU A 18 6.41 -6.36 -6.24
C GLU A 18 6.82 -5.12 -7.05
N ILE A 19 5.92 -4.15 -7.13
CA ILE A 19 6.14 -2.91 -7.85
C ILE A 19 4.96 -1.98 -7.62
N GLU A 20 5.20 -0.68 -7.68
CA GLU A 20 4.14 0.30 -7.47
C GLU A 20 3.45 0.65 -8.80
N ARG A 21 2.31 1.32 -8.73
CA ARG A 21 1.55 1.73 -9.89
C ARG A 21 1.84 3.20 -10.20
N GLU A 22 0.88 3.92 -10.76
CA GLU A 22 1.07 5.34 -11.08
C GLU A 22 1.05 6.19 -9.81
N SER A 23 1.67 5.68 -8.76
CA SER A 23 1.76 6.36 -7.49
C SER A 23 3.16 6.92 -7.31
N LYS A 24 3.98 6.75 -8.35
CA LYS A 24 5.35 7.23 -8.34
C LYS A 24 5.39 8.75 -8.48
N ARG A 25 6.46 9.36 -8.00
CA ARG A 25 6.62 10.81 -8.12
C ARG A 25 6.93 11.17 -9.55
N ILE A 26 6.25 12.18 -10.06
CA ILE A 26 6.44 12.62 -11.43
C ILE A 26 7.78 13.33 -11.59
N LYS A 27 8.53 12.88 -12.57
CA LYS A 27 9.83 13.45 -12.87
C LYS A 27 9.66 14.64 -13.82
N LEU A 28 10.49 15.65 -13.65
CA LEU A 28 10.43 16.84 -14.49
C LEU A 28 11.06 16.55 -15.85
N ASN A 29 10.41 15.69 -16.62
CA ASN A 29 10.89 15.31 -17.94
C ASN A 29 9.72 15.14 -18.90
N ASP A 30 10.00 15.22 -20.18
CA ASP A 30 8.96 15.05 -21.20
C ASP A 30 8.91 13.61 -21.65
N ASN A 31 7.84 12.91 -21.30
CA ASN A 31 7.68 11.50 -21.67
C ASN A 31 6.53 11.33 -22.65
N ASP A 32 6.57 10.23 -23.41
CA ASP A 32 5.53 9.92 -24.38
C ASP A 32 4.37 9.19 -23.71
N ASP A 33 3.30 9.01 -24.47
CA ASP A 33 2.09 8.34 -23.98
C ASP A 33 2.16 6.84 -24.19
N GLU A 34 3.24 6.23 -23.72
CA GLU A 34 3.44 4.79 -23.86
C GLU A 34 2.60 4.01 -22.87
N GLY A 35 2.13 4.69 -21.83
CA GLY A 35 1.32 4.06 -20.81
C GLY A 35 -0.16 4.14 -21.11
N ASN A 36 -0.88 3.08 -20.77
CA ASN A 36 -2.33 3.03 -20.98
C ASN A 36 -3.06 3.55 -19.74
N LYS A 37 -4.33 3.21 -19.61
CA LYS A 37 -5.13 3.65 -18.46
C LYS A 37 -4.53 3.14 -17.16
N LYS A 38 -3.94 1.95 -17.21
CA LYS A 38 -3.32 1.37 -16.04
C LYS A 38 -1.81 1.25 -16.26
N ILE A 39 -1.07 2.22 -15.73
CA ILE A 39 0.38 2.23 -15.88
C ILE A 39 1.05 1.93 -14.53
N ILE A 40 2.12 1.15 -14.58
CA ILE A 40 2.85 0.77 -13.37
C ILE A 40 4.09 1.67 -13.22
N ALA A 41 4.35 2.18 -12.01
CA ALA A 41 5.50 3.05 -11.80
C ALA A 41 6.25 2.72 -10.52
N PRO A 42 7.58 2.52 -10.60
CA PRO A 42 8.42 2.15 -9.45
C PRO A 42 8.60 3.25 -8.39
N ARG A 43 7.54 3.55 -7.64
CA ARG A 43 7.62 4.56 -6.58
C ARG A 43 8.31 3.96 -5.35
N ILE A 44 9.03 4.81 -4.64
CA ILE A 44 9.71 4.38 -3.43
C ILE A 44 8.70 4.19 -2.32
N PHE A 45 8.74 3.04 -1.67
CA PHE A 45 7.79 2.74 -0.60
C PHE A 45 8.23 3.39 0.70
N ILE A 46 7.27 3.64 1.57
CA ILE A 46 7.53 4.26 2.87
C ILE A 46 6.85 3.47 3.99
N SER A 47 5.97 2.56 3.59
CA SER A 47 5.26 1.74 4.54
C SER A 47 6.17 0.69 5.16
N ASP A 48 6.10 0.57 6.47
CA ASP A 48 6.89 -0.40 7.21
C ASP A 48 6.56 -1.81 6.72
N ASP A 49 5.29 -1.99 6.39
CA ASP A 49 4.78 -3.25 5.88
C ASP A 49 3.78 -2.96 4.77
N LYS A 50 3.78 -3.77 3.71
CA LYS A 50 2.86 -3.56 2.59
C LYS A 50 1.97 -4.79 2.36
N ASP A 51 2.16 -5.83 3.15
CA ASP A 51 1.36 -7.05 3.01
C ASP A 51 0.16 -7.03 3.97
N SER A 52 0.20 -6.12 4.93
CA SER A 52 -0.87 -5.99 5.88
C SER A 52 -2.05 -5.27 5.27
N LEU A 53 -1.75 -4.34 4.37
CA LEU A 53 -2.76 -3.56 3.68
C LEU A 53 -3.22 -4.29 2.43
N LYS A 54 -2.26 -4.88 1.71
CA LYS A 54 -2.54 -5.61 0.46
C LYS A 54 -3.20 -4.70 -0.56
N CYS A 55 -3.12 -3.40 -0.33
CA CYS A 55 -3.74 -2.43 -1.20
C CYS A 55 -3.29 -1.01 -0.86
N PRO A 56 -2.62 -0.34 -1.79
CA PRO A 56 -2.14 1.00 -1.60
C PRO A 56 -3.17 2.02 -2.11
N CYS A 57 -4.40 1.88 -1.67
CA CYS A 57 -5.46 2.77 -2.14
C CYS A 57 -5.54 4.06 -1.34
N ASP A 58 -5.05 4.02 -0.13
CA ASP A 58 -5.06 5.18 0.75
C ASP A 58 -4.01 5.03 1.85
N PRO A 59 -3.63 6.13 2.51
CA PRO A 59 -2.61 6.14 3.55
C PRO A 59 -3.15 6.09 4.98
N GLU A 60 -3.80 4.99 5.36
CA GLU A 60 -4.29 4.84 6.72
C GLU A 60 -3.15 4.29 7.58
N MET A 61 -2.50 5.15 8.33
CA MET A 61 -1.36 4.72 9.14
C MET A 61 -1.77 3.76 10.26
N VAL A 62 -1.09 2.62 10.31
CA VAL A 62 -1.38 1.61 11.31
C VAL A 62 -0.10 1.16 12.02
N SER A 63 0.04 1.54 13.27
CA SER A 63 1.19 1.17 14.07
C SER A 63 0.88 -0.07 14.89
N ASN A 64 0.85 -1.22 14.19
CA ASN A 64 0.54 -2.51 14.79
C ASN A 64 1.39 -2.76 16.06
N SER A 65 2.70 -2.68 15.91
CA SER A 65 3.61 -2.88 17.02
C SER A 65 4.47 -1.62 17.21
N THR A 66 5.60 -1.60 16.53
CA THR A 66 6.52 -0.48 16.59
C THR A 66 6.70 0.12 15.20
N CYS A 67 6.13 -0.56 14.22
CA CYS A 67 6.21 -0.13 12.83
C CYS A 67 5.06 0.80 12.49
N ARG A 68 5.27 1.64 11.49
CA ARG A 68 4.26 2.60 11.08
C ARG A 68 4.08 2.57 9.56
N PHE A 69 2.97 2.03 9.08
CA PHE A 69 2.73 1.94 7.65
C PHE A 69 1.32 2.37 7.27
N PHE A 70 1.08 2.61 5.99
CA PHE A 70 -0.24 3.00 5.52
C PHE A 70 -1.01 1.77 5.01
N VAL A 71 -2.18 1.56 5.59
CA VAL A 71 -3.02 0.42 5.27
C VAL A 71 -4.22 0.84 4.41
N CYS A 72 -4.74 -0.12 3.63
CA CYS A 72 -5.88 0.09 2.76
C CYS A 72 -7.18 0.18 3.54
N LYS A 73 -7.71 1.38 3.66
CA LYS A 73 -8.97 1.59 4.37
C LYS A 73 -9.78 2.69 3.69
N CYS A 74 -9.78 2.68 2.36
CA CYS A 74 -10.51 3.68 1.59
C CYS A 74 -11.94 3.21 1.35
N VAL A 75 -12.71 3.12 2.43
CA VAL A 75 -14.09 2.69 2.32
C VAL A 75 -14.96 3.89 1.97
N GLU A 76 -15.45 3.90 0.74
CA GLU A 76 -16.27 4.98 0.24
C GLU A 76 -17.64 4.47 -0.19
N ARG A 77 -17.72 3.96 -1.42
CA ARG A 77 -18.97 3.44 -1.95
C ARG A 77 -19.27 2.05 -1.41
N ARG A 78 -19.64 2.00 -0.13
CA ARG A 78 -19.97 0.74 0.51
C ARG A 78 -21.44 0.37 0.29
N ALA A 79 -22.30 1.37 0.45
CA ALA A 79 -23.74 1.18 0.26
C ALA A 79 -24.46 2.52 0.26
N GLU A 80 -23.98 3.44 1.09
CA GLU A 80 -24.56 4.77 1.18
C GLU A 80 -23.71 5.77 0.43
N VAL A 81 -24.31 6.89 0.04
CA VAL A 81 -23.59 7.92 -0.68
C VAL A 81 -23.48 9.17 0.19
N THR A 82 -22.28 9.68 0.33
CA THR A 82 -22.04 10.87 1.14
C THR A 82 -22.58 12.11 0.43
N SER A 83 -22.44 12.14 -0.90
CA SER A 83 -22.91 13.25 -1.73
C SER A 83 -22.57 12.95 -3.19
N ASN A 84 -23.13 13.74 -4.10
CA ASN A 84 -22.88 13.55 -5.53
C ASN A 84 -21.58 14.23 -5.91
N ASN A 85 -20.66 13.46 -6.48
CA ASN A 85 -19.37 14.00 -6.89
C ASN A 85 -19.50 14.83 -8.15
N GLU A 86 -19.94 14.19 -9.23
CA GLU A 86 -20.14 14.85 -10.50
C GLU A 86 -21.02 14.00 -11.39
N VAL A 87 -21.71 14.64 -12.33
CA VAL A 87 -22.59 13.94 -13.24
C VAL A 87 -21.79 13.43 -14.44
N VAL A 88 -22.02 12.17 -14.81
CA VAL A 88 -21.33 11.57 -15.94
C VAL A 88 -21.70 12.28 -17.24
N VAL A 89 -20.69 12.73 -17.96
CA VAL A 89 -20.90 13.43 -19.22
C VAL A 89 -21.31 12.46 -20.32
N LYS A 90 -22.11 12.93 -21.26
CA LYS A 90 -22.57 12.08 -22.36
C LYS A 90 -21.41 11.79 -23.32
N GLU A 91 -20.77 12.86 -23.77
CA GLU A 91 -19.64 12.76 -24.68
C GLU A 91 -18.90 14.08 -24.74
N GLU A 92 -18.13 14.35 -23.70
CA GLU A 92 -17.36 15.58 -23.60
C GLU A 92 -16.17 15.56 -24.56
N TYR A 93 -15.91 16.70 -25.18
CA TYR A 93 -14.79 16.80 -26.11
C TYR A 93 -13.53 17.16 -25.34
N LYS A 94 -12.49 16.36 -25.52
CA LYS A 94 -11.23 16.59 -24.85
C LYS A 94 -10.52 17.81 -25.42
N ASP A 95 -10.39 18.84 -24.59
CA ASP A 95 -9.72 20.09 -24.99
C ASP A 95 -8.23 19.84 -25.17
N GLU A 96 -7.72 18.91 -24.38
CA GLU A 96 -6.32 18.55 -24.42
C GLU A 96 -6.08 17.66 -25.64
N TYR A 97 -5.24 18.13 -26.55
CA TYR A 97 -4.94 17.37 -27.74
C TYR A 97 -3.77 16.42 -27.51
N ALA A 98 -3.96 15.51 -26.57
CA ALA A 98 -2.95 14.53 -26.24
C ALA A 98 -2.91 13.45 -27.30
N ASP A 99 -4.10 13.02 -27.69
CA ASP A 99 -4.26 11.99 -28.72
C ASP A 99 -4.26 12.63 -30.10
N ILE A 100 -3.23 13.41 -30.39
CA ILE A 100 -3.11 14.10 -31.66
C ILE A 100 -2.30 13.27 -32.66
N PRO A 101 -2.84 13.07 -33.87
CA PRO A 101 -2.16 12.28 -34.91
C PRO A 101 -0.98 13.02 -35.52
N GLU A 102 0.03 12.27 -35.96
CA GLU A 102 1.22 12.86 -36.57
C GLU A 102 0.86 13.43 -37.93
N HIS A 103 1.45 14.59 -38.26
CA HIS A 103 1.17 15.25 -39.52
C HIS A 103 1.92 14.59 -40.67
N LYS A 104 1.27 14.52 -41.81
CA LYS A 104 1.86 13.91 -43.00
C LYS A 104 2.77 14.92 -43.69
N PRO A 105 3.84 14.43 -44.36
CA PRO A 105 4.80 15.28 -45.06
C PRO A 105 4.25 15.84 -46.38
N THR A 106 5.15 16.11 -47.31
CA THR A 106 4.76 16.64 -48.61
C THR A 106 5.78 16.22 -49.67
N TYR A 107 5.53 16.63 -50.92
CA TYR A 107 6.38 16.30 -52.06
C TYR A 107 6.16 14.85 -52.49
N ASP A 108 6.40 14.57 -53.77
CA ASP A 108 6.23 13.23 -54.34
C ASP A 108 4.74 12.91 -54.46
N LYS A 109 4.12 12.64 -53.32
CA LYS A 109 2.69 12.34 -53.24
C LYS A 109 2.33 11.05 -53.99
N MET A 110 1.04 10.75 -54.04
CA MET A 110 0.55 9.57 -54.73
C MET A 110 -0.97 9.65 -54.80
N GLU A 1 18.16 8.85 -1.13
CA GLU A 1 16.79 8.90 -0.55
C GLU A 1 16.59 7.73 0.41
N VAL A 2 17.18 7.83 1.60
CA VAL A 2 17.06 6.81 2.62
C VAL A 2 16.13 7.29 3.72
N GLU A 3 15.28 6.40 4.21
CA GLU A 3 14.34 6.76 5.26
C GLU A 3 15.03 6.81 6.62
N ASN A 4 14.42 7.52 7.55
CA ASN A 4 14.96 7.68 8.88
C ASN A 4 14.40 6.63 9.85
N ASN A 5 14.28 5.40 9.37
CA ASN A 5 13.77 4.31 10.19
C ASN A 5 14.20 2.98 9.60
N PHE A 6 14.06 1.92 10.39
CA PHE A 6 14.41 0.58 9.95
C PHE A 6 13.16 -0.20 9.59
N PRO A 7 13.05 -0.64 8.33
CA PRO A 7 11.89 -1.39 7.84
C PRO A 7 11.71 -2.74 8.54
N CYS A 8 10.48 -3.03 8.94
CA CYS A 8 10.16 -4.27 9.61
C CYS A 8 9.76 -5.36 8.61
N SER A 9 8.78 -5.08 7.75
CA SER A 9 8.34 -6.08 6.79
C SER A 9 9.30 -6.14 5.59
N LEU A 10 9.87 -4.99 5.23
CA LEU A 10 10.80 -4.94 4.11
C LEU A 10 12.09 -5.71 4.43
N TYR A 11 12.37 -5.86 5.72
CA TYR A 11 13.54 -6.60 6.16
C TYR A 11 13.17 -8.06 6.42
N LYS A 12 11.89 -8.29 6.63
CA LYS A 12 11.38 -9.62 6.89
C LYS A 12 11.27 -10.43 5.59
N ASP A 13 10.66 -9.83 4.57
CA ASP A 13 10.51 -10.50 3.28
C ASP A 13 10.78 -9.52 2.15
N GLU A 14 10.62 -9.98 0.91
CA GLU A 14 10.86 -9.15 -0.25
C GLU A 14 9.70 -8.16 -0.46
N ILE A 15 9.98 -7.07 -1.16
CA ILE A 15 8.98 -6.06 -1.44
C ILE A 15 8.17 -6.43 -2.68
N MET A 16 6.88 -6.66 -2.45
CA MET A 16 5.95 -7.05 -3.51
C MET A 16 5.68 -5.92 -4.51
N LYS A 17 6.20 -4.73 -4.23
CA LYS A 17 6.00 -3.59 -5.11
C LYS A 17 7.01 -3.61 -6.26
N GLU A 18 8.01 -4.50 -6.12
CA GLU A 18 9.06 -4.66 -7.13
C GLU A 18 9.80 -3.34 -7.38
N ILE A 19 10.61 -2.92 -6.41
CA ILE A 19 11.38 -1.70 -6.53
C ILE A 19 12.83 -2.03 -6.88
N GLU A 20 13.22 -1.72 -8.11
CA GLU A 20 14.55 -2.01 -8.59
C GLU A 20 15.55 -0.89 -8.27
N ARG A 21 15.16 0.35 -8.52
CA ARG A 21 16.06 1.47 -8.27
C ARG A 21 15.48 2.42 -7.23
N GLU A 22 15.58 3.73 -7.49
CA GLU A 22 15.06 4.73 -6.57
C GLU A 22 13.53 4.65 -6.55
N SER A 23 12.95 5.20 -5.49
CA SER A 23 11.51 5.19 -5.31
C SER A 23 10.83 6.27 -6.15
N LYS A 24 11.57 6.87 -7.07
CA LYS A 24 11.02 7.89 -7.93
C LYS A 24 11.17 7.49 -9.40
N ARG A 25 10.71 8.35 -10.29
CA ARG A 25 10.79 8.07 -11.72
C ARG A 25 12.21 8.33 -12.24
N ILE A 26 13.14 7.49 -11.84
CA ILE A 26 14.53 7.62 -12.26
C ILE A 26 14.73 6.99 -13.65
N LYS A 27 14.63 7.83 -14.67
CA LYS A 27 14.79 7.39 -16.04
C LYS A 27 15.82 8.23 -16.77
N LEU A 28 16.99 7.66 -17.00
CA LEU A 28 18.06 8.38 -17.69
C LEU A 28 18.84 7.44 -18.60
N ASN A 29 18.96 6.19 -18.18
CA ASN A 29 19.67 5.18 -18.96
C ASN A 29 18.91 4.86 -20.23
N ASP A 30 17.58 4.79 -20.11
CA ASP A 30 16.67 4.53 -21.22
C ASP A 30 17.15 3.35 -22.08
N ASN A 31 17.19 2.17 -21.47
CA ASN A 31 17.62 0.98 -22.18
C ASN A 31 16.42 0.27 -22.79
N ASP A 32 15.95 0.82 -23.93
CA ASP A 32 14.80 0.30 -24.67
C ASP A 32 13.50 0.56 -23.92
N ASP A 33 12.40 0.10 -24.49
CA ASP A 33 11.08 0.27 -23.91
C ASP A 33 10.45 -1.09 -23.64
N GLU A 34 10.95 -2.09 -24.34
CA GLU A 34 10.47 -3.46 -24.19
C GLU A 34 11.16 -4.13 -23.00
N GLY A 35 10.75 -3.75 -21.80
CA GLY A 35 11.35 -4.31 -20.61
C GLY A 35 10.34 -5.07 -19.78
N ASN A 36 9.60 -5.97 -20.42
CA ASN A 36 8.60 -6.77 -19.72
C ASN A 36 9.26 -7.86 -18.89
N LYS A 37 9.92 -7.43 -17.82
CA LYS A 37 10.62 -8.32 -16.91
C LYS A 37 11.11 -7.54 -15.70
N LYS A 38 11.63 -6.35 -15.96
CA LYS A 38 12.14 -5.49 -14.91
C LYS A 38 11.35 -4.19 -14.87
N ILE A 39 10.66 -3.95 -13.77
CA ILE A 39 9.86 -2.75 -13.61
C ILE A 39 10.48 -1.81 -12.57
N ILE A 40 10.17 -0.53 -12.69
CA ILE A 40 10.69 0.48 -11.78
C ILE A 40 9.54 1.04 -10.96
N ALA A 41 9.81 1.38 -9.70
CA ALA A 41 8.77 1.92 -8.83
C ALA A 41 8.93 3.44 -8.67
N PRO A 42 8.13 4.22 -9.41
CA PRO A 42 8.18 5.69 -9.34
C PRO A 42 7.26 6.26 -8.27
N ARG A 43 7.18 5.55 -7.16
CA ARG A 43 6.34 5.96 -6.04
C ARG A 43 7.13 5.86 -4.74
N ILE A 44 7.24 6.98 -4.04
CA ILE A 44 7.97 7.02 -2.79
C ILE A 44 7.15 6.33 -1.70
N PHE A 45 7.78 5.42 -0.99
CA PHE A 45 7.09 4.70 0.07
C PHE A 45 7.26 5.38 1.41
N ILE A 46 6.29 5.20 2.28
CA ILE A 46 6.32 5.79 3.61
C ILE A 46 6.16 4.68 4.65
N SER A 47 5.76 3.51 4.18
CA SER A 47 5.56 2.36 5.05
C SER A 47 6.59 1.28 4.74
N ASP A 48 6.86 0.44 5.72
CA ASP A 48 7.82 -0.64 5.58
C ASP A 48 7.12 -1.99 5.43
N ASP A 49 5.86 -1.95 5.03
CA ASP A 49 5.07 -3.16 4.84
C ASP A 49 4.17 -3.03 3.61
N LYS A 50 3.91 -4.16 2.96
CA LYS A 50 3.07 -4.17 1.77
C LYS A 50 1.86 -5.12 1.90
N ASP A 51 2.03 -6.25 2.58
CA ASP A 51 0.95 -7.25 2.67
C ASP A 51 0.11 -7.20 3.94
N SER A 52 0.36 -6.28 4.85
CA SER A 52 -0.45 -6.18 6.05
C SER A 52 -1.73 -5.45 5.70
N LEU A 53 -1.61 -4.61 4.69
CA LEU A 53 -2.72 -3.83 4.17
C LEU A 53 -3.09 -4.39 2.79
N LYS A 54 -2.06 -4.84 2.07
CA LYS A 54 -2.21 -5.42 0.72
C LYS A 54 -2.56 -4.37 -0.33
N CYS A 55 -3.17 -3.29 0.12
CA CYS A 55 -3.57 -2.20 -0.76
C CYS A 55 -3.00 -0.88 -0.27
N PRO A 56 -2.20 -0.21 -1.10
CA PRO A 56 -1.56 1.05 -0.71
C PRO A 56 -2.42 2.28 -0.96
N CYS A 57 -3.74 2.16 -0.75
CA CYS A 57 -4.63 3.30 -0.94
C CYS A 57 -5.02 3.84 0.43
N ASP A 58 -5.17 5.16 0.52
CA ASP A 58 -5.53 5.82 1.78
C ASP A 58 -4.36 5.76 2.77
N PRO A 59 -3.90 6.91 3.27
CA PRO A 59 -2.77 6.96 4.19
C PRO A 59 -3.15 6.77 5.65
N GLU A 60 -3.83 5.67 5.97
CA GLU A 60 -4.17 5.38 7.36
C GLU A 60 -2.91 4.85 8.05
N MET A 61 -2.81 4.95 9.35
CA MET A 61 -1.59 4.51 10.03
C MET A 61 -1.73 3.15 10.74
N VAL A 62 -0.85 2.21 10.37
CA VAL A 62 -0.86 0.87 10.97
C VAL A 62 0.28 0.71 11.97
N SER A 63 0.28 1.49 13.03
CA SER A 63 1.33 1.38 14.03
C SER A 63 1.03 0.19 14.95
N ASN A 64 1.28 -1.00 14.41
CA ASN A 64 1.02 -2.25 15.12
C ASN A 64 1.94 -2.41 16.33
N SER A 65 3.24 -2.30 16.12
CA SER A 65 4.20 -2.43 17.18
C SER A 65 5.03 -1.15 17.29
N THR A 66 6.02 -1.04 16.43
CA THR A 66 6.90 0.12 16.39
C THR A 66 6.98 0.66 14.96
N CYS A 67 6.44 -0.12 14.03
CA CYS A 67 6.43 0.26 12.63
C CYS A 67 5.06 0.83 12.27
N ARG A 68 5.04 1.78 11.34
CA ARG A 68 3.82 2.41 10.92
C ARG A 68 3.69 2.39 9.41
N PHE A 69 2.62 1.78 8.93
CA PHE A 69 2.37 1.68 7.50
C PHE A 69 1.06 2.38 7.14
N PHE A 70 0.77 2.48 5.84
CA PHE A 70 -0.48 3.12 5.41
C PHE A 70 -1.58 2.06 5.26
N VAL A 71 -2.65 2.20 6.04
CA VAL A 71 -3.74 1.23 5.97
C VAL A 71 -4.71 1.59 4.85
N CYS A 72 -5.04 0.59 4.05
CA CYS A 72 -5.99 0.75 2.95
C CYS A 72 -7.40 0.88 3.51
N LYS A 73 -7.93 2.10 3.53
CA LYS A 73 -9.26 2.33 4.07
C LYS A 73 -10.20 2.86 2.98
N CYS A 74 -9.78 2.74 1.73
CA CYS A 74 -10.60 3.21 0.63
C CYS A 74 -11.19 2.04 -0.17
N VAL A 75 -10.60 0.85 -0.02
CA VAL A 75 -11.09 -0.34 -0.71
C VAL A 75 -11.15 -1.52 0.24
N GLU A 76 -12.24 -2.27 0.17
CA GLU A 76 -12.44 -3.43 1.01
C GLU A 76 -13.42 -4.39 0.33
N ARG A 77 -14.70 -4.17 0.57
CA ARG A 77 -15.75 -5.00 -0.02
C ARG A 77 -17.00 -4.15 -0.26
N ARG A 78 -16.86 -3.16 -1.12
CA ARG A 78 -17.97 -2.27 -1.43
C ARG A 78 -18.88 -2.89 -2.48
N ALA A 79 -19.58 -3.95 -2.10
CA ALA A 79 -20.49 -4.64 -2.99
C ALA A 79 -21.82 -3.89 -3.09
N GLU A 80 -21.80 -2.78 -3.80
CA GLU A 80 -22.99 -1.95 -3.96
C GLU A 80 -23.84 -2.45 -5.13
N VAL A 81 -25.15 -2.44 -4.93
CA VAL A 81 -26.07 -2.87 -5.97
C VAL A 81 -26.42 -1.69 -6.87
N THR A 82 -26.22 -1.88 -8.16
CA THR A 82 -26.51 -0.83 -9.14
C THR A 82 -28.01 -0.50 -9.16
N SER A 83 -28.34 0.73 -9.50
CA SER A 83 -29.72 1.18 -9.55
C SER A 83 -30.33 0.89 -10.91
N ASN A 84 -29.66 0.04 -11.67
CA ASN A 84 -30.13 -0.35 -12.99
C ASN A 84 -29.99 -1.86 -13.17
N ASN A 85 -31.06 -2.58 -12.87
CA ASN A 85 -31.07 -4.02 -13.01
C ASN A 85 -31.85 -4.43 -14.25
N GLU A 86 -33.09 -3.95 -14.34
CA GLU A 86 -33.94 -4.24 -15.48
C GLU A 86 -34.87 -3.06 -15.74
N VAL A 87 -34.28 -1.87 -15.80
CA VAL A 87 -35.05 -0.66 -16.03
C VAL A 87 -35.35 -0.49 -17.51
N VAL A 88 -36.60 -0.25 -17.84
CA VAL A 88 -37.02 -0.07 -19.22
C VAL A 88 -36.55 1.28 -19.75
N VAL A 89 -35.97 1.27 -20.94
CA VAL A 89 -35.47 2.50 -21.56
C VAL A 89 -36.62 3.34 -22.09
N LYS A 90 -36.53 4.65 -21.84
CA LYS A 90 -37.54 5.60 -22.29
C LYS A 90 -36.93 6.99 -22.36
N GLU A 91 -37.35 7.79 -23.33
CA GLU A 91 -36.83 9.14 -23.50
C GLU A 91 -37.51 10.10 -22.52
N GLU A 92 -38.70 9.69 -22.07
CA GLU A 92 -39.48 10.49 -21.13
C GLU A 92 -38.78 10.53 -19.76
N TYR A 93 -38.69 11.71 -19.18
CA TYR A 93 -38.05 11.88 -17.89
C TYR A 93 -38.87 11.21 -16.79
N LYS A 94 -38.26 10.24 -16.13
CA LYS A 94 -38.92 9.51 -15.06
C LYS A 94 -38.93 10.32 -13.77
N ASP A 95 -40.14 10.51 -13.22
CA ASP A 95 -40.35 11.25 -11.97
C ASP A 95 -40.18 12.75 -12.15
N GLU A 96 -39.01 13.17 -12.60
CA GLU A 96 -38.72 14.59 -12.80
C GLU A 96 -39.39 15.12 -14.08
N TYR A 97 -40.70 14.94 -14.15
CA TYR A 97 -41.48 15.39 -15.29
C TYR A 97 -42.90 15.73 -14.85
N ALA A 98 -43.05 16.03 -13.57
CA ALA A 98 -44.34 16.36 -12.99
C ALA A 98 -44.19 17.27 -11.78
N ASP A 99 -42.98 17.27 -11.22
CA ASP A 99 -42.67 18.08 -10.05
C ASP A 99 -42.29 19.50 -10.45
N ILE A 100 -42.85 19.96 -11.56
CA ILE A 100 -42.59 21.30 -12.07
C ILE A 100 -43.41 22.34 -11.30
N PRO A 101 -42.75 23.40 -10.81
CA PRO A 101 -43.40 24.48 -10.05
C PRO A 101 -44.19 25.44 -10.94
N GLU A 102 -44.87 24.89 -11.93
CA GLU A 102 -45.68 25.67 -12.85
C GLU A 102 -46.67 24.74 -13.54
N HIS A 103 -47.87 25.25 -13.85
CA HIS A 103 -48.90 24.45 -14.51
C HIS A 103 -50.08 25.31 -14.95
N LYS A 104 -50.20 25.48 -16.27
CA LYS A 104 -51.28 26.28 -16.86
C LYS A 104 -51.26 27.73 -16.38
N PRO A 105 -50.35 28.55 -16.94
CA PRO A 105 -50.23 29.95 -16.56
C PRO A 105 -51.22 30.85 -17.29
N THR A 106 -51.88 30.30 -18.30
CA THR A 106 -52.85 31.04 -19.08
C THR A 106 -54.27 30.83 -18.55
N TYR A 107 -54.81 31.86 -17.95
CA TYR A 107 -56.16 31.81 -17.39
C TYR A 107 -57.12 32.62 -18.25
N ASP A 108 -56.76 33.88 -18.49
CA ASP A 108 -57.58 34.78 -19.31
C ASP A 108 -59.02 34.89 -18.81
N LYS A 109 -59.96 35.04 -19.73
CA LYS A 109 -61.37 35.15 -19.37
C LYS A 109 -62.22 34.29 -20.28
N MET A 110 -63.27 33.72 -19.72
CA MET A 110 -64.17 32.86 -20.45
C MET A 110 -65.42 32.60 -19.61
#